data_1T28
# 
_entry.id   1T28 
# 
_audit_conform.dict_name       mmcif_pdbx.dic 
_audit_conform.dict_version    5.392 
_audit_conform.dict_location   http://mmcif.pdb.org/dictionaries/ascii/mmcif_pdbx.dic 
# 
loop_
_database_2.database_id 
_database_2.database_code 
_database_2.pdbx_database_accession 
_database_2.pdbx_DOI 
PDB   1T28         pdb_00001t28 10.2210/pdb1t28/pdb 
RCSB  RCSB022219   ?            ?                   
WWPDB D_1000022219 ?            ?                   
# 
loop_
_pdbx_audit_revision_history.ordinal 
_pdbx_audit_revision_history.data_content_type 
_pdbx_audit_revision_history.major_revision 
_pdbx_audit_revision_history.minor_revision 
_pdbx_audit_revision_history.revision_date 
1 'Structure model' 1 0 2004-08-10 
2 'Structure model' 1 1 2008-04-30 
3 'Structure model' 1 2 2011-07-13 
4 'Structure model' 1 3 2022-03-02 
5 'Structure model' 1 4 2024-05-22 
# 
_pdbx_audit_revision_details.ordinal             1 
_pdbx_audit_revision_details.revision_ordinal    1 
_pdbx_audit_revision_details.data_content_type   'Structure model' 
_pdbx_audit_revision_details.provider            repository 
_pdbx_audit_revision_details.type                'Initial release' 
_pdbx_audit_revision_details.description         ? 
_pdbx_audit_revision_details.details             ? 
# 
loop_
_pdbx_audit_revision_group.ordinal 
_pdbx_audit_revision_group.revision_ordinal 
_pdbx_audit_revision_group.data_content_type 
_pdbx_audit_revision_group.group 
1 2 'Structure model' 'Version format compliance' 
2 3 'Structure model' 'Version format compliance' 
3 4 'Structure model' 'Data collection'           
4 4 'Structure model' 'Database references'       
5 4 'Structure model' 'Derived calculations'      
6 5 'Structure model' 'Data collection'           
# 
loop_
_pdbx_audit_revision_category.ordinal 
_pdbx_audit_revision_category.revision_ordinal 
_pdbx_audit_revision_category.data_content_type 
_pdbx_audit_revision_category.category 
1 4 'Structure model' database_2            
2 4 'Structure model' pdbx_nmr_software     
3 4 'Structure model' pdbx_struct_assembly  
4 4 'Structure model' pdbx_struct_oper_list 
5 5 'Structure model' chem_comp_atom        
6 5 'Structure model' chem_comp_bond        
# 
loop_
_pdbx_audit_revision_item.ordinal 
_pdbx_audit_revision_item.revision_ordinal 
_pdbx_audit_revision_item.data_content_type 
_pdbx_audit_revision_item.item 
1 4 'Structure model' '_database_2.pdbx_DOI'                
2 4 'Structure model' '_database_2.pdbx_database_accession' 
3 4 'Structure model' '_pdbx_nmr_software.name'             
# 
_pdbx_database_status.status_code                     REL 
_pdbx_database_status.entry_id                        1T28 
_pdbx_database_status.recvd_initial_deposition_date   2004-04-20 
_pdbx_database_status.deposit_site                    RCSB 
_pdbx_database_status.process_site                    RCSB 
_pdbx_database_status.status_code_mr                  REL 
_pdbx_database_status.SG_entry                        . 
_pdbx_database_status.pdb_format_compatible           Y 
_pdbx_database_status.status_code_sf                  ? 
_pdbx_database_status.status_code_cs                  ? 
_pdbx_database_status.status_code_nmr_data            ? 
_pdbx_database_status.methods_development_category    ? 
# 
_pdbx_database_related.db_name        BMRB 
_pdbx_database_related.db_id          6115 
_pdbx_database_related.details        'chemical shifts' 
_pdbx_database_related.content_type   unspecified 
# 
loop_
_audit_author.name 
_audit_author.pdbx_ordinal 
'Thiviyanathan, V.' 1 
'Yang, Y.'          2 
'Kaluarachchi, K.'  3 
'Reynbrand, R.'     4 
'Gorenstein, D.G.'  5 
'Lemon, S.M.'       6 
# 
_citation.id                        primary 
_citation.title                     'High resolution structure of a picornaviral internal cis-acting replication element(cre).' 
_citation.journal_abbrev            Proc.Natl.Acad.Sci.USA 
_citation.journal_volume            101 
_citation.page_first                12688 
_citation.page_last                 12693 
_citation.year                      2004 
_citation.journal_id_ASTM           PNASA6 
_citation.country                   US 
_citation.journal_id_ISSN           0027-8424 
_citation.journal_id_CSD            0040 
_citation.book_publisher            ? 
_citation.pdbx_database_id_PubMed   15314212 
_citation.pdbx_database_id_DOI      10.1073/pnas.0403079101 
# 
loop_
_citation_author.citation_id 
_citation_author.name 
_citation_author.ordinal 
_citation_author.identifier_ORCID 
primary 'Thiviyanathan, V.' 1 ? 
primary 'Yang, Y.'          2 ? 
primary 'Kaluarachchi, K.'  3 ? 
primary 'Reynbrand, R.'     4 ? 
primary 'Gorenstein, D.G.'  5 ? 
primary 'Lemon, S.M.'       6 ? 
# 
_entity.id                         1 
_entity.type                       polymer 
_entity.src_method                 syn 
_entity.pdbx_description           34-MER 
_entity.formula_weight             11040.671 
_entity.pdbx_number_of_molecules   1 
_entity.pdbx_ec                    ? 
_entity.pdbx_mutation              ? 
_entity.pdbx_fragment              'CRE of the Human Rhinovirus type 14' 
_entity.details                    'Minimal functional sequence of HRV-14 CRE' 
# 
_entity_poly.entity_id                      1 
_entity_poly.type                           polyribonucleotide 
_entity_poly.nstd_linkage                   no 
_entity_poly.nstd_monomer                   no 
_entity_poly.pdbx_seq_one_letter_code       GGUCAUCGUUGAGAAAACGAAACAGACGGUGGCC 
_entity_poly.pdbx_seq_one_letter_code_can   GGUCAUCGUUGAGAAAACGAAACAGACGGUGGCC 
_entity_poly.pdbx_strand_id                 A 
_entity_poly.pdbx_target_identifier         ? 
# 
loop_
_entity_poly_seq.entity_id 
_entity_poly_seq.num 
_entity_poly_seq.mon_id 
_entity_poly_seq.hetero 
1 1  G n 
1 2  G n 
1 3  U n 
1 4  C n 
1 5  A n 
1 6  U n 
1 7  C n 
1 8  G n 
1 9  U n 
1 10 U n 
1 11 G n 
1 12 A n 
1 13 G n 
1 14 A n 
1 15 A n 
1 16 A n 
1 17 A n 
1 18 C n 
1 19 G n 
1 20 A n 
1 21 A n 
1 22 A n 
1 23 C n 
1 24 A n 
1 25 G n 
1 26 A n 
1 27 C n 
1 28 G n 
1 29 G n 
1 30 U n 
1 31 G n 
1 32 G n 
1 33 C n 
1 34 C n 
# 
_pdbx_entity_src_syn.entity_id              1 
_pdbx_entity_src_syn.pdbx_src_id            1 
_pdbx_entity_src_syn.pdbx_alt_source_flag   sample 
_pdbx_entity_src_syn.pdbx_beg_seq_num       ? 
_pdbx_entity_src_syn.pdbx_end_seq_num       ? 
_pdbx_entity_src_syn.organism_scientific    ? 
_pdbx_entity_src_syn.organism_common_name   ? 
_pdbx_entity_src_syn.ncbi_taxonomy_id       ? 
_pdbx_entity_src_syn.details                
'The RNA sequence was synthesized using T7 system. The sequence occurs in Human Rhinovirus type 14.' 
# 
loop_
_chem_comp.id 
_chem_comp.type 
_chem_comp.mon_nstd_flag 
_chem_comp.name 
_chem_comp.pdbx_synonyms 
_chem_comp.formula 
_chem_comp.formula_weight 
A 'RNA linking' y "ADENOSINE-5'-MONOPHOSPHATE" ? 'C10 H14 N5 O7 P' 347.221 
C 'RNA linking' y "CYTIDINE-5'-MONOPHOSPHATE"  ? 'C9 H14 N3 O8 P'  323.197 
G 'RNA linking' y "GUANOSINE-5'-MONOPHOSPHATE" ? 'C10 H14 N5 O8 P' 363.221 
U 'RNA linking' y "URIDINE-5'-MONOPHOSPHATE"   ? 'C9 H13 N2 O9 P'  324.181 
# 
loop_
_pdbx_poly_seq_scheme.asym_id 
_pdbx_poly_seq_scheme.entity_id 
_pdbx_poly_seq_scheme.seq_id 
_pdbx_poly_seq_scheme.mon_id 
_pdbx_poly_seq_scheme.ndb_seq_num 
_pdbx_poly_seq_scheme.pdb_seq_num 
_pdbx_poly_seq_scheme.auth_seq_num 
_pdbx_poly_seq_scheme.pdb_mon_id 
_pdbx_poly_seq_scheme.auth_mon_id 
_pdbx_poly_seq_scheme.pdb_strand_id 
_pdbx_poly_seq_scheme.pdb_ins_code 
_pdbx_poly_seq_scheme.hetero 
A 1 1  G 1  1  1  G GUA A . n 
A 1 2  G 2  2  2  G GUA A . n 
A 1 3  U 3  3  3  U URI A . n 
A 1 4  C 4  4  4  C CYT A . n 
A 1 5  A 5  5  5  A ADE A . n 
A 1 6  U 6  6  6  U URI A . n 
A 1 7  C 7  7  7  C CYT A . n 
A 1 8  G 8  8  8  G GUA A . n 
A 1 9  U 9  9  9  U URI A . n 
A 1 10 U 10 10 10 U URI A . n 
A 1 11 G 11 11 11 G GUA A . n 
A 1 12 A 12 12 12 A ADE A . n 
A 1 13 G 13 13 13 G GUA A . n 
A 1 14 A 14 14 14 A ADE A . n 
A 1 15 A 15 15 15 A ADE A . n 
A 1 16 A 16 16 16 A ADE A . n 
A 1 17 A 17 17 17 A ADE A . n 
A 1 18 C 18 18 18 C CYT A . n 
A 1 19 G 19 19 19 G GUA A . n 
A 1 20 A 20 20 20 A ADE A . n 
A 1 21 A 21 21 21 A ADE A . n 
A 1 22 A 22 22 22 A ADE A . n 
A 1 23 C 23 23 23 C CYT A . n 
A 1 24 A 24 24 24 A ADE A . n 
A 1 25 G 25 25 25 G GUA A . n 
A 1 26 A 26 26 26 A ADE A . n 
A 1 27 C 27 27 27 C CYT A . n 
A 1 28 G 28 28 28 G GUA A . n 
A 1 29 G 29 29 29 G GUA A . n 
A 1 30 U 30 30 30 U URI A . n 
A 1 31 G 31 31 31 G GUA A . n 
A 1 32 G 32 32 32 G GUA A . n 
A 1 33 C 33 33 33 C CYT A . n 
A 1 34 C 34 34 34 C CYT A . n 
# 
_exptl.entry_id          1T28 
_exptl.method            'SOLUTION NMR' 
_exptl.crystals_number   ? 
# 
_exptl_crystal.id                    1 
_exptl_crystal.density_meas          ? 
_exptl_crystal.density_percent_sol   ? 
_exptl_crystal.description           ? 
_exptl_crystal.density_Matthews      ? 
# 
_diffrn.id                     1 
_diffrn.ambient_temp           ? 
_diffrn.ambient_temp_details   ? 
_diffrn.crystal_id             1 
# 
_diffrn_radiation.diffrn_id                        1 
_diffrn_radiation.wavelength_id                    1 
_diffrn_radiation.pdbx_monochromatic_or_laue_m_l   M 
_diffrn_radiation.monochromator                    ? 
_diffrn_radiation.pdbx_diffrn_protocol             'SINGLE WAVELENGTH' 
_diffrn_radiation.pdbx_scattering_type             ? 
# 
_diffrn_radiation_wavelength.id           1 
_diffrn_radiation_wavelength.wavelength   . 
_diffrn_radiation_wavelength.wt           1.0 
# 
_struct.entry_id                  1T28 
_struct.title                     'High resolution structure of a picornaviral internal cis-acting replication element' 
_struct.pdbx_model_details        ? 
_struct.pdbx_CASP_flag            ? 
_struct.pdbx_model_type_details   'minimized average' 
# 
_struct_keywords.entry_id        1T28 
_struct_keywords.pdbx_keywords   RNA 
_struct_keywords.text            'CRE, picornavirus, rhino virus, stem loop, RNA' 
# 
_struct_asym.id                            A 
_struct_asym.pdbx_blank_PDB_chainid_flag   N 
_struct_asym.pdbx_modified                 N 
_struct_asym.entity_id                     1 
_struct_asym.details                       ? 
# 
_struct_ref.id                         1 
_struct_ref.entity_id                  1 
_struct_ref.db_name                    PDB 
_struct_ref.db_code                    1T28 
_struct_ref.pdbx_db_accession          1T28 
_struct_ref.pdbx_db_isoform            ? 
_struct_ref.pdbx_seq_one_letter_code   ? 
_struct_ref.pdbx_align_begin           ? 
# 
_struct_ref_seq.align_id                      1 
_struct_ref_seq.ref_id                        1 
_struct_ref_seq.pdbx_PDB_id_code              1T28 
_struct_ref_seq.pdbx_strand_id                A 
_struct_ref_seq.seq_align_beg                 1 
_struct_ref_seq.pdbx_seq_align_beg_ins_code   ? 
_struct_ref_seq.seq_align_end                 34 
_struct_ref_seq.pdbx_seq_align_end_ins_code   ? 
_struct_ref_seq.pdbx_db_accession             1T28 
_struct_ref_seq.db_align_beg                  1 
_struct_ref_seq.pdbx_db_align_beg_ins_code    ? 
_struct_ref_seq.db_align_end                  34 
_struct_ref_seq.pdbx_db_align_end_ins_code    ? 
_struct_ref_seq.pdbx_auth_seq_align_beg       1 
_struct_ref_seq.pdbx_auth_seq_align_end       34 
# 
_pdbx_struct_assembly.id                   1 
_pdbx_struct_assembly.details              author_defined_assembly 
_pdbx_struct_assembly.method_details       ? 
_pdbx_struct_assembly.oligomeric_details   monomeric 
_pdbx_struct_assembly.oligomeric_count     1 
# 
_pdbx_struct_assembly_gen.assembly_id       1 
_pdbx_struct_assembly_gen.oper_expression   1 
_pdbx_struct_assembly_gen.asym_id_list      A 
# 
_pdbx_struct_oper_list.id                   1 
_pdbx_struct_oper_list.type                 'identity operation' 
_pdbx_struct_oper_list.name                 1_555 
_pdbx_struct_oper_list.symmetry_operation   x,y,z 
_pdbx_struct_oper_list.matrix[1][1]         1.0000000000 
_pdbx_struct_oper_list.matrix[1][2]         0.0000000000 
_pdbx_struct_oper_list.matrix[1][3]         0.0000000000 
_pdbx_struct_oper_list.vector[1]            0.0000000000 
_pdbx_struct_oper_list.matrix[2][1]         0.0000000000 
_pdbx_struct_oper_list.matrix[2][2]         1.0000000000 
_pdbx_struct_oper_list.matrix[2][3]         0.0000000000 
_pdbx_struct_oper_list.vector[2]            0.0000000000 
_pdbx_struct_oper_list.matrix[3][1]         0.0000000000 
_pdbx_struct_oper_list.matrix[3][2]         0.0000000000 
_pdbx_struct_oper_list.matrix[3][3]         1.0000000000 
_pdbx_struct_oper_list.vector[3]            0.0000000000 
# 
_struct_biol.id   1 
# 
loop_
_struct_conn.id 
_struct_conn.conn_type_id 
_struct_conn.pdbx_leaving_atom_flag 
_struct_conn.pdbx_PDB_id 
_struct_conn.ptnr1_label_asym_id 
_struct_conn.ptnr1_label_comp_id 
_struct_conn.ptnr1_label_seq_id 
_struct_conn.ptnr1_label_atom_id 
_struct_conn.pdbx_ptnr1_label_alt_id 
_struct_conn.pdbx_ptnr1_PDB_ins_code 
_struct_conn.pdbx_ptnr1_standard_comp_id 
_struct_conn.ptnr1_symmetry 
_struct_conn.ptnr2_label_asym_id 
_struct_conn.ptnr2_label_comp_id 
_struct_conn.ptnr2_label_seq_id 
_struct_conn.ptnr2_label_atom_id 
_struct_conn.pdbx_ptnr2_label_alt_id 
_struct_conn.pdbx_ptnr2_PDB_ins_code 
_struct_conn.ptnr1_auth_asym_id 
_struct_conn.ptnr1_auth_comp_id 
_struct_conn.ptnr1_auth_seq_id 
_struct_conn.ptnr2_auth_asym_id 
_struct_conn.ptnr2_auth_comp_id 
_struct_conn.ptnr2_auth_seq_id 
_struct_conn.ptnr2_symmetry 
_struct_conn.pdbx_ptnr3_label_atom_id 
_struct_conn.pdbx_ptnr3_label_seq_id 
_struct_conn.pdbx_ptnr3_label_comp_id 
_struct_conn.pdbx_ptnr3_label_asym_id 
_struct_conn.pdbx_ptnr3_label_alt_id 
_struct_conn.pdbx_ptnr3_PDB_ins_code 
_struct_conn.details 
_struct_conn.pdbx_dist_value 
_struct_conn.pdbx_value_order 
_struct_conn.pdbx_role 
hydrog1  hydrog ? ? A G 1 N1 ? ? ? 1_555 A C 34 N3 ? ? A G 1 A C 34 1_555 ? ? ? ? ? ? WATSON-CRICK  ? ? ? 
hydrog2  hydrog ? ? A G 1 N2 ? ? ? 1_555 A C 34 O2 ? ? A G 1 A C 34 1_555 ? ? ? ? ? ? WATSON-CRICK  ? ? ? 
hydrog3  hydrog ? ? A G 1 O6 ? ? ? 1_555 A C 34 N4 ? ? A G 1 A C 34 1_555 ? ? ? ? ? ? WATSON-CRICK  ? ? ? 
hydrog4  hydrog ? ? A G 2 N1 ? ? ? 1_555 A C 33 N3 ? ? A G 2 A C 33 1_555 ? ? ? ? ? ? 'G-C PAIR'    ? ? ? 
hydrog5  hydrog ? ? A U 3 N3 ? ? ? 1_555 A G 32 O6 ? ? A U 3 A G 32 1_555 ? ? ? ? ? ? 'U-G MISPAIR' ? ? ? 
hydrog6  hydrog ? ? A C 4 N3 ? ? ? 1_555 A G 31 N1 ? ? A C 4 A G 31 1_555 ? ? ? ? ? ? WATSON-CRICK  ? ? ? 
hydrog7  hydrog ? ? A C 4 N4 ? ? ? 1_555 A G 31 O6 ? ? A C 4 A G 31 1_555 ? ? ? ? ? ? WATSON-CRICK  ? ? ? 
hydrog8  hydrog ? ? A C 4 O2 ? ? ? 1_555 A G 31 N2 ? ? A C 4 A G 31 1_555 ? ? ? ? ? ? WATSON-CRICK  ? ? ? 
hydrog9  hydrog ? ? A A 5 N1 ? ? ? 1_555 A U 30 N3 ? ? A A 5 A U 30 1_555 ? ? ? ? ? ? WATSON-CRICK  ? ? ? 
hydrog10 hydrog ? ? A A 5 N6 ? ? ? 1_555 A U 30 O4 ? ? A A 5 A U 30 1_555 ? ? ? ? ? ? WATSON-CRICK  ? ? ? 
hydrog11 hydrog ? ? A U 6 N3 ? ? ? 1_555 A G 29 O6 ? ? A U 6 A G 29 1_555 ? ? ? ? ? ? TYPE_28_PAIR  ? ? ? 
hydrog12 hydrog ? ? A U 6 O2 ? ? ? 1_555 A G 29 N1 ? ? A U 6 A G 29 1_555 ? ? ? ? ? ? TYPE_28_PAIR  ? ? ? 
hydrog13 hydrog ? ? A C 7 N3 ? ? ? 1_555 A G 28 N1 ? ? A C 7 A G 28 1_555 ? ? ? ? ? ? WATSON-CRICK  ? ? ? 
hydrog14 hydrog ? ? A C 7 N4 ? ? ? 1_555 A G 28 O6 ? ? A C 7 A G 28 1_555 ? ? ? ? ? ? WATSON-CRICK  ? ? ? 
hydrog15 hydrog ? ? A C 7 O2 ? ? ? 1_555 A G 28 N2 ? ? A C 7 A G 28 1_555 ? ? ? ? ? ? WATSON-CRICK  ? ? ? 
hydrog16 hydrog ? ? A G 8 N1 ? ? ? 1_555 A C 27 N3 ? ? A G 8 A C 27 1_555 ? ? ? ? ? ? WATSON-CRICK  ? ? ? 
hydrog17 hydrog ? ? A G 8 N2 ? ? ? 1_555 A C 27 O2 ? ? A G 8 A C 27 1_555 ? ? ? ? ? ? WATSON-CRICK  ? ? ? 
hydrog18 hydrog ? ? A G 8 O6 ? ? ? 1_555 A C 27 N4 ? ? A G 8 A C 27 1_555 ? ? ? ? ? ? WATSON-CRICK  ? ? ? 
hydrog19 hydrog ? ? A U 9 N3 ? ? ? 1_555 A A 26 N1 ? ? A U 9 A A 26 1_555 ? ? ? ? ? ? WATSON-CRICK  ? ? ? 
hydrog20 hydrog ? ? A U 9 O4 ? ? ? 1_555 A A 26 N6 ? ? A U 9 A A 26 1_555 ? ? ? ? ? ? WATSON-CRICK  ? ? ? 
# 
_struct_conn_type.id          hydrog 
_struct_conn_type.criteria    ? 
_struct_conn_type.reference   ? 
# 
loop_
_pdbx_validate_close_contact.id 
_pdbx_validate_close_contact.PDB_model_num 
_pdbx_validate_close_contact.auth_atom_id_1 
_pdbx_validate_close_contact.auth_asym_id_1 
_pdbx_validate_close_contact.auth_comp_id_1 
_pdbx_validate_close_contact.auth_seq_id_1 
_pdbx_validate_close_contact.PDB_ins_code_1 
_pdbx_validate_close_contact.label_alt_id_1 
_pdbx_validate_close_contact.auth_atom_id_2 
_pdbx_validate_close_contact.auth_asym_id_2 
_pdbx_validate_close_contact.auth_comp_id_2 
_pdbx_validate_close_contact.auth_seq_id_2 
_pdbx_validate_close_contact.PDB_ins_code_2 
_pdbx_validate_close_contact.label_alt_id_2 
_pdbx_validate_close_contact.dist 
1  1 "HO2'" A G 8  ? ? "HO2'" A U 9  ? ? 0.64 
2  1 "HO2'" A G 1  ? ? "H5'"  A G 2  ? ? 0.78 
3  1 "HO2'" A G 8  ? ? "O2'"  A U 9  ? ? 1.08 
4  1 "HO2'" A C 7  ? ? "H5'"  A G 8  ? ? 1.14 
5  1 "HO2'" A A 26 ? ? "H5'"  A C 27 ? ? 1.16 
6  1 "HO2'" A G 29 ? ? "O5'"  A U 30 ? ? 1.30 
7  1 "O2'"  A A 26 ? ? "H5'"  A C 27 ? ? 1.30 
8  1 "HO2'" A U 30 ? ? "H5'"  A G 31 ? ? 1.32 
9  1 "HO2'" A C 4  ? ? "O5'"  A A 5  ? ? 1.33 
10 1 "HO2'" A G 25 ? ? "H5'"  A A 26 ? ? 1.33 
11 1 "HO2'" A G 32 ? ? "O2'"  A C 33 ? ? 1.34 
12 1 "HO2'" A U 30 ? ? "O5'"  A G 31 ? ? 1.34 
13 1 "HO2'" A A 26 ? ? "C5'"  A C 27 ? ? 1.41 
14 1 "HO2'" A A 5  ? ? "O5'"  A U 6  ? ? 1.41 
15 1 "HO2'" A A 26 ? ? "O5'"  A C 27 ? ? 1.42 
16 1 "HO2'" A G 32 ? ? "O4'"  A C 33 ? ? 1.47 
17 1 "HO2'" A G 8  ? ? "O4'"  A U 9  ? ? 1.49 
18 1 "O2'"  A G 8  ? ? "HO2'" A U 9  ? ? 1.50 
19 1 "O2'"  A G 1  ? ? "H5'"  A G 2  ? ? 1.52 
20 1 "HO2'" A U 30 ? ? "C5'"  A G 31 ? ? 1.56 
21 1 "O2'"  A G 1  ? ? "O4'"  A G 2  ? ? 1.58 
22 1 "HO2'" A C 4  ? ? "C5'"  A A 5  ? ? 1.60 
# 
loop_
_pdbx_validate_rmsd_angle.id 
_pdbx_validate_rmsd_angle.PDB_model_num 
_pdbx_validate_rmsd_angle.auth_atom_id_1 
_pdbx_validate_rmsd_angle.auth_asym_id_1 
_pdbx_validate_rmsd_angle.auth_comp_id_1 
_pdbx_validate_rmsd_angle.auth_seq_id_1 
_pdbx_validate_rmsd_angle.PDB_ins_code_1 
_pdbx_validate_rmsd_angle.label_alt_id_1 
_pdbx_validate_rmsd_angle.auth_atom_id_2 
_pdbx_validate_rmsd_angle.auth_asym_id_2 
_pdbx_validate_rmsd_angle.auth_comp_id_2 
_pdbx_validate_rmsd_angle.auth_seq_id_2 
_pdbx_validate_rmsd_angle.PDB_ins_code_2 
_pdbx_validate_rmsd_angle.label_alt_id_2 
_pdbx_validate_rmsd_angle.auth_atom_id_3 
_pdbx_validate_rmsd_angle.auth_asym_id_3 
_pdbx_validate_rmsd_angle.auth_comp_id_3 
_pdbx_validate_rmsd_angle.auth_seq_id_3 
_pdbx_validate_rmsd_angle.PDB_ins_code_3 
_pdbx_validate_rmsd_angle.label_alt_id_3 
_pdbx_validate_rmsd_angle.angle_value 
_pdbx_validate_rmsd_angle.angle_target_value 
_pdbx_validate_rmsd_angle.angle_deviation 
_pdbx_validate_rmsd_angle.angle_standard_deviation 
_pdbx_validate_rmsd_angle.linker_flag 
1  1 N7    A G 1  ? ? C8    A G 1  ? ? N9    A G 1  ? ? 118.19 113.10 5.09   0.50 N 
2  1 C8    A G 1  ? ? N9    A G 1  ? ? C4    A G 1  ? ? 103.98 106.40 -2.42  0.40 N 
3  1 N7    A G 2  ? ? C8    A G 2  ? ? N9    A G 2  ? ? 117.65 113.10 4.55   0.50 N 
4  1 N7    A A 5  ? ? C8    A A 5  ? ? N9    A A 5  ? ? 117.73 113.80 3.93   0.50 N 
5  1 N7    A G 8  ? ? C8    A G 8  ? ? N9    A G 8  ? ? 118.00 113.10 4.90   0.50 N 
6  1 "C4'" A U 9  ? ? "C3'" A U 9  ? ? "O3'" A U 9  ? ? 91.13  109.40 -18.27 2.10 N 
7  1 "C4'" A U 9  ? ? "C3'" A U 9  ? ? "C2'" A U 9  ? ? 34.07  102.60 -68.53 1.00 N 
8  1 "C3'" A U 9  ? ? "C2'" A U 9  ? ? "C1'" A U 9  ? ? 110.48 101.50 8.98   0.80 N 
9  1 "O4'" A U 9  ? ? "C1'" A U 9  ? ? "C2'" A U 9  ? ? 38.94  105.80 -66.86 1.00 N 
10 1 N7    A G 11 ? ? C8    A G 11 ? ? N9    A G 11 ? ? 118.04 113.10 4.94   0.50 N 
11 1 N7    A A 12 ? ? C8    A A 12 ? ? N9    A A 12 ? ? 117.97 113.80 4.17   0.50 N 
12 1 N7    A G 13 ? ? C8    A G 13 ? ? N9    A G 13 ? ? 118.04 113.10 4.94   0.50 N 
13 1 N7    A A 14 ? ? C8    A A 14 ? ? N9    A A 14 ? ? 117.89 113.80 4.09   0.50 N 
14 1 N7    A A 15 ? ? C8    A A 15 ? ? N9    A A 15 ? ? 117.90 113.80 4.10   0.50 N 
15 1 N7    A A 16 ? ? C8    A A 16 ? ? N9    A A 16 ? ? 117.95 113.80 4.15   0.50 N 
16 1 N7    A A 17 ? ? C8    A A 17 ? ? N9    A A 17 ? ? 117.92 113.80 4.12   0.50 N 
17 1 N7    A G 19 ? ? C8    A G 19 ? ? N9    A G 19 ? ? 118.03 113.10 4.93   0.50 N 
18 1 N7    A A 20 ? ? C8    A A 20 ? ? N9    A A 20 ? ? 117.98 113.80 4.18   0.50 N 
19 1 N7    A A 21 ? ? C8    A A 21 ? ? N9    A A 21 ? ? 118.08 113.80 4.28   0.50 N 
20 1 N7    A A 22 ? ? C8    A A 22 ? ? N9    A A 22 ? ? 117.87 113.80 4.07   0.50 N 
21 1 "C2'" A C 23 ? ? "C3'" A C 23 ? ? "O3'" A C 23 ? ? 92.24  109.50 -17.26 2.20 N 
22 1 N7    A A 24 ? ? C8    A A 24 ? ? N9    A A 24 ? ? 118.06 113.80 4.26   0.50 N 
23 1 "O4'" A G 25 ? ? "C1'" A G 25 ? ? N9    A G 25 ? ? 113.28 108.50 4.78   0.70 N 
24 1 N7    A G 25 ? ? C8    A G 25 ? ? N9    A G 25 ? ? 118.03 113.10 4.93   0.50 N 
25 1 C8    A G 25 ? ? N9    A G 25 ? ? C4    A G 25 ? ? 103.76 106.40 -2.64  0.40 N 
26 1 N7    A A 26 ? ? C8    A A 26 ? ? N9    A A 26 ? ? 117.79 113.80 3.99   0.50 N 
27 1 "C4'" A G 28 ? ? "C3'" A G 28 ? ? "C2'" A G 28 ? ? 89.25  102.60 -13.35 1.00 N 
28 1 "C3'" A G 28 ? ? "C2'" A G 28 ? ? "C1'" A G 28 ? ? 109.01 101.50 7.51   0.80 N 
29 1 "O4'" A G 28 ? ? "C1'" A G 28 ? ? "C2'" A G 28 ? ? 93.32  105.80 -12.48 1.00 N 
30 1 "O4'" A G 28 ? ? "C1'" A G 28 ? ? N9    A G 28 ? ? 113.66 108.50 5.16   0.70 N 
31 1 N7    A G 28 ? ? C8    A G 28 ? ? N9    A G 28 ? ? 118.06 113.10 4.96   0.50 N 
32 1 C8    A G 28 ? ? N9    A G 28 ? ? C4    A G 28 ? ? 103.84 106.40 -2.56  0.40 N 
33 1 N7    A G 29 ? ? C8    A G 29 ? ? N9    A G 29 ? ? 117.77 113.10 4.67   0.50 N 
34 1 C8    A G 29 ? ? N9    A G 29 ? ? C4    A G 29 ? ? 103.88 106.40 -2.52  0.40 N 
35 1 N7    A G 31 ? ? C8    A G 31 ? ? N9    A G 31 ? ? 117.85 113.10 4.75   0.50 N 
36 1 N7    A G 32 ? ? C8    A G 32 ? ? N9    A G 32 ? ? 117.87 113.10 4.77   0.50 N 
37 1 "C4'" A C 33 ? ? "C3'" A C 33 ? ? "O3'" A C 33 ? ? 90.15  109.40 -19.25 2.10 N 
38 1 "C4'" A C 33 ? ? "C3'" A C 33 ? ? "C2'" A C 33 ? ? 31.08  102.60 -71.52 1.00 N 
39 1 "C3'" A C 33 ? ? "C2'" A C 33 ? ? "C1'" A C 33 ? ? 112.38 101.50 10.88  0.80 N 
40 1 "O4'" A C 33 ? ? "C1'" A C 33 ? ? "C2'" A C 33 ? ? 41.33  105.80 -64.47 1.00 N 
41 1 N1    A C 33 ? ? "C1'" A C 33 ? ? "C2'" A C 33 ? ? 123.03 114.00 9.03   1.30 N 
42 1 "O4'" A C 33 ? ? "C1'" A C 33 ? ? N1    A C 33 ? ? 100.09 108.20 -8.11  0.80 N 
43 1 "C3'" A C 34 ? ? "C2'" A C 34 ? ? "C1'" A C 34 ? ? 107.79 101.50 6.29   0.80 N 
# 
loop_
_pdbx_validate_planes.id 
_pdbx_validate_planes.PDB_model_num 
_pdbx_validate_planes.auth_comp_id 
_pdbx_validate_planes.auth_asym_id 
_pdbx_validate_planes.auth_seq_id 
_pdbx_validate_planes.PDB_ins_code 
_pdbx_validate_planes.label_alt_id 
_pdbx_validate_planes.rmsd 
_pdbx_validate_planes.type 
1 1 G A 25 ? ? 0.049 'SIDE CHAIN' 
2 1 G A 29 ? ? 0.048 'SIDE CHAIN' 
# 
_pdbx_nmr_ensemble.entry_id                                      1T28 
_pdbx_nmr_ensemble.conformers_calculated_total_number            18 
_pdbx_nmr_ensemble.conformers_submitted_total_number             1 
_pdbx_nmr_ensemble.conformer_selection_criteria                  'averaged structure' 
_pdbx_nmr_ensemble.average_constraints_per_residue               ? 
_pdbx_nmr_ensemble.average_constraint_violations_per_residue     ? 
_pdbx_nmr_ensemble.maximum_distance_constraint_violation         ? 
_pdbx_nmr_ensemble.average_distance_constraint_violation         ? 
_pdbx_nmr_ensemble.maximum_upper_distance_constraint_violation   ? 
_pdbx_nmr_ensemble.maximum_lower_distance_constraint_violation   ? 
_pdbx_nmr_ensemble.distance_constraint_violation_method          ? 
_pdbx_nmr_ensemble.maximum_torsion_angle_constraint_violation    ? 
_pdbx_nmr_ensemble.average_torsion_angle_constraint_violation    ? 
_pdbx_nmr_ensemble.torsion_angle_constraint_violation_method     ? 
# 
_pdbx_nmr_representative.entry_id             1T28 
_pdbx_nmr_representative.conformer_id         1 
_pdbx_nmr_representative.selection_criteria   'minimized average structure' 
# 
loop_
_pdbx_nmr_sample_details.solution_id 
_pdbx_nmr_sample_details.contents 
_pdbx_nmr_sample_details.solvent_system 
1 '1.4 mM RNA U-15N,13C, 10 mM phosphate buffer (pH 6.8), 10 mM KCl, 0.02 mM EDTA, 90% H2O, 10% D2O'              
'90% H2O/10% D2O' 
2 '1.8 mM RNA, 8-10 mM phosphate buffer (pH 6.8), 10 mM KCl, 0.02 mM EDTA, 90% H2O, 10% D2O'                      
'90% H2O/10% D2O' 
3 '1.8 mM RNA, 8-10 mM phosphate buffer (pH 6.8), 10 mM KCl, 0.4-4 mM Mg2+, 90% H2O, 10% D2O'                     
'90% H2O/10% D2O' 
4 '0.8 mM RNA, 15N,13C (only the A residues), 10 mM phosphate buffer (pH 6.8), 10 mM KCl, 0.02 mM EDTA, 100% D2O' '100% D2O' 
# 
loop_
_pdbx_nmr_exptl_sample_conditions.conditions_id 
_pdbx_nmr_exptl_sample_conditions.temperature 
_pdbx_nmr_exptl_sample_conditions.pressure 
_pdbx_nmr_exptl_sample_conditions.pH 
_pdbx_nmr_exptl_sample_conditions.ionic_strength 
_pdbx_nmr_exptl_sample_conditions.pressure_units 
_pdbx_nmr_exptl_sample_conditions.temperature_units 
1 298 ambient 6.8 ? ? K 
2 298 ambient 6.8 ? ? K 
3 298 ambient 6.8 ? ? K 
4 298 ambient 6.8 ? ? K 
# 
loop_
_pdbx_nmr_exptl.experiment_id 
_pdbx_nmr_exptl.solution_id 
_pdbx_nmr_exptl.conditions_id 
_pdbx_nmr_exptl.type 
1 1 1 '2D NOESY'             
2 1 1 3D_13C-separated_NOESY 
3 1 1 '15N, and 13C HSQC'    
# 
_pdbx_nmr_refine.entry_id           1T28 
_pdbx_nmr_refine.method             'distance geometry, molecular dynamics, simulated annealing' 
_pdbx_nmr_refine.details            ? 
_pdbx_nmr_refine.software_ordinal   1 
# 
loop_
_pdbx_nmr_software.name 
_pdbx_nmr_software.version 
_pdbx_nmr_software.classification 
_pdbx_nmr_software.authors 
_pdbx_nmr_software.ordinal 
Felix  2000 processing MSI                      1 
X-PLOR 3.1  refinement 'Brunger, A.T., et al.,' 2 
# 
loop_
_chem_comp_atom.comp_id 
_chem_comp_atom.atom_id 
_chem_comp_atom.type_symbol 
_chem_comp_atom.pdbx_aromatic_flag 
_chem_comp_atom.pdbx_stereo_config 
_chem_comp_atom.pdbx_ordinal 
A OP3    O N N 1   
A P      P N N 2   
A OP1    O N N 3   
A OP2    O N N 4   
A "O5'"  O N N 5   
A "C5'"  C N N 6   
A "C4'"  C N R 7   
A "O4'"  O N N 8   
A "C3'"  C N S 9   
A "O3'"  O N N 10  
A "C2'"  C N R 11  
A "O2'"  O N N 12  
A "C1'"  C N R 13  
A N9     N Y N 14  
A C8     C Y N 15  
A N7     N Y N 16  
A C5     C Y N 17  
A C6     C Y N 18  
A N6     N N N 19  
A N1     N Y N 20  
A C2     C Y N 21  
A N3     N Y N 22  
A C4     C Y N 23  
A HOP3   H N N 24  
A HOP2   H N N 25  
A "H5'"  H N N 26  
A "H5''" H N N 27  
A "H4'"  H N N 28  
A "H3'"  H N N 29  
A "HO3'" H N N 30  
A "H2'"  H N N 31  
A "HO2'" H N N 32  
A "H1'"  H N N 33  
A H8     H N N 34  
A H61    H N N 35  
A H62    H N N 36  
A H2     H N N 37  
C OP3    O N N 38  
C P      P N N 39  
C OP1    O N N 40  
C OP2    O N N 41  
C "O5'"  O N N 42  
C "C5'"  C N N 43  
C "C4'"  C N R 44  
C "O4'"  O N N 45  
C "C3'"  C N S 46  
C "O3'"  O N N 47  
C "C2'"  C N R 48  
C "O2'"  O N N 49  
C "C1'"  C N R 50  
C N1     N N N 51  
C C2     C N N 52  
C O2     O N N 53  
C N3     N N N 54  
C C4     C N N 55  
C N4     N N N 56  
C C5     C N N 57  
C C6     C N N 58  
C HOP3   H N N 59  
C HOP2   H N N 60  
C "H5'"  H N N 61  
C "H5''" H N N 62  
C "H4'"  H N N 63  
C "H3'"  H N N 64  
C "HO3'" H N N 65  
C "H2'"  H N N 66  
C "HO2'" H N N 67  
C "H1'"  H N N 68  
C H41    H N N 69  
C H42    H N N 70  
C H5     H N N 71  
C H6     H N N 72  
G OP3    O N N 73  
G P      P N N 74  
G OP1    O N N 75  
G OP2    O N N 76  
G "O5'"  O N N 77  
G "C5'"  C N N 78  
G "C4'"  C N R 79  
G "O4'"  O N N 80  
G "C3'"  C N S 81  
G "O3'"  O N N 82  
G "C2'"  C N R 83  
G "O2'"  O N N 84  
G "C1'"  C N R 85  
G N9     N Y N 86  
G C8     C Y N 87  
G N7     N Y N 88  
G C5     C Y N 89  
G C6     C N N 90  
G O6     O N N 91  
G N1     N N N 92  
G C2     C N N 93  
G N2     N N N 94  
G N3     N N N 95  
G C4     C Y N 96  
G HOP3   H N N 97  
G HOP2   H N N 98  
G "H5'"  H N N 99  
G "H5''" H N N 100 
G "H4'"  H N N 101 
G "H3'"  H N N 102 
G "HO3'" H N N 103 
G "H2'"  H N N 104 
G "HO2'" H N N 105 
G "H1'"  H N N 106 
G H8     H N N 107 
G H1     H N N 108 
G H21    H N N 109 
G H22    H N N 110 
U OP3    O N N 111 
U P      P N N 112 
U OP1    O N N 113 
U OP2    O N N 114 
U "O5'"  O N N 115 
U "C5'"  C N N 116 
U "C4'"  C N R 117 
U "O4'"  O N N 118 
U "C3'"  C N S 119 
U "O3'"  O N N 120 
U "C2'"  C N R 121 
U "O2'"  O N N 122 
U "C1'"  C N R 123 
U N1     N N N 124 
U C2     C N N 125 
U O2     O N N 126 
U N3     N N N 127 
U C4     C N N 128 
U O4     O N N 129 
U C5     C N N 130 
U C6     C N N 131 
U HOP3   H N N 132 
U HOP2   H N N 133 
U "H5'"  H N N 134 
U "H5''" H N N 135 
U "H4'"  H N N 136 
U "H3'"  H N N 137 
U "HO3'" H N N 138 
U "H2'"  H N N 139 
U "HO2'" H N N 140 
U "H1'"  H N N 141 
U H3     H N N 142 
U H5     H N N 143 
U H6     H N N 144 
# 
loop_
_chem_comp_bond.comp_id 
_chem_comp_bond.atom_id_1 
_chem_comp_bond.atom_id_2 
_chem_comp_bond.value_order 
_chem_comp_bond.pdbx_aromatic_flag 
_chem_comp_bond.pdbx_stereo_config 
_chem_comp_bond.pdbx_ordinal 
A OP3   P      sing N N 1   
A OP3   HOP3   sing N N 2   
A P     OP1    doub N N 3   
A P     OP2    sing N N 4   
A P     "O5'"  sing N N 5   
A OP2   HOP2   sing N N 6   
A "O5'" "C5'"  sing N N 7   
A "C5'" "C4'"  sing N N 8   
A "C5'" "H5'"  sing N N 9   
A "C5'" "H5''" sing N N 10  
A "C4'" "O4'"  sing N N 11  
A "C4'" "C3'"  sing N N 12  
A "C4'" "H4'"  sing N N 13  
A "O4'" "C1'"  sing N N 14  
A "C3'" "O3'"  sing N N 15  
A "C3'" "C2'"  sing N N 16  
A "C3'" "H3'"  sing N N 17  
A "O3'" "HO3'" sing N N 18  
A "C2'" "O2'"  sing N N 19  
A "C2'" "C1'"  sing N N 20  
A "C2'" "H2'"  sing N N 21  
A "O2'" "HO2'" sing N N 22  
A "C1'" N9     sing N N 23  
A "C1'" "H1'"  sing N N 24  
A N9    C8     sing Y N 25  
A N9    C4     sing Y N 26  
A C8    N7     doub Y N 27  
A C8    H8     sing N N 28  
A N7    C5     sing Y N 29  
A C5    C6     sing Y N 30  
A C5    C4     doub Y N 31  
A C6    N6     sing N N 32  
A C6    N1     doub Y N 33  
A N6    H61    sing N N 34  
A N6    H62    sing N N 35  
A N1    C2     sing Y N 36  
A C2    N3     doub Y N 37  
A C2    H2     sing N N 38  
A N3    C4     sing Y N 39  
C OP3   P      sing N N 40  
C OP3   HOP3   sing N N 41  
C P     OP1    doub N N 42  
C P     OP2    sing N N 43  
C P     "O5'"  sing N N 44  
C OP2   HOP2   sing N N 45  
C "O5'" "C5'"  sing N N 46  
C "C5'" "C4'"  sing N N 47  
C "C5'" "H5'"  sing N N 48  
C "C5'" "H5''" sing N N 49  
C "C4'" "O4'"  sing N N 50  
C "C4'" "C3'"  sing N N 51  
C "C4'" "H4'"  sing N N 52  
C "O4'" "C1'"  sing N N 53  
C "C3'" "O3'"  sing N N 54  
C "C3'" "C2'"  sing N N 55  
C "C3'" "H3'"  sing N N 56  
C "O3'" "HO3'" sing N N 57  
C "C2'" "O2'"  sing N N 58  
C "C2'" "C1'"  sing N N 59  
C "C2'" "H2'"  sing N N 60  
C "O2'" "HO2'" sing N N 61  
C "C1'" N1     sing N N 62  
C "C1'" "H1'"  sing N N 63  
C N1    C2     sing N N 64  
C N1    C6     sing N N 65  
C C2    O2     doub N N 66  
C C2    N3     sing N N 67  
C N3    C4     doub N N 68  
C C4    N4     sing N N 69  
C C4    C5     sing N N 70  
C N4    H41    sing N N 71  
C N4    H42    sing N N 72  
C C5    C6     doub N N 73  
C C5    H5     sing N N 74  
C C6    H6     sing N N 75  
G OP3   P      sing N N 76  
G OP3   HOP3   sing N N 77  
G P     OP1    doub N N 78  
G P     OP2    sing N N 79  
G P     "O5'"  sing N N 80  
G OP2   HOP2   sing N N 81  
G "O5'" "C5'"  sing N N 82  
G "C5'" "C4'"  sing N N 83  
G "C5'" "H5'"  sing N N 84  
G "C5'" "H5''" sing N N 85  
G "C4'" "O4'"  sing N N 86  
G "C4'" "C3'"  sing N N 87  
G "C4'" "H4'"  sing N N 88  
G "O4'" "C1'"  sing N N 89  
G "C3'" "O3'"  sing N N 90  
G "C3'" "C2'"  sing N N 91  
G "C3'" "H3'"  sing N N 92  
G "O3'" "HO3'" sing N N 93  
G "C2'" "O2'"  sing N N 94  
G "C2'" "C1'"  sing N N 95  
G "C2'" "H2'"  sing N N 96  
G "O2'" "HO2'" sing N N 97  
G "C1'" N9     sing N N 98  
G "C1'" "H1'"  sing N N 99  
G N9    C8     sing Y N 100 
G N9    C4     sing Y N 101 
G C8    N7     doub Y N 102 
G C8    H8     sing N N 103 
G N7    C5     sing Y N 104 
G C5    C6     sing N N 105 
G C5    C4     doub Y N 106 
G C6    O6     doub N N 107 
G C6    N1     sing N N 108 
G N1    C2     sing N N 109 
G N1    H1     sing N N 110 
G C2    N2     sing N N 111 
G C2    N3     doub N N 112 
G N2    H21    sing N N 113 
G N2    H22    sing N N 114 
G N3    C4     sing N N 115 
U OP3   P      sing N N 116 
U OP3   HOP3   sing N N 117 
U P     OP1    doub N N 118 
U P     OP2    sing N N 119 
U P     "O5'"  sing N N 120 
U OP2   HOP2   sing N N 121 
U "O5'" "C5'"  sing N N 122 
U "C5'" "C4'"  sing N N 123 
U "C5'" "H5'"  sing N N 124 
U "C5'" "H5''" sing N N 125 
U "C4'" "O4'"  sing N N 126 
U "C4'" "C3'"  sing N N 127 
U "C4'" "H4'"  sing N N 128 
U "O4'" "C1'"  sing N N 129 
U "C3'" "O3'"  sing N N 130 
U "C3'" "C2'"  sing N N 131 
U "C3'" "H3'"  sing N N 132 
U "O3'" "HO3'" sing N N 133 
U "C2'" "O2'"  sing N N 134 
U "C2'" "C1'"  sing N N 135 
U "C2'" "H2'"  sing N N 136 
U "O2'" "HO2'" sing N N 137 
U "C1'" N1     sing N N 138 
U "C1'" "H1'"  sing N N 139 
U N1    C2     sing N N 140 
U N1    C6     sing N N 141 
U C2    O2     doub N N 142 
U C2    N3     sing N N 143 
U N3    C4     sing N N 144 
U N3    H3     sing N N 145 
U C4    O4     doub N N 146 
U C4    C5     sing N N 147 
U C5    C6     doub N N 148 
U C5    H5     sing N N 149 
U C6    H6     sing N N 150 
# 
loop_
_ndb_struct_conf_na.entry_id 
_ndb_struct_conf_na.feature 
1T28 'double helix'         
1T28 'b-form double helix'  
1T28 'hairpin loop'         
1T28 'mismatched base pair' 
# 
loop_
_ndb_struct_na_base_pair.model_number 
_ndb_struct_na_base_pair.i_label_asym_id 
_ndb_struct_na_base_pair.i_label_comp_id 
_ndb_struct_na_base_pair.i_label_seq_id 
_ndb_struct_na_base_pair.i_symmetry 
_ndb_struct_na_base_pair.j_label_asym_id 
_ndb_struct_na_base_pair.j_label_comp_id 
_ndb_struct_na_base_pair.j_label_seq_id 
_ndb_struct_na_base_pair.j_symmetry 
_ndb_struct_na_base_pair.shear 
_ndb_struct_na_base_pair.stretch 
_ndb_struct_na_base_pair.stagger 
_ndb_struct_na_base_pair.buckle 
_ndb_struct_na_base_pair.propeller 
_ndb_struct_na_base_pair.opening 
_ndb_struct_na_base_pair.pair_number 
_ndb_struct_na_base_pair.pair_name 
_ndb_struct_na_base_pair.i_auth_asym_id 
_ndb_struct_na_base_pair.i_auth_seq_id 
_ndb_struct_na_base_pair.i_PDB_ins_code 
_ndb_struct_na_base_pair.j_auth_asym_id 
_ndb_struct_na_base_pair.j_auth_seq_id 
_ndb_struct_na_base_pair.j_PDB_ins_code 
_ndb_struct_na_base_pair.hbond_type_28 
_ndb_struct_na_base_pair.hbond_type_12 
1 A G 1 1_555 A C 34 1_555 -1.566 -0.695 0.647  -3.303  35.248  12.735  1 A_G1:C34_A A 1 ? A 34 ? 19 1 
1 A G 2 1_555 A C 33 1_555 1.898  -0.525 1.303  9.826   -2.056  -18.625 2 A_G2:C33_A A 2 ? A 33 ? ?  1 
1 A U 3 1_555 A G 32 1_555 1.557  -0.600 -1.576 -17.893 20.549  -21.781 3 A_U3:G32_A A 3 ? A 32 ? ?  ? 
1 A C 4 1_555 A G 31 1_555 -0.364 -0.603 -1.953 12.089  -6.076  9.181   4 A_C4:G31_A A 4 ? A 31 ? 19 1 
1 A A 5 1_555 A U 30 1_555 -0.700 -0.317 -1.444 -5.879  -8.158  12.815  5 A_A5:U30_A A 5 ? A 30 ? 20 1 
1 A U 6 1_555 A G 29 1_555 2.431  -0.385 -1.326 -3.271  -20.301 26.109  6 A_U6:G29_A A 6 ? A 29 ? 28 1 
1 A C 7 1_555 A G 28 1_555 -0.376 -0.256 -0.713 -3.554  19.900  -10.138 7 A_C7:G28_A A 7 ? A 28 ? 19 1 
1 A G 8 1_555 A C 27 1_555 0.059  -0.655 -1.770 -2.557  -5.485  -9.300  8 A_G8:C27_A A 8 ? A 27 ? 19 1 
1 A U 9 1_555 A A 26 1_555 -1.155 0.251  -0.615 14.548  9.754   -11.710 9 A_U9:A26_A A 9 ? A 26 ? 20 1 
# 
loop_
_ndb_struct_na_base_pair_step.model_number 
_ndb_struct_na_base_pair_step.i_label_asym_id_1 
_ndb_struct_na_base_pair_step.i_label_comp_id_1 
_ndb_struct_na_base_pair_step.i_label_seq_id_1 
_ndb_struct_na_base_pair_step.i_symmetry_1 
_ndb_struct_na_base_pair_step.j_label_asym_id_1 
_ndb_struct_na_base_pair_step.j_label_comp_id_1 
_ndb_struct_na_base_pair_step.j_label_seq_id_1 
_ndb_struct_na_base_pair_step.j_symmetry_1 
_ndb_struct_na_base_pair_step.i_label_asym_id_2 
_ndb_struct_na_base_pair_step.i_label_comp_id_2 
_ndb_struct_na_base_pair_step.i_label_seq_id_2 
_ndb_struct_na_base_pair_step.i_symmetry_2 
_ndb_struct_na_base_pair_step.j_label_asym_id_2 
_ndb_struct_na_base_pair_step.j_label_comp_id_2 
_ndb_struct_na_base_pair_step.j_label_seq_id_2 
_ndb_struct_na_base_pair_step.j_symmetry_2 
_ndb_struct_na_base_pair_step.shift 
_ndb_struct_na_base_pair_step.slide 
_ndb_struct_na_base_pair_step.rise 
_ndb_struct_na_base_pair_step.tilt 
_ndb_struct_na_base_pair_step.roll 
_ndb_struct_na_base_pair_step.twist 
_ndb_struct_na_base_pair_step.x_displacement 
_ndb_struct_na_base_pair_step.y_displacement 
_ndb_struct_na_base_pair_step.helical_rise 
_ndb_struct_na_base_pair_step.inclination 
_ndb_struct_na_base_pair_step.tip 
_ndb_struct_na_base_pair_step.helical_twist 
_ndb_struct_na_base_pair_step.step_number 
_ndb_struct_na_base_pair_step.step_name 
_ndb_struct_na_base_pair_step.i_auth_asym_id_1 
_ndb_struct_na_base_pair_step.i_auth_seq_id_1 
_ndb_struct_na_base_pair_step.i_PDB_ins_code_1 
_ndb_struct_na_base_pair_step.j_auth_asym_id_1 
_ndb_struct_na_base_pair_step.j_auth_seq_id_1 
_ndb_struct_na_base_pair_step.j_PDB_ins_code_1 
_ndb_struct_na_base_pair_step.i_auth_asym_id_2 
_ndb_struct_na_base_pair_step.i_auth_seq_id_2 
_ndb_struct_na_base_pair_step.i_PDB_ins_code_2 
_ndb_struct_na_base_pair_step.j_auth_asym_id_2 
_ndb_struct_na_base_pair_step.j_auth_seq_id_2 
_ndb_struct_na_base_pair_step.j_PDB_ins_code_2 
1 A G 1 1_555 A C 34 1_555 A G 2 1_555 A C 33 1_555 -1.626 -0.533 3.283 4.149  3.421  27.169 -1.907 4.360  2.919 7.193  -8.723  
27.686 1 AA_G1G2:C33C34_AA A 1 ? A 34 ? A 2 ? A 33 ? 
1 A G 2 1_555 A C 33 1_555 A U 3 1_555 A G 32 1_555 -1.194 -0.217 5.617 17.755 31.838 27.106 -5.002 4.188  2.818 47.654 -26.575 
45.150 2 AA_G2U3:G32C33_AA A 2 ? A 33 ? A 3 ? A 32 ? 
1 A U 3 1_555 A G 32 1_555 A C 4 1_555 A G 31 1_555 1.335  0.639  2.871 0.728  16.747 12.597 -5.292 -3.367 2.288 53.279 -2.316  
20.941 3 AA_U3C4:G31G32_AA A 3 ? A 32 ? A 4 ? A 31 ? 
1 A C 4 1_555 A G 31 1_555 A A 5 1_555 A U 30 1_555 0.104  -0.191 4.715 -2.888 15.666 26.871 -4.636 -0.982 3.975 30.540 5.631   
31.163 4 AA_C4A5:U30G31_AA A 4 ? A 31 ? A 5 ? A 30 ? 
1 A A 5 1_555 A U 30 1_555 A U 6 1_555 A G 29 1_555 0.839  0.709  3.173 3.503  26.291 40.593 -1.311 -0.738 3.125 33.894 -4.516  
48.182 5 AA_A5U6:G29U30_AA A 5 ? A 30 ? A 6 ? A 29 ? 
1 A U 6 1_555 A G 29 1_555 A C 7 1_555 A G 28 1_555 -1.116 0.288  3.295 -2.608 24.151 21.171 -4.152 1.512  2.492 49.231 5.317   
32.117 6 AA_U6C7:G28G29_AA A 6 ? A 29 ? A 7 ? A 28 ? 
1 A C 7 1_555 A G 28 1_555 A G 8 1_555 A C 27 1_555 0.355  0.579  4.210 7.584  28.985 20.737 -4.833 0.938  2.963 54.248 -14.194 
36.302 7 AA_C7G8:C27G28_AA A 7 ? A 28 ? A 8 ? A 27 ? 
1 A G 8 1_555 A C 27 1_555 A U 9 1_555 A A 26 1_555 0.394  -0.124 3.205 -5.590 8.633  17.618 -4.055 -3.512 2.616 25.552 16.546  
20.380 8 AA_G8U9:A26C27_AA A 8 ? A 27 ? A 9 ? A 26 ? 
# 
loop_
_pdbx_nmr_spectrometer.spectrometer_id 
_pdbx_nmr_spectrometer.type 
_pdbx_nmr_spectrometer.manufacturer 
_pdbx_nmr_spectrometer.model 
_pdbx_nmr_spectrometer.field_strength 
1 ? Varian UNITYPLUS 600 
2 ? Varian UNITYPLUS 750 
# 
_atom_sites.entry_id                    1T28 
_atom_sites.fract_transf_matrix[1][1]   1.000000 
_atom_sites.fract_transf_matrix[1][2]   0.000000 
_atom_sites.fract_transf_matrix[1][3]   0.000000 
_atom_sites.fract_transf_matrix[2][1]   0.000000 
_atom_sites.fract_transf_matrix[2][2]   1.000000 
_atom_sites.fract_transf_matrix[2][3]   0.000000 
_atom_sites.fract_transf_matrix[3][1]   0.000000 
_atom_sites.fract_transf_matrix[3][2]   0.000000 
_atom_sites.fract_transf_matrix[3][3]   1.000000 
_atom_sites.fract_transf_vector[1]      0.00000 
_atom_sites.fract_transf_vector[2]      0.00000 
_atom_sites.fract_transf_vector[3]      0.00000 
# 
loop_
_atom_type.symbol 
C 
H 
N 
O 
P 
# 
loop_
_atom_site.group_PDB 
_atom_site.id 
_atom_site.type_symbol 
_atom_site.label_atom_id 
_atom_site.label_alt_id 
_atom_site.label_comp_id 
_atom_site.label_asym_id 
_atom_site.label_entity_id 
_atom_site.label_seq_id 
_atom_site.pdbx_PDB_ins_code 
_atom_site.Cartn_x 
_atom_site.Cartn_y 
_atom_site.Cartn_z 
_atom_site.occupancy 
_atom_site.B_iso_or_equiv 
_atom_site.pdbx_formal_charge 
_atom_site.auth_seq_id 
_atom_site.auth_comp_id 
_atom_site.auth_asym_id 
_atom_site.auth_atom_id 
_atom_site.pdbx_PDB_model_num 
ATOM 1    O "O5'"  . G A 1 1  ? -14.581 -1.590  18.765  1.00 0.00 ? 1  G A "O5'"  1 
ATOM 2    C "C5'"  . G A 1 1  ? -14.444 -0.428  19.595  1.00 0.00 ? 1  G A "C5'"  1 
ATOM 3    C "C4'"  . G A 1 1  ? -13.348 0.510   19.107  1.00 0.00 ? 1  G A "C4'"  1 
ATOM 4    O "O4'"  . G A 1 1  ? -12.558 1.013   20.190  1.00 0.00 ? 1  G A "O4'"  1 
ATOM 5    C "C3'"  . G A 1 1  ? -12.329 -0.218  18.242  1.00 0.00 ? 1  G A "C3'"  1 
ATOM 6    O "O3'"  . G A 1 1  ? -12.713 -0.202  16.857  1.00 0.00 ? 1  G A "O3'"  1 
ATOM 7    C "C2'"  . G A 1 1  ? -11.093 0.632   18.470  1.00 0.00 ? 1  G A "C2'"  1 
ATOM 8    O "O2'"  . G A 1 1  ? -11.138 1.739   17.616  1.00 0.00 ? 1  G A "O2'"  1 
ATOM 9    C "C1'"  . G A 1 1  ? -11.140 1.062   19.925  1.00 0.00 ? 1  G A "C1'"  1 
ATOM 10   N N9     . G A 1 1  ? -10.430 0.067   20.724  1.00 0.00 ? 1  G A N9     1 
ATOM 11   C C8     . G A 1 1  ? -10.637 -1.257  20.717  1.00 0.00 ? 1  G A C8     1 
ATOM 12   N N7     . G A 1 1  ? -9.813  -2.007  21.366  1.00 0.00 ? 1  G A N7     1 
ATOM 13   C C5     . G A 1 1  ? -8.920  -1.059  21.879  1.00 0.00 ? 1  G A C5     1 
ATOM 14   C C6     . G A 1 1  ? -7.768  -1.240  22.691  1.00 0.00 ? 1  G A C6     1 
ATOM 15   O O6     . G A 1 1  ? -7.289  -2.290  23.117  1.00 0.00 ? 1  G A O6     1 
ATOM 16   N N1     . G A 1 1  ? -7.163  -0.026  22.987  1.00 0.00 ? 1  G A N1     1 
ATOM 17   C C2     . G A 1 1  ? -7.602  1.211   22.559  1.00 0.00 ? 1  G A C2     1 
ATOM 18   N N2     . G A 1 1  ? -6.891  2.261   22.969  1.00 0.00 ? 1  G A N2     1 
ATOM 19   N N3     . G A 1 1  ? -8.682  1.390   21.790  1.00 0.00 ? 1  G A N3     1 
ATOM 20   C C4     . G A 1 1  ? -9.292  0.222   21.489  1.00 0.00 ? 1  G A C4     1 
ATOM 21   H "H5'"  . G A 1 1  ? -14.174 -0.732  20.597  1.00 0.00 ? 1  G A "H5'"  1 
ATOM 22   H "H5''" . G A 1 1  ? -15.409 0.099   19.617  1.00 0.00 ? 1  G A "H5''" 1 
ATOM 23   H "H4'"  . G A 1 1  ? -13.783 1.343   18.555  1.00 0.00 ? 1  G A "H4'"  1 
ATOM 24   H "H3'"  . G A 1 1  ? -12.174 -1.238  18.599  1.00 0.00 ? 1  G A "H3'"  1 
ATOM 25   H "H2'"  . G A 1 1  ? -10.194 0.042   18.282  1.00 0.00 ? 1  G A "H2'"  1 
ATOM 26   H "HO2'" . G A 1 1  ? -11.945 1.628   17.130  1.00 0.00 ? 1  G A "HO2'" 1 
ATOM 27   H "H1'"  . G A 1 1  ? -10.727 2.070   20.046  1.00 0.00 ? 1  G A "H1'"  1 
ATOM 28   H H8     . G A 1 1  ? -11.453 -1.671  20.119  1.00 0.00 ? 1  G A H8     1 
ATOM 29   H H1     . G A 1 1  ? -6.335  -0.075  23.563  1.00 0.00 ? 1  G A H1     1 
ATOM 30   H H21    . G A 1 1  ? -6.080  2.123   23.557  1.00 0.00 ? 1  G A H21    1 
ATOM 31   H H22    . G A 1 1  ? -7.167  3.195   22.699  1.00 0.00 ? 1  G A H22    1 
ATOM 32   H "HO5'" . G A 1 1  ? -14.952 -1.301  17.928  1.00 0.00 ? 1  G A "HO5'" 1 
ATOM 33   P P      . G A 1 2  ? -11.705 -0.731  15.715  1.00 0.00 ? 2  G A P      1 
ATOM 34   O OP1    . G A 1 2  ? -12.474 -0.911  14.463  1.00 0.00 ? 2  G A OP1    1 
ATOM 35   O OP2    . G A 1 2  ? -10.919 -1.856  16.268  1.00 0.00 ? 2  G A OP2    1 
ATOM 36   O "O5'"  . G A 1 2  ? -10.723 0.536   15.531  1.00 0.00 ? 2  G A "O5'"  1 
ATOM 37   C "C5'"  . G A 1 2  ? -11.242 1.870   15.668  1.00 0.00 ? 2  G A "C5'"  1 
ATOM 38   C "C4'"  . G A 1 2  ? -10.201 2.868   16.165  1.00 0.00 ? 2  G A "C4'"  1 
ATOM 39   O "O4'"  . G A 1 2  ? -9.800  2.571   17.508  1.00 0.00 ? 2  G A "O4'"  1 
ATOM 40   C "C3'"  . G A 1 2  ? -8.937  2.801   15.332  1.00 0.00 ? 2  G A "C3'"  1 
ATOM 41   O "O3'"  . G A 1 2  ? -9.185  3.694   14.230  1.00 0.00 ? 2  G A "O3'"  1 
ATOM 42   C "C2'"  . G A 1 2  ? -7.902  3.284   16.323  1.00 0.00 ? 2  G A "C2'"  1 
ATOM 43   O "O2'"  . G A 1 2  ? -7.923  4.653   16.296  1.00 0.00 ? 2  G A "O2'"  1 
ATOM 44   C "C1'"  . G A 1 2  ? -8.386  2.775   17.667  1.00 0.00 ? 2  G A "C1'"  1 
ATOM 45   N N9     . G A 1 2  ? -7.713  1.536   18.018  1.00 0.00 ? 2  G A N9     1 
ATOM 46   C C8     . G A 1 2  ? -7.949  0.309   17.548  1.00 0.00 ? 2  G A C8     1 
ATOM 47   N N7     . G A 1 2  ? -7.212  -0.658  17.996  1.00 0.00 ? 2  G A N7     1 
ATOM 48   C C5     . G A 1 2  ? -6.365  0.028   18.886  1.00 0.00 ? 2  G A C5     1 
ATOM 49   C C6     . G A 1 2  ? -5.308  -0.452  19.711  1.00 0.00 ? 2  G A C6     1 
ATOM 50   O O6     . G A 1 2  ? -4.898  -1.604  19.830  1.00 0.00 ? 2  G A O6     1 
ATOM 51   N N1     . G A 1 2  ? -4.721  0.581   20.443  1.00 0.00 ? 2  G A N1     1 
ATOM 52   C C2     . G A 1 2  ? -5.101  1.908   20.389  1.00 0.00 ? 2  G A C2     1 
ATOM 53   N N2     . G A 1 2  ? -4.416  2.752   21.161  1.00 0.00 ? 2  G A N2     1 
ATOM 54   N N3     . G A 1 2  ? -6.090  2.361   19.617  1.00 0.00 ? 2  G A N3     1 
ATOM 55   C C4     . G A 1 2  ? -6.673  1.377   18.899  1.00 0.00 ? 2  G A C4     1 
ATOM 56   H "H5'"  . G A 1 2  ? -12.036 1.863   16.396  1.00 0.00 ? 2  G A "H5'"  1 
ATOM 57   H "H5''" . G A 1 2  ? -11.638 2.193   14.693  1.00 0.00 ? 2  G A "H5''" 1 
ATOM 58   H "H4'"  . G A 1 2  ? -10.614 3.876   16.127  1.00 0.00 ? 2  G A "H4'"  1 
ATOM 59   H "H3'"  . G A 1 2  ? -8.737  1.803   15.006  1.00 0.00 ? 2  G A "H3'"  1 
ATOM 60   H "H2'"  . G A 1 2  ? -6.915  2.893   16.085  1.00 0.00 ? 2  G A "H2'"  1 
ATOM 61   H "HO2'" . G A 1 2  ? -8.791  4.809   15.976  1.00 0.00 ? 2  G A "HO2'" 1 
ATOM 62   H "H1'"  . G A 1 2  ? -8.205  3.528   18.435  1.00 0.00 ? 2  G A "H1'"  1 
ATOM 63   H H8     . G A 1 2  ? -8.735  0.155   16.800  1.00 0.00 ? 2  G A H8     1 
ATOM 64   H H1     . G A 1 2  ? -3.960  0.320   21.060  1.00 0.00 ? 2  G A H1     1 
ATOM 65   H H21    . G A 1 2  ? -3.667  2.409   21.744  1.00 0.00 ? 2  G A H21    1 
ATOM 66   H H22    . G A 1 2  ? -4.647  3.736   21.161  1.00 0.00 ? 2  G A H22    1 
ATOM 67   P P      . U A 1 3  ? -8.211  3.737   12.945  1.00 0.00 ? 3  U A P      1 
ATOM 68   O OP1    . U A 1 3  ? -8.783  4.689   11.966  1.00 0.00 ? 3  U A OP1    1 
ATOM 69   O OP2    . U A 1 3  ? -7.923  2.344   12.535  1.00 0.00 ? 3  U A OP2    1 
ATOM 70   O "O5'"  . U A 1 3  ? -6.855  4.378   13.540  1.00 0.00 ? 3  U A "O5'"  1 
ATOM 71   C "C5'"  . U A 1 3  ? -6.611  5.795   13.550  1.00 0.00 ? 3  U A "C5'"  1 
ATOM 72   C "C4'"  . U A 1 3  ? -5.105  6.056   13.468  1.00 0.00 ? 3  U A "C4'"  1 
ATOM 73   O "O4'"  . U A 1 3  ? -4.497  5.822   14.743  1.00 0.00 ? 3  U A "O4'"  1 
ATOM 74   C "C3'"  . U A 1 3  ? -4.484  5.029   12.533  1.00 0.00 ? 3  U A "C3'"  1 
ATOM 75   O "O3'"  . U A 1 3  ? -4.602  5.726   11.276  1.00 0.00 ? 3  U A "O3'"  1 
ATOM 76   C "C2'"  . U A 1 3  ? -3.104  4.853   13.095  1.00 0.00 ? 3  U A "C2'"  1 
ATOM 77   O "O2'"  . U A 1 3  ? -2.278  5.796   12.511  1.00 0.00 ? 3  U A "O2'"  1 
ATOM 78   C "C1'"  . U A 1 3  ? -3.300  5.030   14.596  1.00 0.00 ? 3  U A "C1'"  1 
ATOM 79   N N1     . U A 1 3  ? -3.531  3.727   15.217  1.00 0.00 ? 3  U A N1     1 
ATOM 80   C C2     . U A 1 3  ? -2.532  3.130   15.963  1.00 0.00 ? 3  U A C2     1 
ATOM 81   O O2     . U A 1 3  ? -1.422  3.637   16.113  1.00 0.00 ? 3  U A O2     1 
ATOM 82   N N3     . U A 1 3  ? -2.865  1.909   16.532  1.00 0.00 ? 3  U A N3     1 
ATOM 83   C C4     . U A 1 3  ? -4.089  1.263   16.417  1.00 0.00 ? 3  U A C4     1 
ATOM 84   O O4     . U A 1 3  ? -4.276  0.177   16.957  1.00 0.00 ? 3  U A O4     1 
ATOM 85   C C5     . U A 1 3  ? -5.058  1.981   15.617  1.00 0.00 ? 3  U A C5     1 
ATOM 86   C C6     . U A 1 3  ? -4.744  3.158   15.051  1.00 0.00 ? 3  U A C6     1 
ATOM 87   H "H5'"  . U A 1 3  ? -7.003  6.225   14.474  1.00 0.00 ? 3  U A "H5'"  1 
ATOM 88   H "H5''" . U A 1 3  ? -7.107  6.257   12.696  1.00 0.00 ? 3  U A "H5''" 1 
ATOM 89   H "H4'"  . U A 1 3  ? -4.902  7.070   13.126  1.00 0.00 ? 3  U A "H4'"  1 
ATOM 90   H "H3'"  . U A 1 3  ? -5.027  4.102   12.524  1.00 0.00 ? 3  U A "H3'"  1 
ATOM 91   H "H2'"  . U A 1 3  ? -2.746  3.845   12.884  1.00 0.00 ? 3  U A "H2'"  1 
ATOM 92   H "HO2'" . U A 1 3  ? -2.636  5.855   11.632  1.00 0.00 ? 3  U A "HO2'" 1 
ATOM 93   H "H1'"  . U A 1 3  ? -2.443  5.528   15.048  1.00 0.00 ? 3  U A "H1'"  1 
ATOM 94   H H3     . U A 1 3  ? -2.149  1.441   17.072  1.00 0.00 ? 3  U A H3     1 
ATOM 95   H H5     . U A 1 3  ? -6.069  1.590   15.500  1.00 0.00 ? 3  U A H5     1 
ATOM 96   H H6     . U A 1 3  ? -5.465  3.661   14.402  1.00 0.00 ? 3  U A H6     1 
ATOM 97   P P      . C A 1 4  ? -3.994  5.135   9.902   1.00 0.00 ? 4  C A P      1 
ATOM 98   O OP1    . C A 1 4  ? -4.119  6.176   8.857   1.00 0.00 ? 4  C A OP1    1 
ATOM 99   O OP2    . C A 1 4  ? -4.578  3.794   9.677   1.00 0.00 ? 4  C A OP2    1 
ATOM 100  O "O5'"  . C A 1 4  ? -2.428  4.949   10.241  1.00 0.00 ? 4  C A "O5'"  1 
ATOM 101  C "C5'"  . C A 1 4  ? -1.459  5.989   10.014  1.00 0.00 ? 4  C A "C5'"  1 
ATOM 102  C "C4'"  . C A 1 4  ? -0.056  5.475   10.340  1.00 0.00 ? 4  C A "C4'"  1 
ATOM 103  O "O4'"  . C A 1 4  ? 0.001   5.059   11.703  1.00 0.00 ? 4  C A "O4'"  1 
ATOM 104  C "C3'"  . C A 1 4  ? 0.213   4.196   9.554   1.00 0.00 ? 4  C A "C3'"  1 
ATOM 105  O "O3'"  . C A 1 4  ? 0.806   4.691   8.340   1.00 0.00 ? 4  C A "O3'"  1 
ATOM 106  C "C2'"  . C A 1 4  ? 1.132   3.406   10.442  1.00 0.00 ? 4  C A "C2'"  1 
ATOM 107  O "O2'"  . C A 1 4  ? 2.452   3.717   10.145  1.00 0.00 ? 4  C A "O2'"  1 
ATOM 108  C "C1'"  . C A 1 4  ? 0.679   3.794   11.849  1.00 0.00 ? 4  C A "C1'"  1 
ATOM 109  N N1     . C A 1 4  ? -0.271  2.793   12.342  1.00 0.00 ? 4  C A N1     1 
ATOM 110  C C2     . C A 1 4  ? 0.094   1.976   13.397  1.00 0.00 ? 4  C A C2     1 
ATOM 111  O O2     . C A 1 4  ? 1.198   2.100   13.923  1.00 0.00 ? 4  C A O2     1 
ATOM 112  N N3     . C A 1 4  ? -0.810  1.051   13.830  1.00 0.00 ? 4  C A N3     1 
ATOM 113  C C4     . C A 1 4  ? -2.019  0.950   13.250  1.00 0.00 ? 4  C A C4     1 
ATOM 114  N N4     . C A 1 4  ? -2.880  0.028   13.688  1.00 0.00 ? 4  C A N4     1 
ATOM 115  C C5     . C A 1 4  ? -2.386  1.807   12.162  1.00 0.00 ? 4  C A C5     1 
ATOM 116  C C6     . C A 1 4  ? -1.476  2.698   11.744  1.00 0.00 ? 4  C A C6     1 
ATOM 117  H "H5'"  . C A 1 4  ? -1.688  6.843   10.652  1.00 0.00 ? 4  C A "H5'"  1 
ATOM 118  H "H5''" . C A 1 4  ? -1.499  6.299   8.969   1.00 0.00 ? 4  C A "H5''" 1 
ATOM 119  H "H4'"  . C A 1 4  ? 0.696   6.238   10.138  1.00 0.00 ? 4  C A "H4'"  1 
ATOM 120  H "H3'"  . C A 1 4  ? -0.684  3.645   9.350   1.00 0.00 ? 4  C A "H3'"  1 
ATOM 121  H "H2'"  . C A 1 4  ? 0.951   2.338   10.286  1.00 0.00 ? 4  C A "H2'"  1 
ATOM 122  H "HO2'" . C A 1 4  ? 2.505   3.530   9.211   1.00 0.00 ? 4  C A "HO2'" 1 
ATOM 123  H "H1'"  . C A 1 4  ? 1.530   3.883   12.522  1.00 0.00 ? 4  C A "H1'"  1 
ATOM 124  H H41    . C A 1 4  ? -2.621  -0.585  14.450  1.00 0.00 ? 4  C A H41    1 
ATOM 125  H H42    . C A 1 4  ? -3.787  -0.062  13.253  1.00 0.00 ? 4  C A H42    1 
ATOM 126  H H5     . C A 1 4  ? -3.382  1.784   11.724  1.00 0.00 ? 4  C A H5     1 
ATOM 127  H H6     . C A 1 4  ? -1.677  3.320   10.870  1.00 0.00 ? 4  C A H6     1 
ATOM 128  P P      . A A 1 5  ? 1.452   3.698   7.244   1.00 0.00 ? 5  A A P      1 
ATOM 129  O OP1    . A A 1 5  ? 2.289   4.506   6.328   1.00 0.00 ? 5  A A OP1    1 
ATOM 130  O OP2    . A A 1 5  ? 0.372   2.848   6.698   1.00 0.00 ? 5  A A OP2    1 
ATOM 131  O "O5'"  . A A 1 5  ? 2.427   2.767   8.129   1.00 0.00 ? 5  A A "O5'"  1 
ATOM 132  C "C5'"  . A A 1 5  ? 3.799   3.116   8.369   1.00 0.00 ? 5  A A "C5'"  1 
ATOM 133  C "C4'"  . A A 1 5  ? 4.639   1.859   8.577   1.00 0.00 ? 5  A A "C4'"  1 
ATOM 134  O "O4'"  . A A 1 5  ? 4.271   1.217   9.806   1.00 0.00 ? 5  A A "O4'"  1 
ATOM 135  C "C3'"  . A A 1 5  ? 4.307   0.844   7.495   1.00 0.00 ? 5  A A "C3'"  1 
ATOM 136  O "O3'"  . A A 1 5  ? 5.311   1.031   6.483   1.00 0.00 ? 5  A A "O3'"  1 
ATOM 137  C "C2'"  . A A 1 5  ? 4.502   -0.483  8.143   1.00 0.00 ? 5  A A "C2'"  1 
ATOM 138  O "O2'"  . A A 1 5  ? 5.783   -0.921  7.900   1.00 0.00 ? 5  A A "O2'"  1 
ATOM 139  C "C1'"  . A A 1 5  ? 4.146   -0.209  9.594   1.00 0.00 ? 5  A A "C1'"  1 
ATOM 140  N N9     . A A 1 5  ? 2.769   -0.627  9.797   1.00 0.00 ? 5  A A N9     1 
ATOM 141  C C8     . A A 1 5  ? 1.676   -0.085  9.255   1.00 0.00 ? 5  A A C8     1 
ATOM 142  N N7     . A A 1 5  ? 0.538   -0.642  9.511   1.00 0.00 ? 5  A A N7     1 
ATOM 143  C C5     . A A 1 5  ? 0.934   -1.708  10.335  1.00 0.00 ? 5  A A C5     1 
ATOM 144  C C6     . A A 1 5  ? 0.227   -2.732  10.975  1.00 0.00 ? 5  A A C6     1 
ATOM 145  N N6     . A A 1 5  ? -1.097  -2.866  10.896  1.00 0.00 ? 5  A A N6     1 
ATOM 146  N N1     . A A 1 5  ? 0.939   -3.614  11.702  1.00 0.00 ? 5  A A N1     1 
ATOM 147  C C2     . A A 1 5  ? 2.267   -3.501  11.795  1.00 0.00 ? 5  A A C2     1 
ATOM 148  N N3     . A A 1 5  ? 3.033   -2.571  11.234  1.00 0.00 ? 5  A A N3     1 
ATOM 149  C C4     . A A 1 5  ? 2.298   -1.701  10.512  1.00 0.00 ? 5  A A C4     1 
ATOM 150  H "H5'"  . A A 1 5  ? 3.856   3.734   9.262   1.00 0.00 ? 5  A A "H5'"  1 
ATOM 151  H "H5''" . A A 1 5  ? 4.187   3.676   7.517   1.00 0.00 ? 5  A A "H5''" 1 
ATOM 152  H "H4'"  . A A 1 5  ? 5.703   2.101   8.579   1.00 0.00 ? 5  A A "H4'"  1 
ATOM 153  H "H3'"  . A A 1 5  ? 3.315   0.954   7.096   1.00 0.00 ? 5  A A "H3'"  1 
ATOM 154  H "H2'"  . A A 1 5  ? 3.779   -1.191  7.729   1.00 0.00 ? 5  A A "H2'"  1 
ATOM 155  H "HO2'" . A A 1 5  ? 5.805   -0.905  6.947   1.00 0.00 ? 5  A A "HO2'" 1 
ATOM 156  H "H1'"  . A A 1 5  ? 4.810   -0.757  10.261  1.00 0.00 ? 5  A A "H1'"  1 
ATOM 157  H H8     . A A 1 5  ? 1.775   0.767   8.570   1.00 0.00 ? 5  A A H8     1 
ATOM 158  H H61    . A A 1 5  ? -1.559  -3.625  11.379  1.00 0.00 ? 5  A A H61    1 
ATOM 159  H H62    . A A 1 5  ? -1.640  -2.209  10.354  1.00 0.00 ? 5  A A H62    1 
ATOM 160  H H2     . A A 1 5  ? 2.780   -4.260  12.386  1.00 0.00 ? 5  A A H2     1 
ATOM 161  P P      . U A 1 6  ? 5.344   0.142   5.136   1.00 0.00 ? 6  U A P      1 
ATOM 162  O OP1    . U A 1 6  ? 6.646   0.362   4.468   1.00 0.00 ? 6  U A OP1    1 
ATOM 163  O OP2    . U A 1 6  ? 4.085   0.380   4.393   1.00 0.00 ? 6  U A OP2    1 
ATOM 164  O "O5'"  . U A 1 6  ? 5.314   -1.371  5.706   1.00 0.00 ? 6  U A "O5'"  1 
ATOM 165  C "C5'"  . U A 1 6  ? 6.515   -2.110  6.017   1.00 0.00 ? 6  U A "C5'"  1 
ATOM 166  C "C4'"  . U A 1 6  ? 6.162   -3.563  6.351   1.00 0.00 ? 6  U A "C4'"  1 
ATOM 167  O "O4'"  . U A 1 6  ? 5.214   -3.603  7.424   1.00 0.00 ? 6  U A "O4'"  1 
ATOM 168  C "C3'"  . U A 1 6  ? 5.408   -4.178  5.177   1.00 0.00 ? 6  U A "C3'"  1 
ATOM 169  O "O3'"  . U A 1 6  ? 6.317   -4.906  4.340   1.00 0.00 ? 6  U A "O3'"  1 
ATOM 170  C "C2'"  . U A 1 6  ? 4.482   -5.176  5.803   1.00 0.00 ? 6  U A "C2'"  1 
ATOM 171  O "O2'"  . U A 1 6  ? 5.111   -6.412  5.874   1.00 0.00 ? 6  U A "O2'"  1 
ATOM 172  C "C1'"  . U A 1 6  ? 4.145   -4.536  7.145   1.00 0.00 ? 6  U A "C1'"  1 
ATOM 173  N N1     . U A 1 6  ? 2.892   -3.793  7.014   1.00 0.00 ? 6  U A N1     1 
ATOM 174  C C2     . U A 1 6  ? 1.762   -4.238  7.672   1.00 0.00 ? 6  U A C2     1 
ATOM 175  O O2     . U A 1 6  ? 1.756   -5.257  8.360   1.00 0.00 ? 6  U A O2     1 
ATOM 176  N N3     . U A 1 6  ? 0.630   -3.455  7.508   1.00 0.00 ? 6  U A N3     1 
ATOM 177  C C4     . U A 1 6  ? 0.551   -2.283  6.763   1.00 0.00 ? 6  U A C4     1 
ATOM 178  O O4     . U A 1 6  ? -0.505  -1.657  6.689   1.00 0.00 ? 6  U A O4     1 
ATOM 179  C C5     . U A 1 6  ? 1.795   -1.912  6.120   1.00 0.00 ? 6  U A C5     1 
ATOM 180  C C6     . U A 1 6  ? 2.892   -2.674  6.259   1.00 0.00 ? 6  U A C6     1 
ATOM 181  H "H5'"  . U A 1 6  ? 7.011   -1.652  6.872   1.00 0.00 ? 6  U A "H5'"  1 
ATOM 182  H "H5''" . U A 1 6  ? 7.185   -2.088  5.156   1.00 0.00 ? 6  U A "H5''" 1 
ATOM 183  H "H4'"  . U A 1 6  ? 7.056   -4.135  6.603   1.00 0.00 ? 6  U A "H4'"  1 
ATOM 184  H "H3'"  . U A 1 6  ? 4.861   -3.450  4.613   1.00 0.00 ? 6  U A "H3'"  1 
ATOM 185  H "H2'"  . U A 1 6  ? 3.573   -5.250  5.202   1.00 0.00 ? 6  U A "H2'"  1 
ATOM 186  H "HO2'" . U A 1 6  ? 5.370   -6.561  4.969   1.00 0.00 ? 6  U A "HO2'" 1 
ATOM 187  H "H1'"  . U A 1 6  ? 4.065   -5.286  7.932   1.00 0.00 ? 6  U A "H1'"  1 
ATOM 188  H H3     . U A 1 6  ? -0.222  -3.778  7.951   1.00 0.00 ? 6  U A H3     1 
ATOM 189  H H5     . U A 1 6  ? 1.866   -0.985  5.552   1.00 0.00 ? 6  U A H5     1 
ATOM 190  H H6     . U A 1 6  ? 3.800   -2.424  5.706   1.00 0.00 ? 6  U A H6     1 
ATOM 191  P P      . C A 1 7  ? 6.603   -4.454  2.820   1.00 0.00 ? 7  C A P      1 
ATOM 192  O OP1    . C A 1 7  ? 8.068   -4.337  2.640   1.00 0.00 ? 7  C A OP1    1 
ATOM 193  O OP2    . C A 1 7  ? 5.728   -3.302  2.506   1.00 0.00 ? 7  C A OP2    1 
ATOM 194  O "O5'"  . C A 1 7  ? 6.088   -5.723  1.967   1.00 0.00 ? 7  C A "O5'"  1 
ATOM 195  C "C5'"  . C A 1 7  ? 6.422   -7.066  2.348   1.00 0.00 ? 7  C A "C5'"  1 
ATOM 196  C "C4'"  . C A 1 7  ? 5.354   -8.055  1.877   1.00 0.00 ? 7  C A "C4'"  1 
ATOM 197  O "O4'"  . C A 1 7  ? 4.473   -8.418  2.945   1.00 0.00 ? 7  C A "O4'"  1 
ATOM 198  C "C3'"  . C A 1 7  ? 4.450   -7.404  0.841   1.00 0.00 ? 7  C A "C3'"  1 
ATOM 199  O "O3'"  . C A 1 7  ? 5.027   -7.688  -0.442  1.00 0.00 ? 7  C A "O3'"  1 
ATOM 200  C "C2'"  . C A 1 7  ? 3.138   -8.113  1.013   1.00 0.00 ? 7  C A "C2'"  1 
ATOM 201  O "O2'"  . C A 1 7  ? 3.084   -9.204  0.159   1.00 0.00 ? 7  C A "O2'"  1 
ATOM 202  C "C1'"  . C A 1 7  ? 3.098   -8.450  2.499   1.00 0.00 ? 7  C A "C1'"  1 
ATOM 203  N N1     . C A 1 7  ? 2.289   -7.445  3.194   1.00 0.00 ? 7  C A N1     1 
ATOM 204  C C2     . C A 1 7  ? 1.066   -7.825  3.722   1.00 0.00 ? 7  C A C2     1 
ATOM 205  O O2     . C A 1 7  ? 0.705   -8.999  3.666   1.00 0.00 ? 7  C A O2     1 
ATOM 206  N N3     . C A 1 7  ? 0.291   -6.866  4.298   1.00 0.00 ? 7  C A N3     1 
ATOM 207  C C4     . C A 1 7  ? 0.706   -5.591  4.350   1.00 0.00 ? 7  C A C4     1 
ATOM 208  N N4     . C A 1 7  ? -0.079  -4.670  4.909   1.00 0.00 ? 7  C A N4     1 
ATOM 209  C C5     . C A 1 7  ? 1.971   -5.207  3.805   1.00 0.00 ? 7  C A C5     1 
ATOM 210  C C6     . C A 1 7  ? 2.719   -6.167  3.238   1.00 0.00 ? 7  C A C6     1 
ATOM 211  H "H5'"  . C A 1 7  ? 6.505   -7.121  3.434   1.00 0.00 ? 7  C A "H5'"  1 
ATOM 212  H "H5''" . C A 1 7  ? 7.381   -7.337  1.903   1.00 0.00 ? 7  C A "H5''" 1 
ATOM 213  H "H4'"  . C A 1 7  ? 5.828   -8.949  1.469   1.00 0.00 ? 7  C A "H4'"  1 
ATOM 214  H "H3'"  . C A 1 7  ? 4.338   -6.349  0.994   1.00 0.00 ? 7  C A "H3'"  1 
ATOM 215  H "H2'"  . C A 1 7  ? 2.326   -7.418  0.783   1.00 0.00 ? 7  C A "H2'"  1 
ATOM 216  H "HO2'" . C A 1 7  ? 3.228   -8.805  -0.694  1.00 0.00 ? 7  C A "HO2'" 1 
ATOM 217  H "H1'"  . C A 1 7  ? 2.675   -9.442  2.646   1.00 0.00 ? 7  C A "H1'"  1 
ATOM 218  H H41    . C A 1 7  ? -0.972  -4.936  5.297   1.00 0.00 ? 7  C A H41    1 
ATOM 219  H H42    . C A 1 7  ? 0.221   -3.706  4.946   1.00 0.00 ? 7  C A H42    1 
ATOM 220  H H5     . C A 1 7  ? 2.319   -4.180  3.852   1.00 0.00 ? 7  C A H5     1 
ATOM 221  H H6     . C A 1 7  ? 3.675   -5.918  2.776   1.00 0.00 ? 7  C A H6     1 
ATOM 222  P P      . G A 1 8  ? 4.885   -6.658  -1.672  1.00 0.00 ? 8  G A P      1 
ATOM 223  O OP1    . G A 1 8  ? 6.167   -6.645  -2.412  1.00 0.00 ? 8  G A OP1    1 
ATOM 224  O OP2    . G A 1 8  ? 4.320   -5.391  -1.156  1.00 0.00 ? 8  G A OP2    1 
ATOM 225  O "O5'"  . G A 1 8  ? 3.773   -7.362  -2.606  1.00 0.00 ? 8  G A "O5'"  1 
ATOM 226  C "C5'"  . G A 1 8  ? 3.569   -8.787  -2.595  1.00 0.00 ? 8  G A "C5'"  1 
ATOM 227  C "C4'"  . G A 1 8  ? 2.123   -9.151  -2.914  1.00 0.00 ? 8  G A "C4'"  1 
ATOM 228  O "O4'"  . G A 1 8  ? 1.361   -9.315  -1.712  1.00 0.00 ? 8  G A "O4'"  1 
ATOM 229  C "C3'"  . G A 1 8  ? 1.462   -8.019  -3.680  1.00 0.00 ? 8  G A "C3'"  1 
ATOM 230  O "O3'"  . G A 1 8  ? 1.923   -8.392  -4.991  1.00 0.00 ? 8  G A "O3'"  1 
ATOM 231  C "C2'"  . G A 1 8  ? 0.027   -8.162  -3.297  1.00 0.00 ? 8  G A "C2'"  1 
ATOM 232  O "O2'"  . G A 1 8  ? -0.625  -8.936  -4.226  1.00 0.00 ? 8  G A "O2'"  1 
ATOM 233  C "C1'"  . G A 1 8  ? 0.062   -8.703  -1.875  1.00 0.00 ? 8  G A "C1'"  1 
ATOM 234  N N9     . G A 1 8  ? -0.102  -7.578  -0.958  1.00 0.00 ? 8  G A N9     1 
ATOM 235  C C8     . G A 1 8  ? 0.709   -6.521  -0.822  1.00 0.00 ? 8  G A C8     1 
ATOM 236  N N7     . G A 1 8  ? 0.341   -5.572  -0.029  1.00 0.00 ? 8  G A N7     1 
ATOM 237  C C5     . G A 1 8  ? -0.892  -6.053  0.430   1.00 0.00 ? 8  G A C5     1 
ATOM 238  C C6     . G A 1 8  ? -1.821  -5.471  1.334   1.00 0.00 ? 8  G A C6     1 
ATOM 239  O O6     . G A 1 8  ? -1.736  -4.397  1.926   1.00 0.00 ? 8  G A O6     1 
ATOM 240  N N1     . G A 1 8  ? -2.934  -6.283  1.517   1.00 0.00 ? 8  G A N1     1 
ATOM 241  C C2     . G A 1 8  ? -3.132  -7.510  0.910   1.00 0.00 ? 8  G A C2     1 
ATOM 242  N N2     . G A 1 8  ? -4.265  -8.144  1.216   1.00 0.00 ? 8  G A N2     1 
ATOM 243  N N3     . G A 1 8  ? -2.262  -8.066  0.059   1.00 0.00 ? 8  G A N3     1 
ATOM 244  C C4     . G A 1 8  ? -1.171  -7.290  -0.137  1.00 0.00 ? 8  G A C4     1 
ATOM 245  H "H5'"  . G A 1 8  ? 3.783   -9.179  -1.611  1.00 0.00 ? 8  G A "H5'"  1 
ATOM 246  H "H5''" . G A 1 8  ? 4.247   -9.243  -3.332  1.00 0.00 ? 8  G A "H5''" 1 
ATOM 247  H "H4'"  . G A 1 8  ? 2.092   -10.071 -3.499  1.00 0.00 ? 8  G A "H4'"  1 
ATOM 248  H "H3'"  . G A 1 8  ? 1.816   -7.054  -3.407  1.00 0.00 ? 8  G A "H3'"  1 
ATOM 249  H "H2'"  . G A 1 8  ? -0.424  -7.166  -3.274  1.00 0.00 ? 8  G A "H2'"  1 
ATOM 250  H "HO2'" . G A 1 8  ? -0.533  -8.397  -5.006  1.00 0.00 ? 8  G A "HO2'" 1 
ATOM 251  H "H1'"  . G A 1 8  ? -0.730  -9.436  -1.723  1.00 0.00 ? 8  G A "H1'"  1 
ATOM 252  H H8     . G A 1 8  ? 1.624   -6.465  -1.414  1.00 0.00 ? 8  G A H8     1 
ATOM 253  H H1     . G A 1 8  ? -3.649  -5.923  2.137   1.00 0.00 ? 8  G A H1     1 
ATOM 254  H H21    . G A 1 8  ? -4.921  -7.725  1.858   1.00 0.00 ? 8  G A H21    1 
ATOM 255  H H22    . G A 1 8  ? -4.465  -9.044  0.804   1.00 0.00 ? 8  G A H22    1 
ATOM 256  P P      . U A 1 9  ? 2.196   -7.287  -6.133  1.00 0.00 ? 9  U A P      1 
ATOM 257  O OP1    . U A 1 9  ? 3.010   -7.910  -7.202  1.00 0.00 ? 9  U A OP1    1 
ATOM 258  O OP2    . U A 1 9  ? 2.655   -6.040  -5.481  1.00 0.00 ? 9  U A OP2    1 
ATOM 259  O "O5'"  . U A 1 9  ? 0.714   -7.051  -6.694  1.00 0.00 ? 9  U A "O5'"  1 
ATOM 260  C "C5'"  . U A 1 9  ? -0.014  -8.127  -7.292  1.00 0.00 ? 9  U A "C5'"  1 
ATOM 261  C "C4'"  . U A 1 9  ? -1.513  -7.943  -7.060  1.00 0.00 ? 9  U A "C4'"  1 
ATOM 262  O "O4'"  . U A 1 9  ? -1.835  -8.068  -5.654  1.00 0.00 ? 9  U A "O4'"  1 
ATOM 263  C "C3'"  . U A 1 9  ? -1.933  -6.535  -7.359  1.00 0.00 ? 9  U A "C3'"  1 
ATOM 264  O "O3'"  . U A 1 9  ? -1.866  -6.787  -8.779  1.00 0.00 ? 9  U A "O3'"  1 
ATOM 265  C "C2'"  . U A 1 9  ? -2.198  -7.781  -6.522  1.00 0.00 ? 9  U A "C2'"  1 
ATOM 266  O "O2'"  . U A 1 9  ? -0.934  -8.308  -6.002  1.00 0.00 ? 9  U A "O2'"  1 
ATOM 267  C "C1'"  . U A 1 9  ? -3.101  -7.454  -5.361  1.00 0.00 ? 9  U A "C1'"  1 
ATOM 268  N N1     . U A 1 9  ? -2.770  -6.324  -4.454  1.00 0.00 ? 9  U A N1     1 
ATOM 269  C C2     . U A 1 9  ? -3.749  -5.891  -3.575  1.00 0.00 ? 9  U A C2     1 
ATOM 270  O O2     . U A 1 9  ? -4.880  -6.371  -3.565  1.00 0.00 ? 9  U A O2     1 
ATOM 271  N N3     . U A 1 9  ? -3.375  -4.880  -2.703  1.00 0.00 ? 9  U A N3     1 
ATOM 272  C C4     . U A 1 9  ? -2.128  -4.280  -2.639  1.00 0.00 ? 9  U A C4     1 
ATOM 273  O O4     . U A 1 9  ? -1.900  -3.391  -1.822  1.00 0.00 ? 9  U A O4     1 
ATOM 274  C C5     . U A 1 9  ? -1.178  -4.801  -3.597  1.00 0.00 ? 9  U A C5     1 
ATOM 275  C C6     . U A 1 9  ? -1.520  -5.773  -4.454  1.00 0.00 ? 9  U A C6     1 
ATOM 276  H "H5'"  . U A 1 9  ? 0.307   -9.070  -6.848  1.00 0.00 ? 9  U A "H5'"  1 
ATOM 277  H "H5''" . U A 1 9  ? 0.187   -8.147  -8.364  1.00 0.00 ? 9  U A "H5''" 1 
ATOM 278  H "H4'"  . U A 1 9  ? -2.105  -8.660  -7.667  1.00 0.00 ? 9  U A "H4'"  1 
ATOM 279  H "H3'"  . U A 1 9  ? -1.099  -5.912  -6.987  1.00 0.00 ? 9  U A "H3'"  1 
ATOM 280  H "H2'"  . U A 1 9  ? -2.673  -8.541  -7.143  1.00 0.00 ? 9  U A "H2'"  1 
ATOM 281  H "HO2'" . U A 1 9  ? -0.656  -7.794  -5.193  1.00 0.00 ? 9  U A "HO2'" 1 
ATOM 282  H "H1'"  . U A 1 9  ? -3.711  -8.267  -4.937  1.00 0.00 ? 9  U A "H1'"  1 
ATOM 283  H H3     . U A 1 9  ? -4.076  -4.552  -2.056  1.00 0.00 ? 9  U A H3     1 
ATOM 284  H H5     . U A 1 9  ? -0.160  -4.431  -3.611  1.00 0.00 ? 9  U A H5     1 
ATOM 285  H H6     . U A 1 9  ? -0.786  -6.109  -5.182  1.00 0.00 ? 9  U A H6     1 
ATOM 286  P P      . U A 1 10 ? -2.081  -5.593  -9.841  1.00 0.00 ? 10 U A P      1 
ATOM 287  O OP1    . U A 1 10 ? -2.615  -6.177  -11.092 1.00 0.00 ? 10 U A OP1    1 
ATOM 288  O OP2    . U A 1 10 ? -0.846  -4.779  -9.879  1.00 0.00 ? 10 U A OP2    1 
ATOM 289  O "O5'"  . U A 1 10 ? -3.246  -4.707  -9.160  1.00 0.00 ? 10 U A "O5'"  1 
ATOM 290  C "C5'"  . U A 1 10 ? -4.516  -5.282  -8.830  1.00 0.00 ? 10 U A "C5'"  1 
ATOM 291  C "C4'"  . U A 1 10 ? -5.219  -4.493  -7.723  1.00 0.00 ? 10 U A "C4'"  1 
ATOM 292  O "O4'"  . U A 1 10 ? -4.303  -4.099  -6.692  1.00 0.00 ? 10 U A "O4'"  1 
ATOM 293  C "C3'"  . U A 1 10 ? -5.790  -3.184  -8.252  1.00 0.00 ? 10 U A "C3'"  1 
ATOM 294  O "O3'"  . U A 1 10 ? -7.111  -3.369  -8.780  1.00 0.00 ? 10 U A "O3'"  1 
ATOM 295  C "C2'"  . U A 1 10 ? -5.805  -2.308  -7.011  1.00 0.00 ? 10 U A "C2'"  1 
ATOM 296  O "O2'"  . U A 1 10 ? -7.002  -2.506  -6.250  1.00 0.00 ? 10 U A "O2'"  1 
ATOM 297  C "C1'"  . U A 1 10 ? -4.571  -2.765  -6.230  1.00 0.00 ? 10 U A "C1'"  1 
ATOM 298  N N1     . U A 1 10 ? -3.410  -1.869  -6.472  1.00 0.00 ? 10 U A N1     1 
ATOM 299  C C2     . U A 1 10 ? -2.256  -2.444  -6.977  1.00 0.00 ? 10 U A C2     1 
ATOM 300  O O2     . U A 1 10 ? -2.168  -3.647  -7.203  1.00 0.00 ? 10 U A O2     1 
ATOM 301  N N3     . U A 1 10 ? -1.196  -1.585  -7.205  1.00 0.00 ? 10 U A N3     1 
ATOM 302  C C4     . U A 1 10 ? -1.185  -0.221  -6.976  1.00 0.00 ? 10 U A C4     1 
ATOM 303  O O4     . U A 1 10 ? -0.182  0.447   -7.217  1.00 0.00 ? 10 U A O4     1 
ATOM 304  C C5     . U A 1 10 ? -2.427  0.297   -6.448  1.00 0.00 ? 10 U A C5     1 
ATOM 305  C C6     . U A 1 10 ? -3.481  -0.522  -6.215  1.00 0.00 ? 10 U A C6     1 
ATOM 306  H "H5'"  . U A 1 10 ? -4.368  -6.309  -8.495  1.00 0.00 ? 10 U A "H5'"  1 
ATOM 307  H "H5''" . U A 1 10 ? -5.147  -5.287  -9.720  1.00 0.00 ? 10 U A "H5''" 1 
ATOM 308  H "H4'"  . U A 1 10 ? -6.017  -5.095  -7.288  1.00 0.00 ? 10 U A "H4'"  1 
ATOM 309  H "H3'"  . U A 1 10 ? -5.123  -2.757  -9.007  1.00 0.00 ? 10 U A "H3'"  1 
ATOM 310  H "H2'"  . U A 1 10 ? -5.700  -1.258  -7.296  1.00 0.00 ? 10 U A "H2'"  1 
ATOM 311  H "HO2'" . U A 1 10 ? -7.706  -2.029  -6.695  1.00 0.00 ? 10 U A "HO2'" 1 
ATOM 312  H "H1'"  . U A 1 10 ? -4.802  -2.790  -5.161  1.00 0.00 ? 10 U A "H1'"  1 
ATOM 313  H H3     . U A 1 10 ? -0.349  -1.992  -7.574  1.00 0.00 ? 10 U A H3     1 
ATOM 314  H H5     . U A 1 10 ? -2.517  1.362   -6.236  1.00 0.00 ? 10 U A H5     1 
ATOM 315  H H6     . U A 1 10 ? -4.401  -0.100  -5.810  1.00 0.00 ? 10 U A H6     1 
ATOM 316  P P      . G A 1 11 ? -7.477  -2.889  -10.273 1.00 0.00 ? 11 G A P      1 
ATOM 317  O OP1    . G A 1 11 ? -8.765  -3.513  -10.657 1.00 0.00 ? 11 G A OP1    1 
ATOM 318  O OP2    . G A 1 11 ? -6.284  -3.080  -11.129 1.00 0.00 ? 11 G A OP2    1 
ATOM 319  O "O5'"  . G A 1 11 ? -7.717  -1.307  -10.089 1.00 0.00 ? 11 G A "O5'"  1 
ATOM 320  C "C5'"  . G A 1 11 ? -8.879  -0.814  -9.402  1.00 0.00 ? 11 G A "C5'"  1 
ATOM 321  C "C4'"  . G A 1 11 ? -9.154  0.655   -9.706  1.00 0.00 ? 11 G A "C4'"  1 
ATOM 322  O "O4'"  . G A 1 11 ? -8.835  1.490   -8.586  1.00 0.00 ? 11 G A "O4'"  1 
ATOM 323  C "C3'"  . G A 1 11 ? -8.262  1.168   -10.832 1.00 0.00 ? 11 G A "C3'"  1 
ATOM 324  O "O3'"  . G A 1 11 ? -8.831  0.903   -12.123 1.00 0.00 ? 11 G A "O3'"  1 
ATOM 325  C "C2'"  . G A 1 11 ? -8.247  2.652   -10.509 1.00 0.00 ? 11 G A "C2'"  1 
ATOM 326  O "O2'"  . G A 1 11 ? -9.428  3.255   -10.979 1.00 0.00 ? 11 G A "O2'"  1 
ATOM 327  C "C1'"  . G A 1 11 ? -8.203  2.716   -8.990  1.00 0.00 ? 11 G A "C1'"  1 
ATOM 328  N N9     . G A 1 11 ? -6.818  2.750   -8.527  1.00 0.00 ? 11 G A N9     1 
ATOM 329  C C8     . G A 1 11 ? -5.889  1.804   -8.680  1.00 0.00 ? 11 G A C8     1 
ATOM 330  N N7     . G A 1 11 ? -4.700  2.042   -8.234  1.00 0.00 ? 11 G A N7     1 
ATOM 331  C C5     . G A 1 11 ? -4.854  3.333   -7.711  1.00 0.00 ? 11 G A C5     1 
ATOM 332  C C6     . G A 1 11 ? -3.909  4.178   -7.069  1.00 0.00 ? 11 G A C6     1 
ATOM 333  O O6     . G A 1 11 ? -2.725  3.953   -6.829  1.00 0.00 ? 11 G A O6     1 
ATOM 334  N N1     . G A 1 11 ? -4.479  5.391   -6.698  1.00 0.00 ? 11 G A N1     1 
ATOM 335  C C2     . G A 1 11 ? -5.795  5.752   -6.916  1.00 0.00 ? 11 G A C2     1 
ATOM 336  N N2     . G A 1 11 ? -6.154  6.962   -6.487  1.00 0.00 ? 11 G A N2     1 
ATOM 337  N N3     . G A 1 11 ? -6.690  4.963   -7.519  1.00 0.00 ? 11 G A N3     1 
ATOM 338  C C4     . G A 1 11 ? -6.157  3.775   -7.888  1.00 0.00 ? 11 G A C4     1 
ATOM 339  H "H5'"  . G A 1 11 ? -8.726  -0.889  -8.335  1.00 0.00 ? 11 G A "H5'"  1 
ATOM 340  H "H5''" . G A 1 11 ? -9.745  -1.427  -9.696  1.00 0.00 ? 11 G A "H5''" 1 
ATOM 341  H "H4'"  . G A 1 11 ? -10.203 0.788   -9.972  1.00 0.00 ? 11 G A "H4'"  1 
ATOM 342  H "H3'"  . G A 1 11 ? -7.256  0.747   -10.745 1.00 0.00 ? 11 G A "H3'"  1 
ATOM 343  H "H2'"  . G A 1 11 ? -7.365  3.131   -10.940 1.00 0.00 ? 11 G A "H2'"  1 
ATOM 344  H "HO2'" . G A 1 11 ? -10.131 2.729   -10.609 1.00 0.00 ? 11 G A "HO2'" 1 
ATOM 345  H "H1'"  . G A 1 11 ? -8.759  3.579   -8.624  1.00 0.00 ? 11 G A "H1'"  1 
ATOM 346  H H8     . G A 1 11 ? -6.143  0.877   -9.194  1.00 0.00 ? 11 G A H8     1 
ATOM 347  H H1     . G A 1 11 ? -3.863  6.045   -6.234  1.00 0.00 ? 11 G A H1     1 
ATOM 348  H H21    . G A 1 11 ? -5.479  7.558   -6.031  1.00 0.00 ? 11 G A H21    1 
ATOM 349  H H22    . G A 1 11 ? -7.103  7.283   -6.618  1.00 0.00 ? 11 G A H22    1 
ATOM 350  P P      . A A 1 12 ? -7.957  1.088   -13.466 1.00 0.00 ? 12 A A P      1 
ATOM 351  O OP1    . A A 1 12 ? -8.747  0.571   -14.607 1.00 0.00 ? 12 A A OP1    1 
ATOM 352  O OP2    . A A 1 12 ? -6.599  0.558   -13.212 1.00 0.00 ? 12 A A OP2    1 
ATOM 353  O "O5'"  . A A 1 12 ? -7.855  2.691   -13.608 1.00 0.00 ? 12 A A "O5'"  1 
ATOM 354  C "C5'"  . A A 1 12 ? -9.003  3.475   -13.956 1.00 0.00 ? 12 A A "C5'"  1 
ATOM 355  C "C4'"  . A A 1 12 ? -8.704  4.974   -13.892 1.00 0.00 ? 12 A A "C4'"  1 
ATOM 356  O "O4'"  . A A 1 12 ? -8.295  5.375   -12.577 1.00 0.00 ? 12 A A "O4'"  1 
ATOM 357  C "C3'"  . A A 1 12 ? -7.527  5.347   -14.787 1.00 0.00 ? 12 A A "C3'"  1 
ATOM 358  O "O3'"  . A A 1 12 ? -7.947  5.582   -16.139 1.00 0.00 ? 12 A A "O3'"  1 
ATOM 359  C "C2'"  . A A 1 12 ? -7.060  6.619   -14.101 1.00 0.00 ? 12 A A "C2'"  1 
ATOM 360  O "O2'"  . A A 1 12 ? -7.883  7.695   -14.480 1.00 0.00 ? 12 A A "O2'"  1 
ATOM 361  C "C1'"  . A A 1 12 ? -7.230  6.338   -12.615 1.00 0.00 ? 12 A A "C1'"  1 
ATOM 362  N N9     . A A 1 12 ? -6.002  5.764   -12.069 1.00 0.00 ? 12 A A N9     1 
ATOM 363  C C8     . A A 1 12 ? -5.442  4.596   -12.389 1.00 0.00 ? 12 A A C8     1 
ATOM 364  N N7     . A A 1 12 ? -4.327  4.282   -11.818 1.00 0.00 ? 12 A A N7     1 
ATOM 365  C C5     . A A 1 12 ? -4.113  5.401   -11.002 1.00 0.00 ? 12 A A C5     1 
ATOM 366  C C6     . A A 1 12 ? -3.096  5.744   -10.104 1.00 0.00 ? 12 A A C6     1 
ATOM 367  N N6     . A A 1 12 ? -2.045  4.962   -9.858  1.00 0.00 ? 12 A A N6     1 
ATOM 368  N N1     . A A 1 12 ? -3.203  6.926   -9.470  1.00 0.00 ? 12 A A N1     1 
ATOM 369  C C2     . A A 1 12 ? -4.248  7.726   -9.700  1.00 0.00 ? 12 A A C2     1 
ATOM 370  N N3     . A A 1 12 ? -5.265  7.501   -10.528 1.00 0.00 ? 12 A A N3     1 
ATOM 371  C C4     . A A 1 12 ? -5.135  6.313   -11.151 1.00 0.00 ? 12 A A C4     1 
ATOM 372  H "H5'"  . A A 1 12 ? -9.813  3.244   -13.263 1.00 0.00 ? 12 A A "H5'"  1 
ATOM 373  H "H5''" . A A 1 12 ? -9.316  3.217   -14.969 1.00 0.00 ? 12 A A "H5''" 1 
ATOM 374  H "H4'"  . A A 1 12 ? -9.588  5.540   -14.185 1.00 0.00 ? 12 A A "H4'"  1 
ATOM 375  H "H3'"  . A A 1 12 ? -6.750  4.578   -14.738 1.00 0.00 ? 12 A A "H3'"  1 
ATOM 376  H "H2'"  . A A 1 12 ? -6.014  6.823   -14.338 1.00 0.00 ? 12 A A "H2'"  1 
ATOM 377  H "HO2'" . A A 1 12 ? -8.768  7.401   -14.290 1.00 0.00 ? 12 A A "HO2'" 1 
ATOM 378  H "H1'"  . A A 1 12 ? -7.507  7.246   -12.080 1.00 0.00 ? 12 A A "H1'"  1 
ATOM 379  H H8     . A A 1 12 ? -5.920  3.955   -13.129 1.00 0.00 ? 12 A A H8     1 
ATOM 380  H H61    . A A 1 12 ? -1.338  5.257   -9.200  1.00 0.00 ? 12 A A H61    1 
ATOM 381  H H62    . A A 1 12 ? -1.956  4.072   -10.330 1.00 0.00 ? 12 A A H62    1 
ATOM 382  H H2     . A A 1 12 ? -4.269  8.666   -9.151  1.00 0.00 ? 12 A A H2     1 
ATOM 383  P P      . G A 1 13 ? -6.868  5.691   -17.334 1.00 0.00 ? 13 G A P      1 
ATOM 384  O OP1    . G A 1 13 ? -7.604  5.747   -18.617 1.00 0.00 ? 13 G A OP1    1 
ATOM 385  O OP2    . G A 1 13 ? -5.835  4.652   -17.122 1.00 0.00 ? 13 G A OP2    1 
ATOM 386  O "O5'"  . G A 1 13 ? -6.194  7.132   -17.074 1.00 0.00 ? 13 G A "O5'"  1 
ATOM 387  C "C5'"  . G A 1 13 ? -6.932  8.344   -17.304 1.00 0.00 ? 13 G A "C5'"  1 
ATOM 388  C "C4'"  . G A 1 13 ? -6.126  9.591   -16.955 1.00 0.00 ? 13 G A "C4'"  1 
ATOM 389  O "O4'"  . G A 1 13 ? -5.797  9.632   -15.559 1.00 0.00 ? 13 G A "O4'"  1 
ATOM 390  C "C3'"  . G A 1 13 ? -4.777  9.600   -17.665 1.00 0.00 ? 13 G A "C3'"  1 
ATOM 391  O "O3'"  . G A 1 13 ? -4.883  10.155  -18.985 1.00 0.00 ? 13 G A "O3'"  1 
ATOM 392  C "C2'"  . G A 1 13 ? -3.981  10.491  -16.728 1.00 0.00 ? 13 G A "C2'"  1 
ATOM 393  O "O2'"  . G A 1 13 ? -4.282  11.841  -16.982 1.00 0.00 ? 13 G A "O2'"  1 
ATOM 394  C "C1'"  . G A 1 13 ? -4.460  10.108  -15.335 1.00 0.00 ? 13 G A "C1'"  1 
ATOM 395  N N9     . G A 1 13 ? -3.623  9.042   -14.790 1.00 0.00 ? 13 G A N9     1 
ATOM 396  C C8     . G A 1 13 ? -3.489  7.799   -15.258 1.00 0.00 ? 13 G A C8     1 
ATOM 397  N N7     . G A 1 13 ? -2.666  7.009   -14.654 1.00 0.00 ? 13 G A N7     1 
ATOM 398  C C5     . G A 1 13 ? -2.176  7.841   -13.639 1.00 0.00 ? 13 G A C5     1 
ATOM 399  C C6     . G A 1 13 ? -1.225  7.573   -12.617 1.00 0.00 ? 13 G A C6     1 
ATOM 400  O O6     . G A 1 13 ? -0.612  6.530   -12.400 1.00 0.00 ? 13 G A O6     1 
ATOM 401  N N1     . G A 1 13 ? -1.020  8.685   -11.808 1.00 0.00 ? 13 G A N1     1 
ATOM 402  C C2     . G A 1 13 ? -1.650  9.906   -11.958 1.00 0.00 ? 13 G A C2     1 
ATOM 403  N N2     . G A 1 13 ? -1.321  10.853  -11.079 1.00 0.00 ? 13 G A N2     1 
ATOM 404  N N3     . G A 1 13 ? -2.547  10.165  -12.916 1.00 0.00 ? 13 G A N3     1 
ATOM 405  C C4     . G A 1 13 ? -2.762  9.096   -13.716 1.00 0.00 ? 13 G A C4     1 
ATOM 406  H "H5'"  . G A 1 13 ? -7.812  8.353   -16.676 1.00 0.00 ? 13 G A "H5'"  1 
ATOM 407  H "H5''" . G A 1 13 ? -7.233  8.374   -18.363 1.00 0.00 ? 13 G A "H5''" 1 
ATOM 408  H "H4'"  . G A 1 13 ? -6.692  10.483  -17.221 1.00 0.00 ? 13 G A "H4'"  1 
ATOM 409  H "H3'"  . G A 1 13 ? -4.351  8.592   -17.690 1.00 0.00 ? 13 G A "H3'"  1 
ATOM 410  H "H2'"  . G A 1 13 ? -2.911  10.302  -16.832 1.00 0.00 ? 13 G A "H2'"  1 
ATOM 411  H "HO2'" . G A 1 13 ? -5.231  11.893  -16.920 1.00 0.00 ? 13 G A "HO2'" 1 
ATOM 412  H "H1'"  . G A 1 13 ? -4.463  10.977  -14.677 1.00 0.00 ? 13 G A "H1'"  1 
ATOM 413  H H8     . G A 1 13 ? -4.056  7.492   -16.137 1.00 0.00 ? 13 G A H8     1 
ATOM 414  H H1     . G A 1 13 ? -0.354  8.569   -11.058 1.00 0.00 ? 13 G A H1     1 
ATOM 415  H H21    . G A 1 13 ? -0.645  10.658  -10.356 1.00 0.00 ? 13 G A H21    1 
ATOM 416  H H22    . G A 1 13 ? -1.748  11.767  -11.138 1.00 0.00 ? 13 G A H22    1 
ATOM 417  P P      . A A 1 14 ? -3.690  9.981   -20.056 1.00 0.00 ? 14 A A P      1 
ATOM 418  O OP1    . A A 1 14 ? -4.167  10.479  -21.366 1.00 0.00 ? 14 A A OP1    1 
ATOM 419  O OP2    . A A 1 14 ? -3.161  8.603   -19.941 1.00 0.00 ? 14 A A OP2    1 
ATOM 420  O "O5'"  . A A 1 14 ? -2.567  10.999  -19.506 1.00 0.00 ? 14 A A "O5'"  1 
ATOM 421  C "C5'"  . A A 1 14 ? -2.730  12.416  -19.641 1.00 0.00 ? 14 A A "C5'"  1 
ATOM 422  C "C4'"  . A A 1 14 ? -1.459  13.169  -19.248 1.00 0.00 ? 14 A A "C4'"  1 
ATOM 423  O "O4'"  . A A 1 14 ? -1.215  13.092  -17.838 1.00 0.00 ? 14 A A "O4'"  1 
ATOM 424  C "C3'"  . A A 1 14 ? -0.221  12.541  -19.880 1.00 0.00 ? 14 A A "C3'"  1 
ATOM 425  O "O3'"  . A A 1 14 ? 0.017   13.051  -21.201 1.00 0.00 ? 14 A A "O3'"  1 
ATOM 426  C "C2'"  . A A 1 14 ? 0.850   12.988  -18.900 1.00 0.00 ? 14 A A "C2'"  1 
ATOM 427  O "O2'"  . A A 1 14 ? 1.219   14.318  -19.172 1.00 0.00 ? 14 A A "O2'"  1 
ATOM 428  C "C1'"  . A A 1 14 ? 0.177   12.905  -17.536 1.00 0.00 ? 14 A A "C1'"  1 
ATOM 429  N N9     . A A 1 14 ? 0.398   11.586  -16.946 1.00 0.00 ? 14 A A N9     1 
ATOM 430  C C8     . A A 1 14 ? -0.032  10.410  -17.410 1.00 0.00 ? 14 A A C8     1 
ATOM 431  N N7     . A A 1 14 ? 0.303   9.345   -16.760 1.00 0.00 ? 14 A A N7     1 
ATOM 432  C C5     . A A 1 14 ? 1.066   9.890   -15.717 1.00 0.00 ? 14 A A C5     1 
ATOM 433  C C6     . A A 1 14 ? 1.744   9.317   -14.635 1.00 0.00 ? 14 A A C6     1 
ATOM 434  N N6     . A A 1 14 ? 1.773   8.004   -14.403 1.00 0.00 ? 14 A A N6     1 
ATOM 435  N N1     . A A 1 14 ? 2.394   10.150  -13.801 1.00 0.00 ? 14 A A N1     1 
ATOM 436  C C2     . A A 1 14 ? 2.379   11.468  -14.015 1.00 0.00 ? 14 A A C2     1 
ATOM 437  N N3     . A A 1 14 ? 1.771   12.116  -15.005 1.00 0.00 ? 14 A A N3     1 
ATOM 438  C C4     . A A 1 14 ? 1.128   11.261  -15.826 1.00 0.00 ? 14 A A C4     1 
ATOM 439  H "H5'"  . A A 1 14 ? -3.549  12.742  -18.998 1.00 0.00 ? 14 A A "H5'"  1 
ATOM 440  H "H5''" . A A 1 14 ? -2.978  12.650  -20.678 1.00 0.00 ? 14 A A "H5''" 1 
ATOM 441  H "H4'"  . A A 1 14 ? -1.539  14.214  -19.546 1.00 0.00 ? 14 A A "H4'"  1 
ATOM 442  H "H3'"  . A A 1 14 ? -0.306  11.449  -19.884 1.00 0.00 ? 14 A A "H3'"  1 
ATOM 443  H "H2'"  . A A 1 14 ? 1.714   12.323  -18.945 1.00 0.00 ? 14 A A "H2'"  1 
ATOM 444  H "HO2'" . A A 1 14 ? 0.399   14.801  -19.173 1.00 0.00 ? 14 A A "HO2'" 1 
ATOM 445  H "H1'"  . A A 1 14 ? 0.541   13.694  -16.878 1.00 0.00 ? 14 A A "H1'"  1 
ATOM 446  H H8     . A A 1 14 ? -0.625  10.375  -18.323 1.00 0.00 ? 14 A A H8     1 
ATOM 447  H H61    . A A 1 14 ? 2.278   7.643   -13.606 1.00 0.00 ? 14 A A H61    1 
ATOM 448  H H62    . A A 1 14 ? 1.289   7.371   -15.024 1.00 0.00 ? 14 A A H62    1 
ATOM 449  H H2     . A A 1 14 ? 2.927   12.082  -13.299 1.00 0.00 ? 14 A A H2     1 
ATOM 450  P P      . A A 1 15 ? 0.181   12.051  -22.454 1.00 0.00 ? 15 A A P      1 
ATOM 451  O OP1    . A A 1 15 ? -0.035  12.828  -23.696 1.00 0.00 ? 15 A A OP1    1 
ATOM 452  O OP2    . A A 1 15 ? -0.629  10.841  -22.193 1.00 0.00 ? 15 A A OP2    1 
ATOM 453  O "O5'"  . A A 1 15 ? 1.739   11.643  -22.376 1.00 0.00 ? 15 A A "O5'"  1 
ATOM 454  C "C5'"  . A A 1 15 ? 2.745   12.468  -22.975 1.00 0.00 ? 15 A A "C5'"  1 
ATOM 455  C "C4'"  . A A 1 15 ? 4.075   11.725  -23.111 1.00 0.00 ? 15 A A "C4'"  1 
ATOM 456  O "O4'"  . A A 1 15 ? 4.986   12.089  -22.068 1.00 0.00 ? 15 A A "O4'"  1 
ATOM 457  C "C3'"  . A A 1 15 ? 3.889   10.220  -22.950 1.00 0.00 ? 15 A A "C3'"  1 
ATOM 458  O "O3'"  . A A 1 15 ? 3.566   9.607   -24.208 1.00 0.00 ? 15 A A "O3'"  1 
ATOM 459  C "C2'"  . A A 1 15 ? 5.265   9.814   -22.446 1.00 0.00 ? 15 A A "C2'"  1 
ATOM 460  O "O2'"  . A A 1 15 ? 6.151   9.688   -23.530 1.00 0.00 ? 15 A A "O2'"  1 
ATOM 461  C "C1'"  . A A 1 15 ? 5.710   10.961  -21.550 1.00 0.00 ? 15 A A "C1'"  1 
ATOM 462  N N9     . A A 1 15 ? 5.320   10.700  -20.166 1.00 0.00 ? 15 A A N9     1 
ATOM 463  C C8     . A A 1 15 ? 4.081   10.584  -19.682 1.00 0.00 ? 15 A A C8     1 
ATOM 464  N N7     . A A 1 15 ? 3.945   10.311  -18.427 1.00 0.00 ? 15 A A N7     1 
ATOM 465  C C5     . A A 1 15 ? 5.283   10.230  -18.018 1.00 0.00 ? 15 A A C5     1 
ATOM 466  C C6     . A A 1 15 ? 5.887   9.965   -16.783 1.00 0.00 ? 15 A A C6     1 
ATOM 467  N N6     . A A 1 15 ? 5.196   9.719   -15.671 1.00 0.00 ? 15 A A N6     1 
ATOM 468  N N1     . A A 1 15 ? 7.232   9.965   -16.740 1.00 0.00 ? 15 A A N1     1 
ATOM 469  C C2     . A A 1 15 ? 7.944   10.209  -17.842 1.00 0.00 ? 15 A A C2     1 
ATOM 470  N N3     . A A 1 15 ? 7.477   10.471  -19.060 1.00 0.00 ? 15 A A N3     1 
ATOM 471  C C4     . A A 1 15 ? 6.129   10.467  -19.078 1.00 0.00 ? 15 A A C4     1 
ATOM 472  H "H5'"  . A A 1 15 ? 2.894   13.352  -22.354 1.00 0.00 ? 15 A A "H5'"  1 
ATOM 473  H "H5''" . A A 1 15 ? 2.409   12.780  -23.964 1.00 0.00 ? 15 A A "H5''" 1 
ATOM 474  H "H4'"  . A A 1 15 ? 4.524   11.943  -24.080 1.00 0.00 ? 15 A A "H4'"  1 
ATOM 475  H "H3'"  . A A 1 15 ? 3.127   10.007  -22.195 1.00 0.00 ? 15 A A "H3'"  1 
ATOM 476  H "H2'"  . A A 1 15 ? 5.207   8.883   -21.880 1.00 0.00 ? 15 A A "H2'"  1 
ATOM 477  H "HO2'" . A A 1 15 ? 6.109   10.529  -23.974 1.00 0.00 ? 15 A A "HO2'" 1 
ATOM 478  H "H1'"  . A A 1 15 ? 6.785   11.118  -21.629 1.00 0.00 ? 15 A A "H1'"  1 
ATOM 479  H H8     . A A 1 15 ? 3.228   10.693  -20.352 1.00 0.00 ? 15 A A H8     1 
ATOM 480  H H61    . A A 1 15 ? 5.681   9.534   -14.804 1.00 0.00 ? 15 A A H61    1 
ATOM 481  H H62    . A A 1 15 ? 4.186   9.717   -15.693 1.00 0.00 ? 15 A A H62    1 
ATOM 482  H H2     . A A 1 15 ? 9.029   10.192  -17.732 1.00 0.00 ? 15 A A H2     1 
ATOM 483  P P      . A A 1 16 ? 2.928   8.127   -24.268 1.00 0.00 ? 16 A A P      1 
ATOM 484  O OP1    . A A 1 16 ? 2.457   7.882   -25.650 1.00 0.00 ? 16 A A OP1    1 
ATOM 485  O OP2    . A A 1 16 ? 1.988   7.981   -23.133 1.00 0.00 ? 16 A A OP2    1 
ATOM 486  O "O5'"  . A A 1 16 ? 4.202   7.178   -23.991 1.00 0.00 ? 16 A A "O5'"  1 
ATOM 487  C "C5'"  . A A 1 16 ? 5.264   7.076   -24.949 1.00 0.00 ? 16 A A "C5'"  1 
ATOM 488  C "C4'"  . A A 1 16 ? 6.435   6.258   -24.403 1.00 0.00 ? 16 A A "C4'"  1 
ATOM 489  O "O4'"  . A A 1 16 ? 7.035   6.894   -23.268 1.00 0.00 ? 16 A A "O4'"  1 
ATOM 490  C "C3'"  . A A 1 16 ? 5.972   4.901   -23.883 1.00 0.00 ? 16 A A "C3'"  1 
ATOM 491  O "O3'"  . A A 1 16 ? 5.945   3.921   -24.932 1.00 0.00 ? 16 A A "O3'"  1 
ATOM 492  C "C2'"  . A A 1 16 ? 7.053   4.608   -22.856 1.00 0.00 ? 16 A A "C2'"  1 
ATOM 493  O "O2'"  . A A 1 16 ? 8.193   4.095   -23.499 1.00 0.00 ? 16 A A "O2'"  1 
ATOM 494  C "C1'"  . A A 1 16 ? 7.380   5.958   -22.234 1.00 0.00 ? 16 A A "C1'"  1 
ATOM 495  N N9     . A A 1 16 ? 6.555   6.181   -21.050 1.00 0.00 ? 16 A A N9     1 
ATOM 496  C C8     . A A 1 16 ? 5.226   6.296   -21.000 1.00 0.00 ? 16 A A C8     1 
ATOM 497  N N7     . A A 1 16 ? 4.674   6.450   -19.842 1.00 0.00 ? 16 A A N7     1 
ATOM 498  C C5     . A A 1 16 ? 5.796   6.434   -19.001 1.00 0.00 ? 16 A A C5     1 
ATOM 499  C C6     . A A 1 16 ? 5.948   6.551   -17.614 1.00 0.00 ? 16 A A C6     1 
ATOM 500  N N6     . A A 1 16 ? 4.921   6.713   -16.780 1.00 0.00 ? 16 A A N6     1 
ATOM 501  N N1     . A A 1 16 ? 7.199   6.492   -17.122 1.00 0.00 ? 16 A A N1     1 
ATOM 502  C C2     . A A 1 16 ? 8.240   6.328   -17.940 1.00 0.00 ? 16 A A C2     1 
ATOM 503  N N3     . A A 1 16 ? 8.211   6.207   -19.264 1.00 0.00 ? 16 A A N3     1 
ATOM 504  C C4     . A A 1 16 ? 6.949   6.269   -19.733 1.00 0.00 ? 16 A A C4     1 
ATOM 505  H "H5'"  . A A 1 16 ? 5.616   8.078   -25.198 1.00 0.00 ? 16 A A "H5'"  1 
ATOM 506  H "H5''" . A A 1 16 ? 4.884   6.597   -25.852 1.00 0.00 ? 16 A A "H5''" 1 
ATOM 507  H "H4'"  . A A 1 16 ? 7.186   6.120   -25.182 1.00 0.00 ? 16 A A "H4'"  1 
ATOM 508  H "H3'"  . A A 1 16 ? 4.996   4.991   -23.397 1.00 0.00 ? 16 A A "H3'"  1 
ATOM 509  H "H2'"  . A A 1 16 ? 6.686   3.915   -22.098 1.00 0.00 ? 16 A A "H2'"  1 
ATOM 510  H "HO2'" . A A 1 16 ? 8.416   4.750   -24.153 1.00 0.00 ? 16 A A "HO2'" 1 
ATOM 511  H "H1'"  . A A 1 16 ? 8.439   6.021   -21.988 1.00 0.00 ? 16 A A "H1'"  1 
ATOM 512  H H8     . A A 1 16 ? 4.646   6.236   -21.920 1.00 0.00 ? 16 A A H8     1 
ATOM 513  H H61    . A A 1 16 ? 5.087   6.791   -15.786 1.00 0.00 ? 16 A A H61    1 
ATOM 514  H H62    . A A 1 16 ? 3.979   6.757   -17.140 1.00 0.00 ? 16 A A H62    1 
ATOM 515  H H2     . A A 1 16 ? 9.224   6.290   -17.472 1.00 0.00 ? 16 A A H2     1 
ATOM 516  P P      . A A 1 17 ? 5.204   2.504   -24.722 1.00 0.00 ? 17 A A P      1 
ATOM 517  O OP1    . A A 1 17 ? 5.193   1.792   -26.021 1.00 0.00 ? 17 A A OP1    1 
ATOM 518  O OP2    . A A 1 17 ? 3.932   2.746   -24.005 1.00 0.00 ? 17 A A OP2    1 
ATOM 519  O "O5'"  . A A 1 17 ? 6.203   1.721   -23.726 1.00 0.00 ? 17 A A "O5'"  1 
ATOM 520  C "C5'"  . A A 1 17 ? 7.484   1.262   -24.179 1.00 0.00 ? 17 A A "C5'"  1 
ATOM 521  C "C4'"  . A A 1 17 ? 8.346   0.766   -23.016 1.00 0.00 ? 17 A A "C4'"  1 
ATOM 522  O "O4'"  . A A 1 17 ? 8.531   1.787   -22.027 1.00 0.00 ? 17 A A "O4'"  1 
ATOM 523  C "C3'"  . A A 1 17 ? 7.668   -0.377  -22.267 1.00 0.00 ? 17 A A "C3'"  1 
ATOM 524  O "O3'"  . A A 1 17 ? 7.943   -1.631  -22.911 1.00 0.00 ? 17 A A "O3'"  1 
ATOM 525  C "C2'"  . A A 1 17 ? 8.329   -0.241  -20.905 1.00 0.00 ? 17 A A "C2'"  1 
ATOM 526  O "O2'"  . A A 1 17 ? 9.604   -0.835  -20.934 1.00 0.00 ? 17 A A "O2'"  1 
ATOM 527  C "C1'"  . A A 1 17 ? 8.461   1.261   -20.691 1.00 0.00 ? 17 A A "C1'"  1 
ATOM 528  N N9     . A A 1 17 ? 7.278   1.776   -20.005 1.00 0.00 ? 17 A A N9     1 
ATOM 529  C C8     . A A 1 17 ? 6.023   1.787   -20.458 1.00 0.00 ? 17 A A C8     1 
ATOM 530  N N7     . A A 1 17 ? 5.103   2.252   -19.679 1.00 0.00 ? 17 A A N7     1 
ATOM 531  C C5     . A A 1 17 ? 5.853   2.598   -18.547 1.00 0.00 ? 17 A A C5     1 
ATOM 532  C C6     . A A 1 17 ? 5.506   3.159   -17.312 1.00 0.00 ? 17 A A C6     1 
ATOM 533  N N6     . A A 1 17 ? 4.258   3.490   -16.985 1.00 0.00 ? 17 A A N6     1 
ATOM 534  N N1     . A A 1 17 ? 6.499   3.367   -16.428 1.00 0.00 ? 17 A A N1     1 
ATOM 535  C C2     . A A 1 17 ? 7.757   3.044   -16.735 1.00 0.00 ? 17 A A C2     1 
ATOM 536  N N3     . A A 1 17 ? 8.196   2.508   -17.871 1.00 0.00 ? 17 A A N3     1 
ATOM 537  C C4     . A A 1 17 ? 7.185   2.309   -18.739 1.00 0.00 ? 17 A A C4     1 
ATOM 538  H "H5'"  . A A 1 17 ? 7.998   2.082   -24.679 1.00 0.00 ? 17 A A "H5'"  1 
ATOM 539  H "H5''" . A A 1 17 ? 7.338   0.447   -24.889 1.00 0.00 ? 17 A A "H5''" 1 
ATOM 540  H "H4'"  . A A 1 17 ? 9.317   0.440   -23.389 1.00 0.00 ? 17 A A "H4'"  1 
ATOM 541  H "H3'"  . A A 1 17 ? 6.591   -0.196  -22.189 1.00 0.00 ? 17 A A "H3'"  1 
ATOM 542  H "H2'"  . A A 1 17 ? 7.705   -0.688  -20.127 1.00 0.00 ? 17 A A "H2'"  1 
ATOM 543  H "HO2'" . A A 1 17 ? 10.037  -0.442  -21.685 1.00 0.00 ? 17 A A "HO2'" 1 
ATOM 544  H "H1'"  . A A 1 17 ? 9.369   1.495   -20.134 1.00 0.00 ? 17 A A "H1'"  1 
ATOM 545  H H8     . A A 1 17 ? 5.805   1.393   -21.449 1.00 0.00 ? 17 A A H8     1 
ATOM 546  H H61    . A A 1 17 ? 4.062   3.893   -16.080 1.00 0.00 ? 17 A A H61    1 
ATOM 547  H H62    . A A 1 17 ? 3.506   3.337   -17.642 1.00 0.00 ? 17 A A H62    1 
ATOM 548  H H2     . A A 1 17 ? 8.509   3.241   -15.970 1.00 0.00 ? 17 A A H2     1 
ATOM 549  P P      . C A 1 18 ? 7.349   -3.014  -22.329 1.00 0.00 ? 18 C A P      1 
ATOM 550  O OP1    . C A 1 18 ? 6.653   -3.717  -23.430 1.00 0.00 ? 18 C A OP1    1 
ATOM 551  O OP2    . C A 1 18 ? 6.628   -2.719  -21.071 1.00 0.00 ? 18 C A OP2    1 
ATOM 552  O "O5'"  . C A 1 18 ? 8.682   -3.843  -21.963 1.00 0.00 ? 18 C A "O5'"  1 
ATOM 553  C "C5'"  . C A 1 18 ? 9.357   -4.623  -22.958 1.00 0.00 ? 18 C A "C5'"  1 
ATOM 554  C "C4'"  . C A 1 18 ? 10.479  -5.468  -22.354 1.00 0.00 ? 18 C A "C4'"  1 
ATOM 555  O "O4'"  . C A 1 18 ? 11.761  -4.866  -22.573 1.00 0.00 ? 18 C A "O4'"  1 
ATOM 556  C "C3'"  . C A 1 18 ? 10.345  -5.578  -20.840 1.00 0.00 ? 18 C A "C3'"  1 
ATOM 557  O "O3'"  . C A 1 18 ? 9.503   -6.680  -20.474 1.00 0.00 ? 18 C A "O3'"  1 
ATOM 558  C "C2'"  . C A 1 18 ? 11.783  -5.812  -20.404 1.00 0.00 ? 18 C A "C2'"  1 
ATOM 559  O "O2'"  . C A 1 18 ? 12.123  -7.203  -20.453 1.00 0.00 ? 18 C A "O2'"  1 
ATOM 560  C "C1'"  . C A 1 18 ? 12.600  -5.007  -21.415 1.00 0.00 ? 18 C A "C1'"  1 
ATOM 561  N N1     . C A 1 18 ? 12.994  -3.686  -20.870 1.00 0.00 ? 18 C A N1     1 
ATOM 562  C C2     . C A 1 18 ? 14.101  -3.644  -20.032 1.00 0.00 ? 18 C A C2     1 
ATOM 563  O O2     . C A 1 18 ? 14.709  -4.678  -19.761 1.00 0.00 ? 18 C A O2     1 
ATOM 564  N N3     . C A 1 18 ? 14.485  -2.440  -19.528 1.00 0.00 ? 18 C A N3     1 
ATOM 565  C C4     . C A 1 18 ? 13.816  -1.320  -19.831 1.00 0.00 ? 18 C A C4     1 
ATOM 566  N N4     . C A 1 18 ? 14.224  -0.158  -19.321 1.00 0.00 ? 18 C A N4     1 
ATOM 567  C C5     . C A 1 18 ? 12.675  -1.356  -20.694 1.00 0.00 ? 18 C A C5     1 
ATOM 568  C C6     . C A 1 18 ? 12.300  -2.551  -21.188 1.00 0.00 ? 18 C A C6     1 
ATOM 569  H "H5'"  . C A 1 18 ? 9.781   -3.953  -23.707 1.00 0.00 ? 18 C A "H5'"  1 
ATOM 570  H "H5''" . C A 1 18 ? 8.635   -5.283  -23.441 1.00 0.00 ? 18 C A "H5''" 1 
ATOM 571  H "H4'"  . C A 1 18 ? 10.468  -6.464  -22.797 1.00 0.00 ? 18 C A "H4'"  1 
ATOM 572  H "H3'"  . C A 1 18 ? 9.970   -4.639  -20.424 1.00 0.00 ? 18 C A "H3'"  1 
ATOM 573  H "H2'"  . C A 1 18 ? 11.936  -5.414  -19.398 1.00 0.00 ? 18 C A "H2'"  1 
ATOM 574  H "HO2'" . C A 1 18 ? 12.018  -7.492  -21.362 1.00 0.00 ? 18 C A "HO2'" 1 
ATOM 575  H "H1'"  . C A 1 18 ? 13.495  -5.570  -21.686 1.00 0.00 ? 18 C A "H1'"  1 
ATOM 576  H H41    . C A 1 18 ? 15.029  -0.128  -18.711 1.00 0.00 ? 18 C A H41    1 
ATOM 577  H H42    . C A 1 18 ? 13.727  0.693   -19.543 1.00 0.00 ? 18 C A H42    1 
ATOM 578  H H5     . C A 1 18 ? 12.128  -0.445  -20.942 1.00 0.00 ? 18 C A H5     1 
ATOM 579  H H6     . C A 1 18 ? 11.436  -2.614  -21.850 1.00 0.00 ? 18 C A H6     1 
ATOM 580  P P      . G A 1 19 ? 8.443   -6.547  -19.266 1.00 0.00 ? 19 G A P      1 
ATOM 581  O OP1    . G A 1 19 ? 7.626   -7.782  -19.230 1.00 0.00 ? 19 G A OP1    1 
ATOM 582  O OP2    . G A 1 19 ? 7.779   -5.228  -19.375 1.00 0.00 ? 19 G A OP2    1 
ATOM 583  O "O5'"  . G A 1 19 ? 9.389   -6.529  -17.961 1.00 0.00 ? 19 G A "O5'"  1 
ATOM 584  C "C5'"  . G A 1 19 ? 10.148  -7.689  -17.582 1.00 0.00 ? 19 G A "C5'"  1 
ATOM 585  C "C4'"  . G A 1 19 ? 11.263  -7.355  -16.598 1.00 0.00 ? 19 G A "C4'"  1 
ATOM 586  O "O4'"  . G A 1 19 ? 12.095  -6.298  -17.092 1.00 0.00 ? 19 G A "O4'"  1 
ATOM 587  C "C3'"  . G A 1 19 ? 10.705  -6.820  -15.282 1.00 0.00 ? 19 G A "C3'"  1 
ATOM 588  O "O3'"  . G A 1 19 ? 10.418  -7.887  -14.364 1.00 0.00 ? 19 G A "O3'"  1 
ATOM 589  C "C2'"  . G A 1 19 ? 11.865  -5.964  -14.802 1.00 0.00 ? 19 G A "C2'"  1 
ATOM 590  O "O2'"  . G A 1 19 ? 12.827  -6.775  -14.173 1.00 0.00 ? 19 G A "O2'"  1 
ATOM 591  C "C1'"  . G A 1 19 ? 12.452  -5.357  -16.068 1.00 0.00 ? 19 G A "C1'"  1 
ATOM 592  N N9     . G A 1 19 ? 11.838  -4.060  -16.336 1.00 0.00 ? 19 G A N9     1 
ATOM 593  C C8     . G A 1 19 ? 10.558  -3.816  -16.628 1.00 0.00 ? 19 G A C8     1 
ATOM 594  N N7     . G A 1 19 ? 10.199  -2.587  -16.801 1.00 0.00 ? 19 G A N7     1 
ATOM 595  C C5     . G A 1 19 ? 11.408  -1.912  -16.593 1.00 0.00 ? 19 G A C5     1 
ATOM 596  C C6     . G A 1 19 ? 11.697  -0.521  -16.638 1.00 0.00 ? 19 G A C6     1 
ATOM 597  O O6     . G A 1 19 ? 10.931  0.410   -16.874 1.00 0.00 ? 19 G A O6     1 
ATOM 598  N N1     . G A 1 19 ? 13.038  -0.271  -16.369 1.00 0.00 ? 19 G A N1     1 
ATOM 599  C C2     . G A 1 19 ? 13.988  -1.236  -16.091 1.00 0.00 ? 19 G A C2     1 
ATOM 600  N N2     . G A 1 19 ? 15.226  -0.797  -15.858 1.00 0.00 ? 19 G A N2     1 
ATOM 601  N N3     . G A 1 19 ? 13.724  -2.547  -16.047 1.00 0.00 ? 19 G A N3     1 
ATOM 602  C C4     . G A 1 19 ? 12.424  -2.813  -16.306 1.00 0.00 ? 19 G A C4     1 
ATOM 603  H "H5'"  . G A 1 19 ? 10.619  -8.112  -18.458 1.00 0.00 ? 19 G A "H5'"  1 
ATOM 604  H "H5''" . G A 1 19 ? 9.460   -8.426  -17.139 1.00 0.00 ? 19 G A "H5''" 1 
ATOM 605  H "H4'"  . G A 1 19 ? 11.872  -8.239  -16.411 1.00 0.00 ? 19 G A "H4'"  1 
ATOM 606  H "H3'"  . G A 1 19 ? 9.820   -6.201  -15.464 1.00 0.00 ? 19 G A "H3'"  1 
ATOM 607  H "H2'"  . G A 1 19 ? 11.513  -5.181  -14.127 1.00 0.00 ? 19 G A "H2'"  1 
ATOM 608  H "HO2'" . G A 1 19 ? 13.048  -7.434  -14.825 1.00 0.00 ? 19 G A "HO2'" 1 
ATOM 609  H "H1'"  . G A 1 19 ? 13.534  -5.265  -15.985 1.00 0.00 ? 19 G A "H1'"  1 
ATOM 610  H H8     . G A 1 19 ? 9.853   -4.644  -16.681 1.00 0.00 ? 19 G A H8     1 
ATOM 611  H H1     . G A 1 19 ? 13.319  0.699   -16.384 1.00 0.00 ? 19 G A H1     1 
ATOM 612  H H21    . G A 1 19 ? 15.426  0.193   -15.892 1.00 0.00 ? 19 G A H21    1 
ATOM 613  H H22    . G A 1 19 ? 15.964  -1.454  -15.650 1.00 0.00 ? 19 G A H22    1 
ATOM 614  P P      . A A 1 20 ? 9.223   -7.760  -13.289 1.00 0.00 ? 20 A A P      1 
ATOM 615  O OP1    . A A 1 20 ? 9.326   -8.897  -12.347 1.00 0.00 ? 20 A A OP1    1 
ATOM 616  O OP2    . A A 1 20 ? 7.960   -7.527  -14.026 1.00 0.00 ? 20 A A OP2    1 
ATOM 617  O "O5'"  . A A 1 20 ? 9.597   -6.408  -12.494 1.00 0.00 ? 20 A A "O5'"  1 
ATOM 618  C "C5'"  . A A 1 20 ? 10.546  -6.423  -11.420 1.00 0.00 ? 20 A A "C5'"  1 
ATOM 619  C "C4'"  . A A 1 20 ? 10.902  -5.005  -10.966 1.00 0.00 ? 20 A A "C4'"  1 
ATOM 620  O "O4'"  . A A 1 20 ? 11.247  -4.170  -12.083 1.00 0.00 ? 20 A A "O4'"  1 
ATOM 621  C "C3'"  . A A 1 20 ? 9.702   -4.308  -10.326 1.00 0.00 ? 20 A A "C3'"  1 
ATOM 622  O "O3'"  . A A 1 20 ? 9.558   -4.588  -8.924  1.00 0.00 ? 20 A A "O3'"  1 
ATOM 623  C "C2'"  . A A 1 20 ? 10.114  -2.866  -10.546 1.00 0.00 ? 20 A A "C2'"  1 
ATOM 624  O "O2'"  . A A 1 20 ? 11.101  -2.506  -9.615  1.00 0.00 ? 20 A A "O2'"  1 
ATOM 625  C "C1'"  . A A 1 20 ? 10.726  -2.841  -11.931 1.00 0.00 ? 20 A A "C1'"  1 
ATOM 626  N N9     . A A 1 20 ? 9.713   -2.584  -12.945 1.00 0.00 ? 20 A A N9     1 
ATOM 627  C C8     . A A 1 20 ? 8.924   -3.477  -13.535 1.00 0.00 ? 20 A A C8     1 
ATOM 628  N N7     . A A 1 20 ? 8.080   -3.051  -14.417 1.00 0.00 ? 20 A A N7     1 
ATOM 629  C C5     . A A 1 20 ? 8.348   -1.675  -14.407 1.00 0.00 ? 20 A A C5     1 
ATOM 630  C C6     . A A 1 20 ? 7.809   -0.594  -15.112 1.00 0.00 ? 20 A A C6     1 
ATOM 631  N N6     . A A 1 20 ? 6.839   -0.724  -16.017 1.00 0.00 ? 20 A A N6     1 
ATOM 632  N N1     . A A 1 20 ? 8.311   0.627   -14.850 1.00 0.00 ? 20 A A N1     1 
ATOM 633  C C2     . A A 1 20 ? 9.284   0.779   -13.948 1.00 0.00 ? 20 A A C2     1 
ATOM 634  N N3     . A A 1 20 ? 9.866   -0.174  -13.227 1.00 0.00 ? 20 A A N3     1 
ATOM 635  C C4     . A A 1 20 ? 9.347   -1.384  -13.507 1.00 0.00 ? 20 A A C4     1 
ATOM 636  H "H5'"  . A A 1 20 ? 11.454  -6.927  -11.753 1.00 0.00 ? 20 A A "H5'"  1 
ATOM 637  H "H5''" . A A 1 20 ? 10.123  -6.972  -10.576 1.00 0.00 ? 20 A A "H5''" 1 
ATOM 638  H "H4'"  . A A 1 20 ? 11.734  -5.036  -10.263 1.00 0.00 ? 20 A A "H4'"  1 
ATOM 639  H "H3'"  . A A 1 20 ? 8.784   -4.534  -10.879 1.00 0.00 ? 20 A A "H3'"  1 
ATOM 640  H "H2'"  . A A 1 20 ? 9.253   -2.199  -10.488 1.00 0.00 ? 20 A A "H2'"  1 
ATOM 641  H "HO2'" . A A 1 20 ? 11.882  -2.974  -9.908  1.00 0.00 ? 20 A A "HO2'" 1 
ATOM 642  H "H1'"  . A A 1 20 ? 11.525  -2.101  -11.983 1.00 0.00 ? 20 A A "H1'"  1 
ATOM 643  H H8     . A A 1 20 ? 9.004   -4.524  -13.257 1.00 0.00 ? 20 A A H8     1 
ATOM 644  H H61    . A A 1 20 ? 6.485   0.091   -16.498 1.00 0.00 ? 20 A A H61    1 
ATOM 645  H H62    . A A 1 20 ? 6.455   -1.636  -16.221 1.00 0.00 ? 20 A A H62    1 
ATOM 646  H H2     . A A 1 20 ? 9.634   1.795   -13.779 1.00 0.00 ? 20 A A H2     1 
ATOM 647  P P      . A A 1 21 ? 8.338   -3.962  -8.074  1.00 0.00 ? 21 A A P      1 
ATOM 648  O OP1    . A A 1 21 ? 8.498   -4.377  -6.662  1.00 0.00 ? 21 A A OP1    1 
ATOM 649  O OP2    . A A 1 21 ? 7.076   -4.259  -8.788  1.00 0.00 ? 21 A A OP2    1 
ATOM 650  O "O5'"  . A A 1 21 ? 8.606   -2.372  -8.166  1.00 0.00 ? 21 A A "O5'"  1 
ATOM 651  C "C5'"  . A A 1 21 ? 9.629   -1.750  -7.377  1.00 0.00 ? 21 A A "C5'"  1 
ATOM 652  C "C4'"  . A A 1 21 ? 9.544   -0.222  -7.438  1.00 0.00 ? 21 A A "C4'"  1 
ATOM 653  O "O4'"  . A A 1 21 ? 9.724   0.271   -8.775  1.00 0.00 ? 21 A A "O4'"  1 
ATOM 654  C "C3'"  . A A 1 21 ? 8.163   0.273   -7.020  1.00 0.00 ? 21 A A "C3'"  1 
ATOM 655  O "O3'"  . A A 1 21 ? 8.115   0.419   -5.594  1.00 0.00 ? 21 A A "O3'"  1 
ATOM 656  C "C2'"  . A A 1 21 ? 8.095   1.599   -7.759  1.00 0.00 ? 21 A A "C2'"  1 
ATOM 657  O "O2'"  . A A 1 21 ? 8.777   2.586   -7.032  1.00 0.00 ? 21 A A "O2'"  1 
ATOM 658  C "C1'"  . A A 1 21 ? 8.816   1.349   -9.074  1.00 0.00 ? 21 A A "C1'"  1 
ATOM 659  N N9     . A A 1 21 ? 7.869   0.945   -10.107 1.00 0.00 ? 21 A A N9     1 
ATOM 660  C C8     . A A 1 21 ? 7.270   -0.236  -10.228 1.00 0.00 ? 21 A A C8     1 
ATOM 661  N N7     . A A 1 21 ? 6.435   -0.397  -11.201 1.00 0.00 ? 21 A A N7     1 
ATOM 662  C C5     . A A 1 21 ? 6.491   0.860   -11.818 1.00 0.00 ? 21 A A C5     1 
ATOM 663  C C6     . A A 1 21 ? 5.845   1.402   -12.935 1.00 0.00 ? 21 A A C6     1 
ATOM 664  N N6     . A A 1 21 ? 4.971   0.719   -13.675 1.00 0.00 ? 21 A A N6     1 
ATOM 665  N N1     . A A 1 21 ? 6.137   2.674   -13.261 1.00 0.00 ? 21 A A N1     1 
ATOM 666  C C2     . A A 1 21 ? 7.010   3.376   -12.534 1.00 0.00 ? 21 A A C2     1 
ATOM 667  N N3     . A A 1 21 ? 7.675   2.964   -11.459 1.00 0.00 ? 21 A A N3     1 
ATOM 668  C C4     . A A 1 21 ? 7.368   1.687   -11.153 1.00 0.00 ? 21 A A C4     1 
ATOM 669  H "H5'"  . A A 1 21 ? 10.605  -2.065  -7.748  1.00 0.00 ? 21 A A "H5'"  1 
ATOM 670  H "H5''" . A A 1 21 ? 9.523   -2.071  -6.340  1.00 0.00 ? 21 A A "H5''" 1 
ATOM 671  H "H4'"  . A A 1 21 ? 10.302  0.213   -6.787  1.00 0.00 ? 21 A A "H4'"  1 
ATOM 672  H "H3'"  . A A 1 21 ? 7.386   -0.409  -7.379  1.00 0.00 ? 21 A A "H3'"  1 
ATOM 673  H "H2'"  . A A 1 21 ? 7.057   1.889   -7.936  1.00 0.00 ? 21 A A "H2'"  1 
ATOM 674  H "HO2'" . A A 1 21 ? 9.688   2.311   -7.056  1.00 0.00 ? 21 A A "HO2'" 1 
ATOM 675  H "H1'"  . A A 1 21 ? 9.369   2.238   -9.382  1.00 0.00 ? 21 A A "H1'"  1 
ATOM 676  H H8     . A A 1 21 ? 7.489   -1.019  -9.508  1.00 0.00 ? 21 A A H8     1 
ATOM 677  H H61    . A A 1 21 ? 4.532   1.158   -14.472 1.00 0.00 ? 21 A A H61    1 
ATOM 678  H H62    . A A 1 21 ? 4.746   -0.236  -13.437 1.00 0.00 ? 21 A A H62    1 
ATOM 679  H H2     . A A 1 21 ? 7.197   4.400   -12.858 1.00 0.00 ? 21 A A H2     1 
ATOM 680  P P      . A A 1 22 ? 6.776   0.932   -4.855  1.00 0.00 ? 22 A A P      1 
ATOM 681  O OP1    . A A 1 22 ? 6.546   0.078   -3.668  1.00 0.00 ? 22 A A OP1    1 
ATOM 682  O OP2    . A A 1 22 ? 5.711   1.080   -5.873  1.00 0.00 ? 22 A A OP2    1 
ATOM 683  O "O5'"  . A A 1 22 ? 7.197   2.404   -4.348  1.00 0.00 ? 22 A A "O5'"  1 
ATOM 684  C "C5'"  . A A 1 22 ? 8.189   2.569   -3.327  1.00 0.00 ? 22 A A "C5'"  1 
ATOM 685  C "C4'"  . A A 1 22 ? 8.811   3.967   -3.357  1.00 0.00 ? 22 A A "C4'"  1 
ATOM 686  O "O4'"  . A A 1 22 ? 9.602   4.167   -4.537  1.00 0.00 ? 22 A A "O4'"  1 
ATOM 687  C "C3'"  . A A 1 22 ? 7.744   5.056   -3.427  1.00 0.00 ? 22 A A "C3'"  1 
ATOM 688  O "O3'"  . A A 1 22 ? 7.223   5.416   -2.139  1.00 0.00 ? 22 A A "O3'"  1 
ATOM 689  C "C2'"  . A A 1 22 ? 8.577   6.185   -4.011  1.00 0.00 ? 22 A A "C2'"  1 
ATOM 690  O "O2'"  . A A 1 22 ? 9.379   6.755   -3.005  1.00 0.00 ? 22 A A "O2'"  1 
ATOM 691  C "C1'"  . A A 1 22 ? 9.455   5.502   -5.048  1.00 0.00 ? 22 A A "C1'"  1 
ATOM 692  N N9     . A A 1 22 ? 8.779   5.482   -6.344  1.00 0.00 ? 22 A A N9     1 
ATOM 693  C C8     . A A 1 22 ? 7.663   4.824   -6.665  1.00 0.00 ? 22 A A C8     1 
ATOM 694  N N7     . A A 1 22 ? 7.198   4.970   -7.862  1.00 0.00 ? 22 A A N7     1 
ATOM 695  C C5     . A A 1 22 ? 8.137   5.851   -8.415  1.00 0.00 ? 22 A A C5     1 
ATOM 696  C C6     . A A 1 22 ? 8.261   6.440   -9.678  1.00 0.00 ? 22 A A C6     1 
ATOM 697  N N6     . A A 1 22 ? 7.396   6.228   -10.670 1.00 0.00 ? 22 A A N6     1 
ATOM 698  N N1     . A A 1 22 ? 9.309   7.259   -9.879  1.00 0.00 ? 22 A A N1     1 
ATOM 699  C C2     . A A 1 22 ? 10.187  7.488   -8.898  1.00 0.00 ? 22 A A C2     1 
ATOM 700  N N3     . A A 1 22 ? 10.165  6.985   -7.668  1.00 0.00 ? 22 A A N3     1 
ATOM 701  C C4     . A A 1 22 ? 9.108   6.169   -7.491  1.00 0.00 ? 22 A A C4     1 
ATOM 702  H "H5'"  . A A 1 22 ? 8.975   1.828   -3.473  1.00 0.00 ? 22 A A "H5'"  1 
ATOM 703  H "H5''" . A A 1 22 ? 7.725   2.406   -2.353  1.00 0.00 ? 22 A A "H5''" 1 
ATOM 704  H "H4'"  . A A 1 22 ? 9.433   4.113   -2.475  1.00 0.00 ? 22 A A "H4'"  1 
ATOM 705  H "H3'"  . A A 1 22 ? 6.946   4.770   -4.120  1.00 0.00 ? 22 A A "H3'"  1 
ATOM 706  H "H2'"  . A A 1 22 ? 7.936   6.937   -4.478  1.00 0.00 ? 22 A A "H2'"  1 
ATOM 707  H "HO2'" . A A 1 22 ? 9.856   6.020   -2.630  1.00 0.00 ? 22 A A "HO2'" 1 
ATOM 708  H "H1'"  . A A 1 22 ? 10.424  5.998   -5.122  1.00 0.00 ? 22 A A "H1'"  1 
ATOM 709  H H8     . A A 1 22 ? 7.170   4.202   -5.919  1.00 0.00 ? 22 A A H8     1 
ATOM 710  H H61    . A A 1 22 ? 7.532   6.678   -11.564 1.00 0.00 ? 22 A A H61    1 
ATOM 711  H H62    . A A 1 22 ? 6.605   5.616   -10.528 1.00 0.00 ? 22 A A H62    1 
ATOM 712  H H2     . A A 1 22 ? 11.011  8.161   -9.133  1.00 0.00 ? 22 A A H2     1 
ATOM 713  P P      . C A 1 23 ? 5.669   5.184   -1.782  1.00 0.00 ? 23 C A P      1 
ATOM 714  O OP1    . C A 1 23 ? 5.360   5.944   -0.549  1.00 0.00 ? 23 C A OP1    1 
ATOM 715  O OP2    . C A 1 23 ? 5.393   3.730   -1.840  1.00 0.00 ? 23 C A OP2    1 
ATOM 716  O "O5'"  . C A 1 23 ? 4.907   5.890   -3.016  1.00 0.00 ? 23 C A "O5'"  1 
ATOM 717  C "C5'"  . C A 1 23 ? 4.773   7.315   -3.080  1.00 0.00 ? 23 C A "C5'"  1 
ATOM 718  C "C4'"  . C A 1 23 ? 3.637   7.734   -4.019  1.00 0.00 ? 23 C A "C4'"  1 
ATOM 719  O "O4'"  . C A 1 23 ? 3.843   7.151   -5.313  1.00 0.00 ? 23 C A "O4'"  1 
ATOM 720  C "C3'"  . C A 1 23 ? 2.298   7.164   -3.547  1.00 0.00 ? 23 C A "C3'"  1 
ATOM 721  O "O3'"  . C A 1 23 ? 1.249   7.965   -2.988  1.00 0.00 ? 23 C A "O3'"  1 
ATOM 722  C "C2'"  . C A 1 23 ? 1.565   7.023   -4.874  1.00 0.00 ? 23 C A "C2'"  1 
ATOM 723  O "O2'"  . C A 1 23 ? 0.986   8.258   -5.244  1.00 0.00 ? 23 C A "O2'"  1 
ATOM 724  C "C1'"  . C A 1 23 ? 2.634   6.628   -5.881  1.00 0.00 ? 23 C A "C1'"  1 
ATOM 725  N N1     . C A 1 23 ? 2.708   5.168   -6.028  1.00 0.00 ? 23 C A N1     1 
ATOM 726  C C2     . C A 1 23 ? 2.317   4.603   -7.232  1.00 0.00 ? 23 C A C2     1 
ATOM 727  O O2     . C A 1 23 ? 1.923   5.319   -8.152  1.00 0.00 ? 23 C A O2     1 
ATOM 728  N N3     . C A 1 23 ? 2.383   3.249   -7.357  1.00 0.00 ? 23 C A N3     1 
ATOM 729  C C4     . C A 1 23 ? 2.816   2.486   -6.342  1.00 0.00 ? 23 C A C4     1 
ATOM 730  N N4     . C A 1 23 ? 2.868   1.163   -6.496  1.00 0.00 ? 23 C A N4     1 
ATOM 731  C C5     . C A 1 23 ? 3.218   3.075   -5.100  1.00 0.00 ? 23 C A C5     1 
ATOM 732  C C6     . C A 1 23 ? 3.144   4.415   -4.994  1.00 0.00 ? 23 C A C6     1 
ATOM 733  H "H5'"  . C A 1 23 ? 5.708   7.745   -3.441  1.00 0.00 ? 23 C A "H5'"  1 
ATOM 734  H "H5''" . C A 1 23 ? 4.569   7.700   -2.079  1.00 0.00 ? 23 C A "H5''" 1 
ATOM 735  H "H4'"  . C A 1 23 ? 3.587   8.818   -4.101  1.00 0.00 ? 23 C A "H4'"  1 
ATOM 736  H "H3'"  . C A 1 23 ? 2.404   6.200   -3.047  1.00 0.00 ? 23 C A "H3'"  1 
ATOM 737  H "H2'"  . C A 1 23 ? 0.802   6.243   -4.805  1.00 0.00 ? 23 C A "H2'"  1 
ATOM 738  H "HO2'" . C A 1 23 ? 1.707   8.882   -5.255  1.00 0.00 ? 23 C A "HO2'" 1 
ATOM 739  H "H1'"  . C A 1 23 ? 2.434   7.097   -6.843  1.00 0.00 ? 23 C A "H1'"  1 
ATOM 740  H H41    . C A 1 23 ? 2.584   0.745   -7.370  1.00 0.00 ? 23 C A H41    1 
ATOM 741  H H42    . C A 1 23 ? 3.189   0.579   -5.737  1.00 0.00 ? 23 C A H42    1 
ATOM 742  H H5     . C A 1 23 ? 3.578   2.462   -4.273  1.00 0.00 ? 23 C A H5     1 
ATOM 743  H H6     . C A 1 23 ? 3.417   4.914   -4.065  1.00 0.00 ? 23 C A H6     1 
ATOM 744  P P      . A A 1 24 ? 0.828   7.815   -1.440  1.00 0.00 ? 24 A A P      1 
ATOM 745  O OP1    . A A 1 24 ? 0.661   9.172   -0.873  1.00 0.00 ? 24 A A OP1    1 
ATOM 746  O OP2    . A A 1 24 ? 1.755   6.858   -0.796  1.00 0.00 ? 24 A A OP2    1 
ATOM 747  O "O5'"  . A A 1 24 ? -0.626  7.125   -1.533  1.00 0.00 ? 24 A A "O5'"  1 
ATOM 748  C "C5'"  . A A 1 24 ? -1.513  7.417   -2.621  1.00 0.00 ? 24 A A "C5'"  1 
ATOM 749  C "C4'"  . A A 1 24 ? -2.343  6.192   -3.013  1.00 0.00 ? 24 A A "C4'"  1 
ATOM 750  O "O4'"  . A A 1 24 ? -1.615  5.319   -3.892  1.00 0.00 ? 24 A A "O4'"  1 
ATOM 751  C "C3'"  . A A 1 24 ? -2.656  5.320   -1.798  1.00 0.00 ? 24 A A "C3'"  1 
ATOM 752  O "O3'"  . A A 1 24 ? -3.804  5.694   -1.013  1.00 0.00 ? 24 A A "O3'"  1 
ATOM 753  C "C2'"  . A A 1 24 ? -2.948  4.024   -2.528  1.00 0.00 ? 24 A A "C2'"  1 
ATOM 754  O "O2'"  . A A 1 24 ? -4.201  4.102   -3.157  1.00 0.00 ? 24 A A "O2'"  1 
ATOM 755  C "C1'"  . A A 1 24 ? -1.880  3.937   -3.602  1.00 0.00 ? 24 A A "C1'"  1 
ATOM 756  N N9     . A A 1 24 ? -0.670  3.297   -3.100  1.00 0.00 ? 24 A A N9     1 
ATOM 757  C C8     . A A 1 24 ? 0.369   3.895   -2.522  1.00 0.00 ? 24 A A C8     1 
ATOM 758  N N7     . A A 1 24 ? 1.358   3.158   -2.138  1.00 0.00 ? 24 A A N7     1 
ATOM 759  C C5     . A A 1 24 ? 0.909   1.884   -2.513  1.00 0.00 ? 24 A A C5     1 
ATOM 760  C C6     . A A 1 24 ? 1.470   0.606   -2.403  1.00 0.00 ? 24 A A C6     1 
ATOM 761  N N6     . A A 1 24 ? 2.664   0.378   -1.855  1.00 0.00 ? 24 A A N6     1 
ATOM 762  N N1     . A A 1 24 ? 0.751   -0.427  -2.878  1.00 0.00 ? 24 A A N1     1 
ATOM 763  C C2     . A A 1 24 ? -0.446  -0.221  -3.431  1.00 0.00 ? 24 A A C2     1 
ATOM 764  N N3     . A A 1 24 ? -1.071  0.943   -3.587  1.00 0.00 ? 24 A A N3     1 
ATOM 765  C C4     . A A 1 24 ? -0.332  1.962   -3.104  1.00 0.00 ? 24 A A C4     1 
ATOM 766  H "H5'"  . A A 1 24 ? -0.927  7.739   -3.482  1.00 0.00 ? 24 A A "H5'"  1 
ATOM 767  H "H5''" . A A 1 24 ? -2.183  8.223   -2.327  1.00 0.00 ? 24 A A "H5''" 1 
ATOM 768  H "H4'"  . A A 1 24 ? -3.267  6.508   -3.497  1.00 0.00 ? 24 A A "H4'"  1 
ATOM 769  H "H3'"  . A A 1 24 ? -1.764  5.206   -1.172  1.00 0.00 ? 24 A A "H3'"  1 
ATOM 770  H "H2'"  . A A 1 24 ? -2.896  3.170   -1.850  1.00 0.00 ? 24 A A "H2'"  1 
ATOM 771  H "HO2'" . A A 1 24 ? -4.057  4.688   -3.900  1.00 0.00 ? 24 A A "HO2'" 1 
ATOM 772  H "H1'"  . A A 1 24 ? -2.260  3.420   -4.486  1.00 0.00 ? 24 A A "H1'"  1 
ATOM 773  H H8     . A A 1 24 ? 0.355   4.974   -2.388  1.00 0.00 ? 24 A A H8     1 
ATOM 774  H H61    . A A 1 24 ? 3.022   -0.564  -1.799  1.00 0.00 ? 24 A A H61    1 
ATOM 775  H H62    . A A 1 24 ? 3.210   1.148   -1.495  1.00 0.00 ? 24 A A H62    1 
ATOM 776  H H2     . A A 1 24 ? -0.971  -1.105  -3.794  1.00 0.00 ? 24 A A H2     1 
ATOM 777  P P      . G A 1 25 ? -4.852  6.805   -1.533  1.00 0.00 ? 25 G A P      1 
ATOM 778  O OP1    . G A 1 25 ? -5.119  6.561   -2.968  1.00 0.00 ? 25 G A OP1    1 
ATOM 779  O OP2    . G A 1 25 ? -4.377  8.134   -1.087  1.00 0.00 ? 25 G A OP2    1 
ATOM 780  O "O5'"  . G A 1 25 ? -6.187  6.444   -0.705  1.00 0.00 ? 25 G A "O5'"  1 
ATOM 781  C "C5'"  . G A 1 25 ? -7.486  6.606   -1.298  1.00 0.00 ? 25 G A "C5'"  1 
ATOM 782  C "C4'"  . G A 1 25 ? -8.438  5.472   -0.936  1.00 0.00 ? 25 G A "C4'"  1 
ATOM 783  O "O4'"  . G A 1 25 ? -8.624  4.579   -2.037  1.00 0.00 ? 25 G A "O4'"  1 
ATOM 784  C "C3'"  . G A 1 25 ? -7.869  4.609   0.171   1.00 0.00 ? 25 G A "C3'"  1 
ATOM 785  O "O3'"  . G A 1 25 ? -8.261  5.161   1.440   1.00 0.00 ? 25 G A "O3'"  1 
ATOM 786  C "C2'"  . G A 1 25 ? -8.537  3.277   -0.123  1.00 0.00 ? 25 G A "C2'"  1 
ATOM 787  O "O2'"  . G A 1 25 ? -9.769  3.150   0.536   1.00 0.00 ? 25 G A "O2'"  1 
ATOM 788  C "C1'"  . G A 1 25 ? -8.673  3.196   -1.636  1.00 0.00 ? 25 G A "C1'"  1 
ATOM 789  N N9     . G A 1 25 ? -7.560  2.404   -2.156  1.00 0.00 ? 25 G A N9     1 
ATOM 790  C C8     . G A 1 25 ? -6.248  2.590   -1.942  1.00 0.00 ? 25 G A C8     1 
ATOM 791  N N7     . G A 1 25 ? -5.434  1.659   -2.313  1.00 0.00 ? 25 G A N7     1 
ATOM 792  C C5     . G A 1 25 ? -6.316  0.711   -2.841  1.00 0.00 ? 25 G A C5     1 
ATOM 793  C C6     . G A 1 25 ? -6.051  -0.562  -3.416  1.00 0.00 ? 25 G A C6     1 
ATOM 794  O O6     . G A 1 25 ? -4.966  -1.115  -3.574  1.00 0.00 ? 25 G A O6     1 
ATOM 795  N N1     . G A 1 25 ? -7.222  -1.191  -3.820  1.00 0.00 ? 25 G A N1     1 
ATOM 796  C C2     . G A 1 25 ? -8.493  -0.667  -3.690  1.00 0.00 ? 25 G A C2     1 
ATOM 797  N N2     . G A 1 25 ? -9.495  -1.424  -4.140  1.00 0.00 ? 25 G A N2     1 
ATOM 798  N N3     . G A 1 25 ? -8.749  0.528   -3.149  1.00 0.00 ? 25 G A N3     1 
ATOM 799  C C4     . G A 1 25 ? -7.622  1.160   -2.748  1.00 0.00 ? 25 G A C4     1 
ATOM 800  H "H5'"  . G A 1 25 ? -7.391  6.602   -2.376  1.00 0.00 ? 25 G A "H5'"  1 
ATOM 801  H "H5''" . G A 1 25 ? -7.902  7.569   -0.968  1.00 0.00 ? 25 G A "H5''" 1 
ATOM 802  H "H4'"  . G A 1 25 ? -9.402  5.880   -0.632  1.00 0.00 ? 25 G A "H4'"  1 
ATOM 803  H "H3'"  . G A 1 25 ? -6.782  4.531   0.084   1.00 0.00 ? 25 G A "H3'"  1 
ATOM 804  H "H2'"  . G A 1 25 ? -7.870  2.476   0.206   1.00 0.00 ? 25 G A "H2'"  1 
ATOM 805  H "HO2'" . G A 1 25 ? -9.591  2.541   1.246   1.00 0.00 ? 25 G A "HO2'" 1 
ATOM 806  H "H1'"  . G A 1 25 ? -9.630  2.750   -1.911  1.00 0.00 ? 25 G A "H1'"  1 
ATOM 807  H H8     . G A 1 25 ? -5.911  3.456   -1.378  1.00 0.00 ? 25 G A H8     1 
ATOM 808  H H1     . G A 1 25 ? -7.113  -2.104  -4.237  1.00 0.00 ? 25 G A H1     1 
ATOM 809  H H21    . G A 1 25 ? -9.301  -2.327  -4.549  1.00 0.00 ? 25 G A H21    1 
ATOM 810  H H22    . G A 1 25 ? -10.447 -1.094  -4.073  1.00 0.00 ? 25 G A H22    1 
ATOM 811  P P      . A A 1 26 ? -7.741  4.530   2.833   1.00 0.00 ? 26 A A P      1 
ATOM 812  O OP1    . A A 1 26 ? -8.429  5.228   3.941   1.00 0.00 ? 26 A A OP1    1 
ATOM 813  O OP2    . A A 1 26 ? -6.261  4.488   2.797   1.00 0.00 ? 26 A A OP2    1 
ATOM 814  O "O5'"  . A A 1 26 ? -8.287  3.011   2.777   1.00 0.00 ? 26 A A "O5'"  1 
ATOM 815  C "C5'"  . A A 1 26 ? -9.682  2.710   2.942   1.00 0.00 ? 26 A A "C5'"  1 
ATOM 816  C "C4'"  . A A 1 26 ? -9.938  1.206   2.819   1.00 0.00 ? 26 A A "C4'"  1 
ATOM 817  O "O4'"  . A A 1 26 ? -9.580  0.739   1.512   1.00 0.00 ? 26 A A "O4'"  1 
ATOM 818  C "C3'"  . A A 1 26 ? -9.031  0.437   3.771   1.00 0.00 ? 26 A A "C3'"  1 
ATOM 819  O "O3'"  . A A 1 26 ? -9.784  0.273   4.982   1.00 0.00 ? 26 A A "O3'"  1 
ATOM 820  C "C2'"  . A A 1 26 ? -8.817  -0.868  3.086   1.00 0.00 ? 26 A A "C2'"  1 
ATOM 821  O "O2'"  . A A 1 26 ? -9.759  -1.773  3.507   1.00 0.00 ? 26 A A "O2'"  1 
ATOM 822  C "C1'"  . A A 1 26 ? -8.867  -0.513  1.620   1.00 0.00 ? 26 A A "C1'"  1 
ATOM 823  N N9     . A A 1 26 ? -7.501  -0.355  1.167   1.00 0.00 ? 26 A A N9     1 
ATOM 824  C C8     . A A 1 26 ? -6.677  0.653   1.437   1.00 0.00 ? 26 A A C8     1 
ATOM 825  N N7     . A A 1 26 ? -5.466  0.579   0.990   1.00 0.00 ? 26 A A N7     1 
ATOM 826  C C5     . A A 1 26 ? -5.493  -0.666  0.341   1.00 0.00 ? 26 A A C5     1 
ATOM 827  C C6     . A A 1 26 ? -4.529  -1.404  -0.359  1.00 0.00 ? 26 A A C6     1 
ATOM 828  N N6     . A A 1 26 ? -3.281  -0.977  -0.553  1.00 0.00 ? 26 A A N6     1 
ATOM 829  N N1     . A A 1 26 ? -4.906  -2.601  -0.851  1.00 0.00 ? 26 A A N1     1 
ATOM 830  C C2     . A A 1 26 ? -6.156  -3.043  -0.666  1.00 0.00 ? 26 A A C2     1 
ATOM 831  N N3     . A A 1 26 ? -7.139  -2.424  -0.031  1.00 0.00 ? 26 A A N3     1 
ATOM 832  C C4     . A A 1 26 ? -6.738  -1.238  0.451   1.00 0.00 ? 26 A A C4     1 
ATOM 833  H "H5'"  . A A 1 26 ? -10.248 3.230   2.173   1.00 0.00 ? 26 A A "H5'"  1 
ATOM 834  H "H5''" . A A 1 26 ? -10.010 3.054   3.924   1.00 0.00 ? 26 A A "H5''" 1 
ATOM 835  H "H4'"  . A A 1 26 ? -10.987 0.985   3.021   1.00 0.00 ? 26 A A "H4'"  1 
ATOM 836  H "H3'"  . A A 1 26 ? -8.094  0.925   3.955   1.00 0.00 ? 26 A A "H3'"  1 
ATOM 837  H "H2'"  . A A 1 26 ? -7.816  -1.232  3.329   1.00 0.00 ? 26 A A "H2'"  1 
ATOM 838  H "HO2'" . A A 1 26 ? -9.591  -1.792  4.439   1.00 0.00 ? 26 A A "HO2'" 1 
ATOM 839  H "H1'"  . A A 1 26 ? -9.368  -1.294  1.050   1.00 0.00 ? 26 A A "H1'"  1 
ATOM 840  H H8     . A A 1 26 ? -7.020  1.458   2.093   1.00 0.00 ? 26 A A H8     1 
ATOM 841  H H61    . A A 1 26 ? -2.626  -1.550  -1.066  1.00 0.00 ? 26 A A H61    1 
ATOM 842  H H62    . A A 1 26 ? -2.991  -0.081  -0.188  1.00 0.00 ? 26 A A H62    1 
ATOM 843  H H2     . A A 1 26 ? -6.383  -4.036  -1.041  1.00 0.00 ? 26 A A H2     1 
ATOM 844  P P      . C A 1 27 ? -9.171  -0.505  6.252   1.00 0.00 ? 27 C A P      1 
ATOM 845  O OP1    . C A 1 27 ? -10.088 -0.313  7.398   1.00 0.00 ? 27 C A OP1    1 
ATOM 846  O OP2    . C A 1 27 ? -7.743  -0.133  6.379   1.00 0.00 ? 27 C A OP2    1 
ATOM 847  O "O5'"  . C A 1 27 ? -9.250  -2.053  5.794   1.00 0.00 ? 27 C A "O5'"  1 
ATOM 848  C "C5'"  . C A 1 27 ? -10.442 -2.610  5.209   1.00 0.00 ? 27 C A "C5'"  1 
ATOM 849  C "C4'"  . C A 1 27 ? -10.211 -4.060  4.772   1.00 0.00 ? 27 C A "C4'"  1 
ATOM 850  O "O4'"  . C A 1 27 ? -9.662  -4.132  3.445   1.00 0.00 ? 27 C A "O4'"  1 
ATOM 851  C "C3'"  . C A 1 27 ? -9.147  -4.704  5.653   1.00 0.00 ? 27 C A "C3'"  1 
ATOM 852  O "O3'"  . C A 1 27 ? -9.800  -5.338  6.762   1.00 0.00 ? 27 C A "O3'"  1 
ATOM 853  C "C2'"  . C A 1 27 ? -8.509  -5.737  4.769   1.00 0.00 ? 27 C A "C2'"  1 
ATOM 854  O "O2'"  . C A 1 27 ? -9.175  -6.946  4.920   1.00 0.00 ? 27 C A "O2'"  1 
ATOM 855  C "C1'"  . C A 1 27 ? -8.600  -5.115  3.382   1.00 0.00 ? 27 C A "C1'"  1 
ATOM 856  N N1     . C A 1 27 ? -7.323  -4.482  3.056   1.00 0.00 ? 27 C A N1     1 
ATOM 857  C C2     . C A 1 27 ? -6.512  -5.071  2.097   1.00 0.00 ? 27 C A C2     1 
ATOM 858  O O2     . C A 1 27 ? -6.872  -6.099  1.529   1.00 0.00 ? 27 C A O2     1 
ATOM 859  N N3     . C A 1 27 ? -5.321  -4.475  1.814   1.00 0.00 ? 27 C A N3     1 
ATOM 860  C C4     . C A 1 27 ? -4.955  -3.349  2.444   1.00 0.00 ? 27 C A C4     1 
ATOM 861  N N4     . C A 1 27 ? -3.782  -2.786  2.152   1.00 0.00 ? 27 C A N4     1 
ATOM 862  C C5     . C A 1 27 ? -5.804  -2.749  3.428   1.00 0.00 ? 27 C A C5     1 
ATOM 863  C C6     . C A 1 27 ? -6.965  -3.356  3.702   1.00 0.00 ? 27 C A C6     1 
ATOM 864  H "H5'"  . C A 1 27 ? -10.730 -2.016  4.342   1.00 0.00 ? 27 C A "H5'"  1 
ATOM 865  H "H5''" . C A 1 27 ? -11.247 -2.582  5.945   1.00 0.00 ? 27 C A "H5''" 1 
ATOM 866  H "H4'"  . C A 1 27 ? -11.150 -4.615  4.818   1.00 0.00 ? 27 C A "H4'"  1 
ATOM 867  H "H3'"  . C A 1 27 ? -8.417  -3.994  5.989   1.00 0.00 ? 27 C A "H3'"  1 
ATOM 868  H "H2'"  . C A 1 27 ? -7.457  -5.848  5.045   1.00 0.00 ? 27 C A "H2'"  1 
ATOM 869  H "HO2'" . C A 1 27 ? -9.172  -7.066  5.866   1.00 0.00 ? 27 C A "HO2'" 1 
ATOM 870  H "H1'"  . C A 1 27 ? -8.832  -5.875  2.633   1.00 0.00 ? 27 C A "H1'"  1 
ATOM 871  H H41    . C A 1 27 ? -3.181  -3.206  1.457   1.00 0.00 ? 27 C A H41    1 
ATOM 872  H H42    . C A 1 27 ? -3.496  -1.940  2.623   1.00 0.00 ? 27 C A H42    1 
ATOM 873  H H5     . C A 1 27 ? -5.546  -1.809  3.897   1.00 0.00 ? 27 C A H5     1 
ATOM 874  H H6     . C A 1 27 ? -7.618  -2.971  4.492   1.00 0.00 ? 27 C A H6     1 
ATOM 875  P P      . G A 1 28 ? -9.449  -4.934  8.281   1.00 0.00 ? 28 G A P      1 
ATOM 876  O OP1    . G A 1 28 ? -10.713 -4.613  8.980   1.00 0.00 ? 28 G A OP1    1 
ATOM 877  O OP2    . G A 1 28 ? -8.349  -3.943  8.258   1.00 0.00 ? 28 G A OP2    1 
ATOM 878  O "O5'"  . G A 1 28 ? -8.871  -6.313  8.888   1.00 0.00 ? 28 G A "O5'"  1 
ATOM 879  C "C5'"  . G A 1 28 ? -9.632  -7.531  8.805   1.00 0.00 ? 28 G A "C5'"  1 
ATOM 880  C "C4'"  . G A 1 28 ? -8.747  -8.770  8.669   1.00 0.00 ? 28 G A "C4'"  1 
ATOM 881  O "O4'"  . G A 1 28 ? -7.940  -8.707  7.473   1.00 0.00 ? 28 G A "O4'"  1 
ATOM 882  C "C3'"  . G A 1 28 ? -7.810  -8.921  9.841   1.00 0.00 ? 28 G A "C3'"  1 
ATOM 883  O "O3'"  . G A 1 28 ? -7.453  -10.296 10.053  1.00 0.00 ? 28 G A "O3'"  1 
ATOM 884  C "C2'"  . G A 1 28 ? -6.859  -7.999  9.174   1.00 0.00 ? 28 G A "C2'"  1 
ATOM 885  O "O2'"  . G A 1 28 ? -5.710  -7.828  9.940   1.00 0.00 ? 28 G A "O2'"  1 
ATOM 886  C "C1'"  . G A 1 28 ? -6.556  -8.520  7.798   1.00 0.00 ? 28 G A "C1'"  1 
ATOM 887  N N9     . G A 1 28 ? -5.911  -7.457  7.026   1.00 0.00 ? 28 G A N9     1 
ATOM 888  C C8     . G A 1 28 ? -6.266  -6.161  6.972   1.00 0.00 ? 28 G A C8     1 
ATOM 889  N N7     . G A 1 28 ? -5.477  -5.341  6.367   1.00 0.00 ? 28 G A N7     1 
ATOM 890  C C5     . G A 1 28 ? -4.444  -6.193  5.963   1.00 0.00 ? 28 G A C5     1 
ATOM 891  C C6     . G A 1 28 ? -3.255  -5.902  5.247   1.00 0.00 ? 28 G A C6     1 
ATOM 892  O O6     . G A 1 28 ? -2.870  -4.816  4.816   1.00 0.00 ? 28 G A O6     1 
ATOM 893  N N1     . G A 1 28 ? -2.488  -7.042  5.051   1.00 0.00 ? 28 G A N1     1 
ATOM 894  C C2     . G A 1 28 ? -2.821  -8.312  5.483   1.00 0.00 ? 28 G A C2     1 
ATOM 895  N N2     . G A 1 28 ? -1.955  -9.283  5.195   1.00 0.00 ? 28 G A N2     1 
ATOM 896  N N3     . G A 1 28 ? -3.941  -8.594  6.159   1.00 0.00 ? 28 G A N3     1 
ATOM 897  C C4     . G A 1 28 ? -4.703  -7.496  6.364   1.00 0.00 ? 28 G A C4     1 
ATOM 898  H "H5'"  . G A 1 28 ? -10.264 -7.500  7.929   1.00 0.00 ? 28 G A "H5'"  1 
ATOM 899  H "H5''" . G A 1 28 ? -10.258 -7.611  9.708   1.00 0.00 ? 28 G A "H5''" 1 
ATOM 900  H "H4'"  . G A 1 28 ? -9.359  -9.637  8.628   1.00 0.00 ? 28 G A "H4'"  1 
ATOM 901  H "H3'"  . G A 1 28 ? -8.223  -8.445  10.735  1.00 0.00 ? 28 G A "H3'"  1 
ATOM 902  H "H2'"  . G A 1 28 ? -7.348  -7.028  9.070   1.00 0.00 ? 28 G A "H2'"  1 
ATOM 903  H "HO2'" . G A 1 28 ? -5.892  -7.044  10.432  1.00 0.00 ? 28 G A "HO2'" 1 
ATOM 904  H "H1'"  . G A 1 28 ? -5.994  -9.456  7.818   1.00 0.00 ? 28 G A "H1'"  1 
ATOM 905  H H8     . G A 1 28 ? -7.161  -5.819  7.497   1.00 0.00 ? 28 G A H8     1 
ATOM 906  H H1     . G A 1 28 ? -1.618  -6.907  4.559   1.00 0.00 ? 28 G A H1     1 
ATOM 907  H H21    . G A 1 28 ? -1.109  -9.070  4.686   1.00 0.00 ? 28 G A H21    1 
ATOM 908  H H22    . G A 1 28 ? -2.144  -10.232 5.485   1.00 0.00 ? 28 G A H22    1 
ATOM 909  P P      . G A 1 29 ? -7.642  -10.978 11.499  1.00 0.00 ? 29 G A P      1 
ATOM 910  O OP1    . G A 1 29 ? -8.421  -12.225 11.324  1.00 0.00 ? 29 G A OP1    1 
ATOM 911  O OP2    . G A 1 29 ? -8.113  -9.941  12.446  1.00 0.00 ? 29 G A OP2    1 
ATOM 912  O "O5'"  . G A 1 29 ? -6.133  -11.375 11.897  1.00 0.00 ? 29 G A "O5'"  1 
ATOM 913  C "C5'"  . G A 1 29 ? -5.485  -12.485 11.260  1.00 0.00 ? 29 G A "C5'"  1 
ATOM 914  C "C4'"  . G A 1 29 ? -3.968  -12.404 11.349  1.00 0.00 ? 29 G A "C4'"  1 
ATOM 915  O "O4'"  . G A 1 29 ? -3.400  -11.955 10.116  1.00 0.00 ? 29 G A "O4'"  1 
ATOM 916  C "C3'"  . G A 1 29 ? -3.524  -11.384 12.388  1.00 0.00 ? 29 G A "C3'"  1 
ATOM 917  O "O3'"  . G A 1 29 ? -3.503  -12.129 13.619  1.00 0.00 ? 29 G A "O3'"  1 
ATOM 918  C "C2'"  . G A 1 29 ? -2.186  -10.954 11.854  1.00 0.00 ? 29 G A "C2'"  1 
ATOM 919  O "O2'"  . G A 1 29 ? -1.193  -11.737 12.412  1.00 0.00 ? 29 G A "O2'"  1 
ATOM 920  C "C1'"  . G A 1 29 ? -2.307  -11.041 10.339  1.00 0.00 ? 29 G A "C1'"  1 
ATOM 921  N N9     . G A 1 29 ? -2.583  -9.698  9.825   1.00 0.00 ? 29 G A N9     1 
ATOM 922  C C8     . G A 1 29 ? -3.593  -8.873  10.160  1.00 0.00 ? 29 G A C8     1 
ATOM 923  N N7     . G A 1 29 ? -3.539  -7.651  9.738   1.00 0.00 ? 29 G A N7     1 
ATOM 924  C C5     . G A 1 29 ? -2.330  -7.650  9.031   1.00 0.00 ? 29 G A C5     1 
ATOM 925  C C6     . G A 1 29 ? -1.682  -6.598  8.323   1.00 0.00 ? 29 G A C6     1 
ATOM 926  O O6     . G A 1 29 ? -2.043  -5.429  8.188   1.00 0.00 ? 29 G A O6     1 
ATOM 927  N N1     . G A 1 29 ? -0.489  -7.027  7.756   1.00 0.00 ? 29 G A N1     1 
ATOM 928  C C2     . G A 1 29 ? 0.027   -8.303  7.855   1.00 0.00 ? 29 G A C2     1 
ATOM 929  N N2     . G A 1 29 ? 1.190   -8.521  7.241   1.00 0.00 ? 29 G A N2     1 
ATOM 930  N N3     . G A 1 29 ? -0.573  -9.294  8.519   1.00 0.00 ? 29 G A N3     1 
ATOM 931  C C4     . G A 1 29 ? -1.739  -8.903  9.080   1.00 0.00 ? 29 G A C4     1 
ATOM 932  H "H5'"  . G A 1 29 ? -5.736  -12.493 10.208  1.00 0.00 ? 29 G A "H5'"  1 
ATOM 933  H "H5''" . G A 1 29 ? -5.840  -13.414 11.732  1.00 0.00 ? 29 G A "H5''" 1 
ATOM 934  H "H4'"  . G A 1 29 ? -3.566  -13.387 11.594  1.00 0.00 ? 29 G A "H4'"  1 
ATOM 935  H "H3'"  . G A 1 29 ? -4.188  -10.543 12.450  1.00 0.00 ? 29 G A "H3'"  1 
ATOM 936  H "H2'"  . G A 1 29 ? -2.021  -9.910  12.130  1.00 0.00 ? 29 G A "H2'"  1 
ATOM 937  H "HO2'" . G A 1 29 ? -1.307  -11.560 13.341  1.00 0.00 ? 29 G A "HO2'" 1 
ATOM 938  H "H1'"  . G A 1 29 ? -1.386  -11.434 9.905   1.00 0.00 ? 29 G A "H1'"  1 
ATOM 939  H H8     . G A 1 29 ? -4.382  -9.216  10.836  1.00 0.00 ? 29 G A H8     1 
ATOM 940  H H1     . G A 1 29 ? 0.026   -6.333  7.234   1.00 0.00 ? 29 G A H1     1 
ATOM 941  H H21    . G A 1 29 ? 1.644   -7.772  6.738   1.00 0.00 ? 29 G A H21    1 
ATOM 942  H H22    . G A 1 29 ? 1.618   -9.435  7.278   1.00 0.00 ? 29 G A H22    1 
ATOM 943  P P      . U A 1 30 ? -2.905  -11.498 14.979  1.00 0.00 ? 30 U A P      1 
ATOM 944  O OP1    . U A 1 30 ? -2.806  -12.580 15.985  1.00 0.00 ? 30 U A OP1    1 
ATOM 945  O OP2    . U A 1 30 ? -3.662  -10.267 15.292  1.00 0.00 ? 30 U A OP2    1 
ATOM 946  O "O5'"  . U A 1 30 ? -1.412  -11.075 14.541  1.00 0.00 ? 30 U A "O5'"  1 
ATOM 947  C "C5'"  . U A 1 30 ? -0.256  -11.736 15.072  1.00 0.00 ? 30 U A "C5'"  1 
ATOM 948  C "C4'"  . U A 1 30 ? 0.945   -10.792 15.092  1.00 0.00 ? 30 U A "C4'"  1 
ATOM 949  O "O4'"  . U A 1 30 ? 1.132   -10.206 13.804  1.00 0.00 ? 30 U A "O4'"  1 
ATOM 950  C "C3'"  . U A 1 30 ? 0.670   -9.615  16.018  1.00 0.00 ? 30 U A "C3'"  1 
ATOM 951  O "O3'"  . U A 1 30 ? 1.131   -10.129 17.279  1.00 0.00 ? 30 U A "O3'"  1 
ATOM 952  C "C2'"  . U A 1 30 ? 1.459   -8.494  15.405  1.00 0.00 ? 30 U A "C2'"  1 
ATOM 953  O "O2'"  . U A 1 30 ? 2.731   -8.459  15.959  1.00 0.00 ? 30 U A "O2'"  1 
ATOM 954  C "C1'"  . U A 1 30 ? 1.420   -8.798  13.909  1.00 0.00 ? 30 U A "C1'"  1 
ATOM 955  N N1     . U A 1 30 ? 0.344   -8.020  13.294  1.00 0.00 ? 30 U A N1     1 
ATOM 956  C C2     . U A 1 30 ? 0.669   -7.000  12.423  1.00 0.00 ? 30 U A C2     1 
ATOM 957  O O2     . U A 1 30 ? 1.832   -6.738  12.121  1.00 0.00 ? 30 U A O2     1 
ATOM 958  N N3     . U A 1 30 ? -0.399  -6.289  11.908  1.00 0.00 ? 30 U A N3     1 
ATOM 959  C C4     . U A 1 30 ? -1.740  -6.514  12.186  1.00 0.00 ? 30 U A C4     1 
ATOM 960  O O4     . U A 1 30 ? -2.612  -5.812  11.676  1.00 0.00 ? 30 U A O4     1 
ATOM 961  C C5     . U A 1 30 ? -1.973  -7.605  13.108  1.00 0.00 ? 30 U A C5     1 
ATOM 962  C C6     . U A 1 30 ? -0.940  -8.304  13.623  1.00 0.00 ? 30 U A C6     1 
ATOM 963  H "H5'"  . U A 1 30 ? -0.021  -12.596 14.448  1.00 0.00 ? 30 U A "H5'"  1 
ATOM 964  H "H5''" . U A 1 30 ? -0.466  -12.077 16.087  1.00 0.00 ? 30 U A "H5''" 1 
ATOM 965  H "H4'"  . U A 1 30 ? 1.845   -11.329 15.396  1.00 0.00 ? 30 U A "H4'"  1 
ATOM 966  H "H3'"  . U A 1 30 ? -0.371  -9.360  16.060  1.00 0.00 ? 30 U A "H3'"  1 
ATOM 967  H "H2'"  . U A 1 30 ? 0.942   -7.549  15.592  1.00 0.00 ? 30 U A "H2'"  1 
ATOM 968  H "HO2'" . U A 1 30 ? 2.547   -8.374  16.890  1.00 0.00 ? 30 U A "HO2'" 1 
ATOM 969  H "H1'"  . U A 1 30 ? 2.377   -8.563  13.443  1.00 0.00 ? 30 U A "H1'"  1 
ATOM 970  H H3     . U A 1 30 ? -0.184  -5.538  11.268  1.00 0.00 ? 30 U A H3     1 
ATOM 971  H H5     . U A 1 30 ? -2.992  -7.884  13.374  1.00 0.00 ? 30 U A H5     1 
ATOM 972  H H6     . U A 1 30 ? -1.127  -9.095  14.355  1.00 0.00 ? 30 U A H6     1 
ATOM 973  P P      . G A 1 31 ? 1.239   -9.193  18.586  1.00 0.00 ? 31 G A P      1 
ATOM 974  O OP1    . G A 1 31 ? 2.108   -9.874  19.572  1.00 0.00 ? 31 G A OP1    1 
ATOM 975  O OP2    . G A 1 31 ? -0.129  -8.778  18.973  1.00 0.00 ? 31 G A OP2    1 
ATOM 976  O "O5'"  . G A 1 31 ? 2.019   -7.900  18.029  1.00 0.00 ? 31 G A "O5'"  1 
ATOM 977  C "C5'"  . G A 1 31 ? 3.456   -7.828  18.035  1.00 0.00 ? 31 G A "C5'"  1 
ATOM 978  C "C4'"  . G A 1 31 ? 3.933   -6.388  18.108  1.00 0.00 ? 31 G A "C4'"  1 
ATOM 979  O "O4'"  . G A 1 31 ? 3.790   -5.748  16.836  1.00 0.00 ? 31 G A "O4'"  1 
ATOM 980  C "C3'"  . G A 1 31 ? 3.031   -5.605  19.047  1.00 0.00 ? 31 G A "C3'"  1 
ATOM 981  O "O3'"  . G A 1 31 ? 3.626   -5.674  20.349  1.00 0.00 ? 31 G A "O3'"  1 
ATOM 982  C "C2'"  . G A 1 31 ? 3.066   -4.212  18.502  1.00 0.00 ? 31 G A "C2'"  1 
ATOM 983  O "O2'"  . G A 1 31 ? 4.076   -3.496  19.123  1.00 0.00 ? 31 G A "O2'"  1 
ATOM 984  C "C1'"  . G A 1 31 ? 3.237   -4.425  17.004  1.00 0.00 ? 31 G A "C1'"  1 
ATOM 985  N N9     . G A 1 31 ? 1.919   -4.339  16.392  1.00 0.00 ? 31 G A N9     1 
ATOM 986  C C8     . G A 1 31 ? 0.855   -5.114  16.641  1.00 0.00 ? 31 G A C8     1 
ATOM 987  N N7     . G A 1 31 ? -0.271  -4.788  16.092  1.00 0.00 ? 31 G A N7     1 
ATOM 988  C C5     . G A 1 31 ? 0.091   -3.634  15.380  1.00 0.00 ? 31 G A C5     1 
ATOM 989  C C6     . G A 1 31 ? -0.694  -2.776  14.560  1.00 0.00 ? 31 G A C6     1 
ATOM 990  O O6     . G A 1 31 ? -1.893  -2.855  14.298  1.00 0.00 ? 31 G A O6     1 
ATOM 991  N N1     . G A 1 31 ? 0.066   -1.735  14.038  1.00 0.00 ? 31 G A N1     1 
ATOM 992  C C2     . G A 1 31 ? 1.414   -1.540  14.271  1.00 0.00 ? 31 G A C2     1 
ATOM 993  N N2     . G A 1 31 ? 1.975   -0.495  13.666  1.00 0.00 ? 31 G A N2     1 
ATOM 994  N N3     . G A 1 31 ? 2.156   -2.338  15.040  1.00 0.00 ? 31 G A N3     1 
ATOM 995  C C4     . G A 1 31 ? 1.437   -3.357  15.559  1.00 0.00 ? 31 G A C4     1 
ATOM 996  H "H5'"  . G A 1 31 ? 3.840   -8.238  17.113  1.00 0.00 ? 31 G A "H5'"  1 
ATOM 997  H "H5''" . G A 1 31 ? 3.839   -8.404  18.891  1.00 0.00 ? 31 G A "H5''" 1 
ATOM 998  H "H4'"  . G A 1 31 ? 4.972   -6.347  18.436  1.00 0.00 ? 31 G A "H4'"  1 
ATOM 999  H "H3'"  . G A 1 31 ? 2.026   -5.982  19.060  1.00 0.00 ? 31 G A "H3'"  1 
ATOM 1000 H "H2'"  . G A 1 31 ? 2.099   -3.733  18.688  1.00 0.00 ? 31 G A "H2'"  1 
ATOM 1001 H "HO2'" . G A 1 31 ? 3.845   -3.581  20.043  1.00 0.00 ? 31 G A "HO2'" 1 
ATOM 1002 H "H1'"  . G A 1 31 ? 3.899   -3.673  16.580  1.00 0.00 ? 31 G A "H1'"  1 
ATOM 1003 H H8     . G A 1 31 ? 0.951   -5.965  17.324  1.00 0.00 ? 31 G A H8     1 
ATOM 1004 H H1     . G A 1 31 ? -0.428  -1.074  13.456  1.00 0.00 ? 31 G A H1     1 
ATOM 1005 H H21    . G A 1 31 ? 1.416   0.111   13.081  1.00 0.00 ? 31 G A H21    1 
ATOM 1006 H H22    . G A 1 31 ? 2.960   -0.307  13.790  1.00 0.00 ? 31 G A H22    1 
ATOM 1007 P P      . G A 1 32 ? 2.757   -6.074  21.644  1.00 0.00 ? 32 G A P      1 
ATOM 1008 O OP1    . G A 1 32 ? 3.449   -7.180  22.342  1.00 0.00 ? 32 G A OP1    1 
ATOM 1009 O OP2    . G A 1 32 ? 1.346   -6.232  21.226  1.00 0.00 ? 32 G A OP2    1 
ATOM 1010 O "O5'"  . G A 1 32 ? 2.864   -4.752  22.561  1.00 0.00 ? 32 G A "O5'"  1 
ATOM 1011 C "C5'"  . G A 1 32 ? 4.067   -3.962  22.595  1.00 0.00 ? 32 G A "C5'"  1 
ATOM 1012 C "C4'"  . G A 1 32 ? 3.769   -2.490  22.839  1.00 0.00 ? 32 G A "C4'"  1 
ATOM 1013 O "O4'"  . G A 1 32 ? 3.886   -1.737  21.624  1.00 0.00 ? 32 G A "O4'"  1 
ATOM 1014 C "C3'"  . G A 1 32 ? 2.343   -2.336  23.336  1.00 0.00 ? 32 G A "C3'"  1 
ATOM 1015 O "O3'"  . G A 1 32 ? 2.443   -2.402  24.773  1.00 0.00 ? 32 G A "O3'"  1 
ATOM 1016 C "C2'"  . G A 1 32 ? 1.983   -0.966  22.852  1.00 0.00 ? 32 G A "C2'"  1 
ATOM 1017 O "O2'"  . G A 1 32 ? 2.232   -0.041  23.849  1.00 0.00 ? 32 G A "O2'"  1 
ATOM 1018 C "C1'"  . G A 1 32 ? 2.795   -0.793  21.574  1.00 0.00 ? 32 G A "C1'"  1 
ATOM 1019 N N9     . G A 1 32 ? 1.925   -1.026  20.423  1.00 0.00 ? 32 G A N9     1 
ATOM 1020 C C8     . G A 1 32 ? 1.134   -2.081  20.187  1.00 0.00 ? 32 G A C8     1 
ATOM 1021 N N7     . G A 1 32 ? 0.359   -2.036  19.153  1.00 0.00 ? 32 G A N7     1 
ATOM 1022 C C5     . G A 1 32 ? 0.673   -0.776  18.622  1.00 0.00 ? 32 G A C5     1 
ATOM 1023 C C6     . G A 1 32 ? 0.159   -0.112  17.473  1.00 0.00 ? 32 G A C6     1 
ATOM 1024 O O6     . G A 1 32 ? -0.705  -0.498  16.690  1.00 0.00 ? 32 G A O6     1 
ATOM 1025 N N1     . G A 1 32 ? 0.748   1.136   17.301  1.00 0.00 ? 32 G A N1     1 
ATOM 1026 C C2     . G A 1 32 ? 1.710   1.684   18.128  1.00 0.00 ? 32 G A C2     1 
ATOM 1027 N N2     . G A 1 32 ? 2.155   2.896   17.797  1.00 0.00 ? 32 G A N2     1 
ATOM 1028 N N3     . G A 1 32 ? 2.196   1.066   19.209  1.00 0.00 ? 32 G A N3     1 
ATOM 1029 C C4     . G A 1 32 ? 1.638   -0.153  19.397  1.00 0.00 ? 32 G A C4     1 
ATOM 1030 H "H5'"  . G A 1 32 ? 4.563   -4.024  21.635  1.00 0.00 ? 32 G A "H5'"  1 
ATOM 1031 H "H5''" . G A 1 32 ? 4.726   -4.356  23.383  1.00 0.00 ? 32 G A "H5''" 1 
ATOM 1032 H "H4'"  . G A 1 32 ? 4.466   -2.097  23.581  1.00 0.00 ? 32 G A "H4'"  1 
ATOM 1033 H "H3'"  . G A 1 32 ? 1.675   -3.081  22.945  1.00 0.00 ? 32 G A "H3'"  1 
ATOM 1034 H "H2'"  . G A 1 32 ? 0.920   -0.953  22.596  1.00 0.00 ? 32 G A "H2'"  1 
ATOM 1035 H "HO2'" . G A 1 32 ? 1.660   -0.345  24.550  1.00 0.00 ? 32 G A "HO2'" 1 
ATOM 1036 H "H1'"  . G A 1 32 ? 3.193   0.222   21.531  1.00 0.00 ? 32 G A "H1'"  1 
ATOM 1037 H H8     . G A 1 32 ? 1.143   -2.933  20.870  1.00 0.00 ? 32 G A H8     1 
ATOM 1038 H H1     . G A 1 32 ? 0.428   1.671   16.505  1.00 0.00 ? 32 G A H1     1 
ATOM 1039 H H21    . G A 1 32 ? 1.787   3.363   16.980  1.00 0.00 ? 32 G A H21    1 
ATOM 1040 H H22    . G A 1 32 ? 2.859   3.348   18.364  1.00 0.00 ? 32 G A H22    1 
ATOM 1041 P P      . C A 1 33 ? 1.237   -2.939  25.700  1.00 0.00 ? 33 C A P      1 
ATOM 1042 O OP1    . C A 1 33 ? 1.779   -3.978  26.604  1.00 0.00 ? 33 C A OP1    1 
ATOM 1043 O OP2    . C A 1 33 ? 0.083   -3.253  24.827  1.00 0.00 ? 33 C A OP2    1 
ATOM 1044 O "O5'"  . C A 1 33 ? 0.857   -1.642  26.594  1.00 0.00 ? 33 C A "O5'"  1 
ATOM 1045 C "C5'"  . C A 1 33 ? 1.827   -0.644  26.954  1.00 0.00 ? 33 C A "C5'"  1 
ATOM 1046 C "C4'"  . C A 1 33 ? 1.280   0.761   26.588  1.00 0.00 ? 33 C A "C4'"  1 
ATOM 1047 O "O4'"  . C A 1 33 ? 0.898   0.727   25.204  1.00 0.00 ? 33 C A "O4'"  1 
ATOM 1048 C "C3'"  . C A 1 33 ? 0.038   1.129   27.401  1.00 0.00 ? 33 C A "C3'"  1 
ATOM 1049 O "O3'"  . C A 1 33 ? 0.872   1.678   28.432  1.00 0.00 ? 33 C A "O3'"  1 
ATOM 1050 C "C2'"  . C A 1 33 ? 0.809   1.229   26.120  1.00 0.00 ? 33 C A "C2'"  1 
ATOM 1051 O "O2'"  . C A 1 33 ? 1.188   -0.119  25.782  1.00 0.00 ? 33 C A "O2'"  1 
ATOM 1052 C "C1'"  . C A 1 33 ? -0.036  1.784   24.973  1.00 0.00 ? 33 C A "C1'"  1 
ATOM 1053 N N1     . C A 1 33 ? -1.146  1.017   24.336  1.00 0.00 ? 33 C A N1     1 
ATOM 1054 C C2     . C A 1 33 ? -2.228  1.723   23.820  1.00 0.00 ? 33 C A C2     1 
ATOM 1055 O O2     . C A 1 33 ? -2.318  2.936   24.000  1.00 0.00 ? 33 C A O2     1 
ATOM 1056 N N3     . C A 1 33 ? -3.175  1.031   23.114  1.00 0.00 ? 33 C A N3     1 
ATOM 1057 C C4     . C A 1 33 ? -3.060  -0.292  22.929  1.00 0.00 ? 33 C A C4     1 
ATOM 1058 N N4     . C A 1 33 ? -4.004  -0.944  22.254  1.00 0.00 ? 33 C A N4     1 
ATOM 1059 C C5     . C A 1 33 ? -1.948  -1.012  23.459  1.00 0.00 ? 33 C A C5     1 
ATOM 1060 C C6     . C A 1 33 ? -1.032  -0.328  24.147  1.00 0.00 ? 33 C A C6     1 
ATOM 1061 H "H5'"  . C A 1 33 ? 2.755   -0.826  26.411  1.00 0.00 ? 33 C A "H5'"  1 
ATOM 1062 H "H5''" . C A 1 33 ? 2.018   -0.694  28.027  1.00 0.00 ? 33 C A "H5''" 1 
ATOM 1063 H "H4'"  . C A 1 33 ? 2.072   1.536   26.741  1.00 0.00 ? 33 C A "H4'"  1 
ATOM 1064 H "H3'"  . C A 1 33 ? -0.380  0.145   27.647  1.00 0.00 ? 33 C A "H3'"  1 
ATOM 1065 H "H2'"  . C A 1 33 ? 1.703   1.834   26.259  1.00 0.00 ? 33 C A "H2'"  1 
ATOM 1066 H "HO2'" . C A 1 33 ? 0.410   -0.710  25.985  1.00 0.00 ? 33 C A "HO2'" 1 
ATOM 1067 H "H1'"  . C A 1 33 ? 0.482   2.489   24.307  1.00 0.00 ? 33 C A "H1'"  1 
ATOM 1068 H H41    . C A 1 33 ? -4.797  -0.443  21.879  1.00 0.00 ? 33 C A H41    1 
ATOM 1069 H H42    . C A 1 33 ? -3.930  -1.943  22.120  1.00 0.00 ? 33 C A H42    1 
ATOM 1070 H H5     . C A 1 33 ? -1.829  -2.080  23.292  1.00 0.00 ? 33 C A H5     1 
ATOM 1071 H H6     . C A 1 33 ? -0.175  -0.854  24.545  1.00 0.00 ? 33 C A H6     1 
ATOM 1072 P P      . C A 1 34 ? 0.460   1.586   29.986  1.00 0.00 ? 34 C A P      1 
ATOM 1073 O OP1    . C A 1 34 ? 1.251   2.588   30.734  1.00 0.00 ? 34 C A OP1    1 
ATOM 1074 O OP2    . C A 1 34 ? 0.500   0.162   30.391  1.00 0.00 ? 34 C A OP2    1 
ATOM 1075 O "O5'"  . C A 1 34 ? -1.076  2.064   29.977  1.00 0.00 ? 34 C A "O5'"  1 
ATOM 1076 C "C5'"  . C A 1 34 ? -1.587  2.894   28.928  1.00 0.00 ? 34 C A "C5'"  1 
ATOM 1077 C "C4'"  . C A 1 34 ? -3.066  2.623   28.694  1.00 0.00 ? 34 C A "C4'"  1 
ATOM 1078 O "O4'"  . C A 1 34 ? -3.295  2.014   27.417  1.00 0.00 ? 34 C A "O4'"  1 
ATOM 1079 C "C3'"  . C A 1 34 ? -3.594  1.637   29.721  1.00 0.00 ? 34 C A "C3'"  1 
ATOM 1080 O "O3'"  . C A 1 34 ? -4.392  2.291   30.714  1.00 0.00 ? 34 C A "O3'"  1 
ATOM 1081 C "C2'"  . C A 1 34 ? -4.409  0.668   28.910  1.00 0.00 ? 34 C A "C2'"  1 
ATOM 1082 O "O2'"  . C A 1 34 ? -5.690  0.524   29.473  1.00 0.00 ? 34 C A "O2'"  1 
ATOM 1083 C "C1'"  . C A 1 34 ? -4.464  1.186   27.489  1.00 0.00 ? 34 C A "C1'"  1 
ATOM 1084 N N1     . C A 1 34 ? -4.395  0.043   26.574  1.00 0.00 ? 34 C A N1     1 
ATOM 1085 C C2     . C A 1 34 ? -5.499  -0.222  25.781  1.00 0.00 ? 34 C A C2     1 
ATOM 1086 O O2     . C A 1 34 ? -6.444  0.563   25.756  1.00 0.00 ? 34 C A O2     1 
ATOM 1087 N N3     . C A 1 34 ? -5.494  -1.356  25.033  1.00 0.00 ? 34 C A N3     1 
ATOM 1088 C C4     . C A 1 34 ? -4.449  -2.193  25.058  1.00 0.00 ? 34 C A C4     1 
ATOM 1089 N N4     . C A 1 34 ? -4.486  -3.297  24.309  1.00 0.00 ? 34 C A N4     1 
ATOM 1090 C C5     . C A 1 34 ? -3.303  -1.917  25.874  1.00 0.00 ? 34 C A C5     1 
ATOM 1091 C C6     . C A 1 34 ? -3.321  -0.791  26.611  1.00 0.00 ? 34 C A C6     1 
ATOM 1092 H "H5'"  . C A 1 34 ? -1.040  2.694   28.009  1.00 0.00 ? 34 C A "H5'"  1 
ATOM 1093 H "H5''" . C A 1 34 ? -1.452  3.941   29.203  1.00 0.00 ? 34 C A "H5''" 1 
ATOM 1094 H "H4'"  . C A 1 34 ? -3.628  3.552   28.759  1.00 0.00 ? 34 C A "H4'"  1 
ATOM 1095 H "H3'"  . C A 1 34 ? -2.772  1.098   30.184  1.00 0.00 ? 34 C A "H3'"  1 
ATOM 1096 H "HO3'" . C A 1 34 ? -4.599  1.640   31.388  1.00 0.00 ? 34 C A "HO3'" 1 
ATOM 1097 H "H2'"  . C A 1 34 ? -3.906  -0.302  28.914  1.00 0.00 ? 34 C A "H2'"  1 
ATOM 1098 H "HO2'" . C A 1 34 ? -5.531  0.192   30.351  1.00 0.00 ? 34 C A "HO2'" 1 
ATOM 1099 H "H1'"  . C A 1 34 ? -5.370  1.770   27.322  1.00 0.00 ? 34 C A "H1'"  1 
ATOM 1100 H H41    . C A 1 34 ? -5.295  -3.487  23.733  1.00 0.00 ? 34 C A H41    1 
ATOM 1101 H H42    . C A 1 34 ? -3.706  -3.939  24.316  1.00 0.00 ? 34 C A H42    1 
ATOM 1102 H H5     . C A 1 34 ? -2.447  -2.595  25.902  1.00 0.00 ? 34 C A H5     1 
ATOM 1103 H H6     . C A 1 34 ? -2.473  -0.545  27.260  1.00 0.00 ? 34 C A H6     1 
# 
